data_8VHE
#
_entry.id   8VHE
#
_cell.length_a   84.298
_cell.length_b   107.348
_cell.length_c   109.941
_cell.angle_alpha   90.000
_cell.angle_beta   99.190
_cell.angle_gamma   90.000
#
_symmetry.space_group_name_H-M   'P 1 21 1'
#
loop_
_entity.id
_entity.type
_entity.pdbx_description
1 polymer 'Isocitrate dehydrogenase [NADP] cytoplasmic'
2 non-polymer "3,3',3''-({(4R)-1-[(2R,3R,4S,5R)-5-({[(S)-{[(S)-{[(2R,3R,4R,5R)-5-(6-amino-9H-purin-9-yl)-3-hydroxy-4-(phosphonooxy)oxolan-2-yl]methoxy}(hydroxy)phosphoryl]oxy}(hydroxy)phosphoryl]oxy}methyl)-3,4-dihydroxyoxolan-2-yl]-3-carbamoyl-1,4-dihydropyridin-4-yl}-lambda~5~-phosphanetriyl)tripropanoic acid"
3 non-polymer GLYCEROL
4 non-polymer 'CHLORIDE ION'
5 non-polymer 'CALCIUM ION'
6 non-polymer 'THIOCYANATE ION'
7 water water
#
_entity_poly.entity_id   1
_entity_poly.type   'polypeptide(L)'
_entity_poly.pdbx_seq_one_letter_code
;HHHHHHSSGLVPRGSHMSKKISGGSVVEMQGDEMTRIIWELIKEKLIFPYVELDLHSYDLGIENRDATNDQVTKDAAEAI
KKHNVGVKCATITPDEKRVEEFKLKQMWKSPNGTIRNILGGTVFREAIICKNIPRLVSGWVKPIIIGQHAYGDQYRATDF
VVPGPGKVEITYTPSDGTQKVTYLVHNFEEGGGVAMGMYNQDKSIEDFAHSSFQMALSKGWPLYLSTKNTILKKYDGRFK
DIFQEIYDKQYKSQFEAQKIWYEHRLIDDMVAQAMKSEGGFIWACKNYDGDVQSDSVAQGYGSLGMMTSVLVCPDGKTVE
AEAAHGTVTRHYRMYQKGQETSTNPIASIFAWTRGLAHRAKLDNNKELAFFANALEEVSIETIEAGFMTKDLAACIKGLP
NVQRSDYLNTFEFMDKLGENLKIKLAQAKL
;
_entity_poly.pdbx_strand_id   A,B,C,D
#
# COMPACT_ATOMS: atom_id res chain seq x y z
N SER A 15 25.97 26.29 62.80
CA SER A 15 25.04 26.16 61.68
C SER A 15 25.12 24.79 60.97
N HIS A 16 23.97 24.21 60.64
CA HIS A 16 23.91 22.91 59.99
C HIS A 16 23.75 23.09 58.48
N MET A 17 24.48 22.27 57.72
CA MET A 17 24.35 22.31 56.27
C MET A 17 23.11 21.56 55.81
N SER A 18 22.69 21.85 54.58
CA SER A 18 21.56 21.13 53.98
C SER A 18 22.01 19.75 53.57
N LYS A 19 21.52 18.71 54.26
CA LYS A 19 22.01 17.36 54.09
C LYS A 19 21.12 16.57 53.13
N LYS A 20 21.76 15.87 52.18
CA LYS A 20 21.06 14.93 51.33
C LYS A 20 20.65 13.70 52.12
N ILE A 21 19.63 13.00 51.60
CA ILE A 21 19.18 11.75 52.19
C ILE A 21 20.28 10.70 52.01
N SER A 22 20.61 10.00 53.08
CA SER A 22 21.51 8.86 52.96
C SER A 22 20.94 7.86 51.96
N GLY A 23 21.82 7.31 51.11
CA GLY A 23 21.38 6.49 50.00
C GLY A 23 21.73 5.02 50.12
N GLY A 24 22.99 4.74 50.50
CA GLY A 24 23.44 3.36 50.55
C GLY A 24 24.10 2.92 49.25
N SER A 25 24.28 1.60 49.15
CA SER A 25 25.05 0.99 48.07
C SER A 25 24.12 0.47 46.97
N VAL A 26 24.32 0.98 45.75
CA VAL A 26 23.48 0.63 44.61
C VAL A 26 24.37 0.29 43.43
N VAL A 27 24.13 -0.86 42.80
CA VAL A 27 24.85 -1.25 41.59
C VAL A 27 24.11 -0.63 40.42
N GLU A 28 24.76 0.31 39.74
CA GLU A 28 24.16 0.94 38.57
C GLU A 28 24.74 0.27 37.33
N MET A 29 23.87 -0.04 36.37
CA MET A 29 24.33 -0.49 35.06
C MET A 29 23.85 0.48 34.01
N GLN A 30 24.79 1.17 33.38
CA GLN A 30 24.46 2.17 32.39
C GLN A 30 24.22 1.52 31.04
N GLY A 31 23.48 2.23 30.19
CA GLY A 31 23.02 1.65 28.95
C GLY A 31 23.36 2.41 27.69
N ASP A 32 22.42 2.43 26.74
CA ASP A 32 22.69 2.88 25.38
C ASP A 32 21.68 3.95 24.94
N GLU A 33 22.15 4.83 24.08
CA GLU A 33 21.31 5.66 23.22
C GLU A 33 20.40 6.57 24.07
N MET A 34 19.14 6.78 23.65
CA MET A 34 18.27 7.75 24.31
C MET A 34 18.05 7.39 25.76
N THR A 35 17.93 6.10 26.08
CA THR A 35 17.80 5.75 27.49
C THR A 35 19.06 6.11 28.28
N ARG A 36 20.25 6.00 27.68
CA ARG A 36 21.44 6.48 28.39
C ARG A 36 21.35 7.99 28.67
N ILE A 37 20.88 8.76 27.68
CA ILE A 37 20.74 10.21 27.86
C ILE A 37 19.75 10.52 29.00
N ILE A 38 18.57 9.91 28.95
CA ILE A 38 17.58 10.21 29.99
C ILE A 38 18.00 9.64 31.34
N TRP A 39 18.83 8.60 31.34
CA TRP A 39 19.36 8.06 32.58
C TRP A 39 20.24 9.10 33.27
N GLU A 40 21.18 9.69 32.52
CA GLU A 40 21.99 10.78 33.08
C GLU A 40 21.11 11.93 33.53
N LEU A 41 20.06 12.25 32.76
CA LEU A 41 19.13 13.30 33.17
C LEU A 41 18.43 12.97 34.50
N ILE A 42 18.01 11.71 34.67
CA ILE A 42 17.30 11.32 35.89
C ILE A 42 18.21 11.48 37.09
N LYS A 43 19.42 10.93 37.00
CA LYS A 43 20.40 11.09 38.07
C LYS A 43 20.62 12.57 38.38
N GLU A 44 20.84 13.39 37.34
CA GLU A 44 21.22 14.78 37.55
C GLU A 44 20.09 15.57 38.22
N LYS A 45 18.86 15.36 37.79
CA LYS A 45 17.78 16.26 38.20
C LYS A 45 16.85 15.68 39.26
N LEU A 46 16.74 14.35 39.38
CA LEU A 46 15.73 13.74 40.26
C LEU A 46 16.32 13.00 41.45
N ILE A 47 17.53 12.46 41.33
CA ILE A 47 18.12 11.63 42.36
C ILE A 47 19.26 12.38 43.08
N PHE A 48 20.31 12.74 42.35
CA PHE A 48 21.51 13.27 42.99
C PHE A 48 21.29 14.50 43.84
N PRO A 49 20.40 15.45 43.49
CA PRO A 49 20.23 16.62 44.38
C PRO A 49 19.60 16.30 45.74
N TYR A 50 18.96 15.13 45.90
CA TYR A 50 18.31 14.80 47.17
C TYR A 50 18.85 13.56 47.86
N VAL A 51 19.49 12.65 47.13
CA VAL A 51 19.97 11.40 47.71
C VAL A 51 21.45 11.28 47.42
N GLU A 52 22.20 10.77 48.40
CA GLU A 52 23.63 10.55 48.25
C GLU A 52 23.89 9.04 48.18
N LEU A 53 24.46 8.57 47.08
CA LEU A 53 24.56 7.14 46.82
C LEU A 53 26.00 6.68 46.83
N ASP A 54 26.20 5.44 47.25
CA ASP A 54 27.44 4.70 47.01
C ASP A 54 27.19 3.86 45.76
N LEU A 55 27.43 4.48 44.60
CA LEU A 55 27.16 3.86 43.32
C LEU A 55 28.34 3.01 42.89
N HIS A 56 28.07 1.77 42.54
CA HIS A 56 29.03 0.93 41.85
C HIS A 56 28.55 0.83 40.42
N SER A 57 29.17 1.60 39.53
CA SER A 57 28.69 1.79 38.17
C SER A 57 29.40 0.85 37.21
N TYR A 58 28.63 0.14 36.40
CA TYR A 58 29.13 -0.75 35.36
C TYR A 58 28.59 -0.27 34.02
N ASP A 59 29.49 -0.07 33.05
CA ASP A 59 29.10 0.47 31.76
C ASP A 59 28.72 -0.69 30.84
N LEU A 60 27.42 -0.89 30.66
CA LEU A 60 26.91 -1.93 29.78
C LEU A 60 26.51 -1.36 28.43
N GLY A 61 26.95 -0.14 28.11
CA GLY A 61 26.89 0.38 26.76
C GLY A 61 27.54 -0.60 25.81
N ILE A 62 26.96 -0.77 24.62
CA ILE A 62 27.43 -1.79 23.67
C ILE A 62 28.92 -1.61 23.37
N GLU A 63 29.43 -0.38 23.46
CA GLU A 63 30.85 -0.14 23.19
C GLU A 63 31.72 -0.85 24.21
N ASN A 64 31.39 -0.70 25.50
CA ASN A 64 32.19 -1.34 26.54
C ASN A 64 31.96 -2.83 26.59
N ARG A 65 30.77 -3.29 26.18
CA ARG A 65 30.55 -4.73 26.14
C ARG A 65 31.38 -5.38 25.03
N ASP A 66 31.45 -4.73 23.87
CA ASP A 66 32.37 -5.21 22.84
C ASP A 66 33.82 -5.10 23.30
N ALA A 67 34.17 -4.02 24.01
CA ALA A 67 35.54 -3.84 24.46
C ALA A 67 35.96 -4.94 25.42
N THR A 68 35.13 -5.22 26.43
CA THR A 68 35.47 -6.19 27.47
C THR A 68 35.05 -7.62 27.11
N ASN A 69 34.57 -7.85 25.88
CA ASN A 69 34.07 -9.16 25.46
C ASN A 69 32.93 -9.65 26.36
N ASP A 70 31.98 -8.75 26.65
CA ASP A 70 30.80 -8.99 27.48
C ASP A 70 31.14 -9.29 28.94
N GLN A 71 32.40 -9.13 29.35
CA GLN A 71 32.77 -9.40 30.74
C GLN A 71 32.10 -8.43 31.70
N VAL A 72 31.92 -7.17 31.28
CA VAL A 72 31.33 -6.17 32.18
C VAL A 72 29.93 -6.59 32.62
N THR A 73 29.16 -7.24 31.73
CA THR A 73 27.83 -7.72 32.11
C THR A 73 27.92 -8.68 33.29
N LYS A 74 28.84 -9.65 33.22
CA LYS A 74 29.00 -10.61 34.31
C LYS A 74 29.50 -9.94 35.57
N ASP A 75 30.42 -8.98 35.43
CA ASP A 75 30.94 -8.27 36.60
C ASP A 75 29.82 -7.48 37.29
N ALA A 76 28.93 -6.86 36.52
CA ALA A 76 27.79 -6.17 37.10
C ALA A 76 26.88 -7.15 37.83
N ALA A 77 26.62 -8.31 37.22
CA ALA A 77 25.79 -9.32 37.88
C ALA A 77 26.37 -9.74 39.23
N GLU A 78 27.70 -9.96 39.28
CA GLU A 78 28.34 -10.30 40.55
C GLU A 78 28.24 -9.15 41.56
N ALA A 79 28.44 -7.92 41.08
CA ALA A 79 28.29 -6.77 41.97
C ALA A 79 26.90 -6.72 42.60
N ILE A 80 25.87 -7.08 41.83
CA ILE A 80 24.52 -7.13 42.38
C ILE A 80 24.43 -8.22 43.44
N LYS A 81 25.02 -9.38 43.17
CA LYS A 81 25.09 -10.41 44.22
C LYS A 81 25.64 -9.81 45.50
N LYS A 82 26.66 -8.97 45.37
CA LYS A 82 27.35 -8.43 46.54
C LYS A 82 26.49 -7.40 47.28
N HIS A 83 25.89 -6.46 46.56
CA HIS A 83 25.28 -5.30 47.20
C HIS A 83 23.76 -5.37 47.31
N ASN A 84 23.12 -6.39 46.71
CA ASN A 84 21.69 -6.67 46.82
C ASN A 84 20.74 -5.73 46.08
N VAL A 85 21.21 -4.59 45.58
CA VAL A 85 20.32 -3.66 44.88
C VAL A 85 20.96 -3.25 43.56
N GLY A 86 20.29 -3.54 42.46
CA GLY A 86 20.78 -3.15 41.15
C GLY A 86 19.70 -2.44 40.37
N VAL A 87 20.12 -1.42 39.60
CA VAL A 87 19.24 -0.68 38.70
C VAL A 87 19.89 -0.63 37.31
N LYS A 88 19.13 -0.92 36.27
CA LYS A 88 19.68 -1.14 34.95
C LYS A 88 18.97 -0.27 33.91
N CYS A 89 19.75 0.40 33.10
CA CYS A 89 19.28 1.16 31.95
C CYS A 89 19.01 0.21 30.78
N ALA A 90 18.12 0.61 29.88
CA ALA A 90 17.93 -0.14 28.65
C ALA A 90 19.25 -0.22 27.87
N THR A 91 19.47 -1.36 27.21
CA THR A 91 20.72 -1.65 26.52
C THR A 91 20.42 -2.19 25.13
N ILE A 92 21.39 -2.05 24.22
CA ILE A 92 21.25 -2.58 22.87
C ILE A 92 21.49 -4.08 22.91
N THR A 93 20.54 -4.86 22.39
CA THR A 93 20.80 -6.25 22.10
C THR A 93 21.13 -6.36 20.62
N PRO A 94 22.38 -6.63 20.25
CA PRO A 94 22.78 -6.45 18.85
C PRO A 94 22.16 -7.49 17.93
N ASP A 95 21.76 -7.03 16.75
CA ASP A 95 21.45 -7.90 15.63
C ASP A 95 22.51 -7.64 14.54
N GLU A 96 22.29 -8.25 13.37
CA GLU A 96 23.19 -8.10 12.23
C GLU A 96 23.49 -6.63 11.94
N LYS A 97 22.46 -5.79 11.93
CA LYS A 97 22.62 -4.37 11.69
C LYS A 97 23.54 -3.74 12.73
N ARG A 98 23.27 -3.98 14.02
CA ARG A 98 24.14 -3.47 15.07
C ARG A 98 25.58 -3.94 14.87
N VAL A 99 25.75 -5.22 14.50
CA VAL A 99 27.09 -5.77 14.30
C VAL A 99 27.84 -4.95 13.25
N GLU A 100 27.20 -4.65 12.13
CA GLU A 100 27.90 -3.84 11.13
C GLU A 100 28.06 -2.40 11.59
N GLU A 101 27.13 -1.88 12.39
CA GLU A 101 27.17 -0.47 12.76
C GLU A 101 28.30 -0.17 13.73
N PHE A 102 28.49 -1.00 14.75
CA PHE A 102 29.52 -0.74 15.76
C PHE A 102 30.79 -1.55 15.53
N LYS A 103 30.87 -2.27 14.41
CA LYS A 103 31.99 -3.18 14.14
C LYS A 103 32.24 -4.09 15.34
N LEU A 104 31.19 -4.83 15.71
CA LEU A 104 31.25 -5.73 16.85
C LEU A 104 32.08 -6.98 16.55
N LYS A 105 32.72 -7.50 17.60
CA LYS A 105 33.46 -8.76 17.47
C LYS A 105 32.50 -9.92 17.28
N GLN A 106 31.43 -9.95 18.06
CA GLN A 106 30.39 -10.97 17.93
C GLN A 106 29.03 -10.32 18.08
N MET A 107 27.99 -11.11 17.79
CA MET A 107 26.61 -10.69 18.04
C MET A 107 26.26 -11.13 19.47
N TRP A 108 26.70 -10.32 20.44
CA TRP A 108 26.59 -10.69 21.84
C TRP A 108 25.15 -10.91 22.27
N LYS A 109 24.94 -11.80 23.23
CA LYS A 109 23.61 -12.06 23.75
C LYS A 109 23.14 -10.88 24.59
N SER A 110 21.83 -10.80 24.80
CA SER A 110 21.26 -9.69 25.54
C SER A 110 21.83 -9.63 26.95
N PRO A 111 22.18 -8.45 27.45
CA PRO A 111 22.66 -8.36 28.85
C PRO A 111 21.68 -8.96 29.84
N ASN A 112 20.38 -8.70 29.62
CA ASN A 112 19.33 -9.21 30.51
C ASN A 112 19.42 -10.72 30.66
N GLY A 113 19.54 -11.44 29.55
CA GLY A 113 19.61 -12.90 29.61
C GLY A 113 20.78 -13.39 30.45
N THR A 114 21.94 -12.75 30.30
CA THR A 114 23.13 -13.12 31.06
C THR A 114 22.94 -12.85 32.55
N ILE A 115 22.54 -11.63 32.90
CA ILE A 115 22.31 -11.27 34.30
C ILE A 115 21.27 -12.19 34.92
N ARG A 116 20.21 -12.54 34.18
CA ARG A 116 19.16 -13.38 34.72
C ARG A 116 19.65 -14.81 34.92
N ASN A 117 20.41 -15.35 33.97
CA ASN A 117 20.97 -16.67 34.14
C ASN A 117 21.89 -16.73 35.34
N ILE A 118 22.65 -15.66 35.58
CA ILE A 118 23.57 -15.62 36.72
C ILE A 118 22.82 -15.50 38.04
N LEU A 119 21.87 -14.55 38.13
CA LEU A 119 21.24 -14.20 39.40
C LEU A 119 20.09 -15.13 39.73
N GLY A 120 19.32 -15.52 38.71
CA GLY A 120 18.14 -16.31 38.94
C GLY A 120 17.01 -15.47 39.52
N GLY A 121 15.89 -16.15 39.74
CA GLY A 121 14.73 -15.51 40.34
C GLY A 121 13.59 -15.32 39.36
N THR A 122 12.74 -14.33 39.64
CA THR A 122 11.50 -14.11 38.91
C THR A 122 11.40 -12.63 38.59
N VAL A 123 11.03 -12.30 37.37
CA VAL A 123 10.87 -10.90 36.98
C VAL A 123 9.40 -10.55 37.13
N PHE A 124 9.10 -9.64 38.06
CA PHE A 124 7.74 -9.20 38.29
C PHE A 124 7.52 -7.92 37.49
N ARG A 125 6.48 -7.93 36.65
CA ARG A 125 6.19 -6.82 35.77
C ARG A 125 4.77 -6.36 36.00
N GLU A 126 4.59 -5.04 35.98
CA GLU A 126 3.29 -4.49 36.31
C GLU A 126 3.14 -3.11 35.68
N ALA A 127 1.94 -2.79 35.19
CA ALA A 127 1.72 -1.49 34.55
C ALA A 127 1.77 -0.35 35.57
N ILE A 128 2.31 0.79 35.12
CA ILE A 128 2.25 2.03 35.88
C ILE A 128 1.02 2.80 35.40
N ILE A 129 0.04 2.98 36.28
CA ILE A 129 -1.30 3.44 35.89
C ILE A 129 -1.42 4.95 36.13
N CYS A 130 -1.88 5.66 35.11
CA CYS A 130 -2.30 7.06 35.24
C CYS A 130 -3.78 7.14 34.93
N LYS A 131 -4.53 7.84 35.80
CA LYS A 131 -5.99 7.92 35.66
C LYS A 131 -6.43 8.53 34.32
N ASN A 132 -5.64 9.43 33.73
CA ASN A 132 -6.04 10.07 32.48
C ASN A 132 -5.55 9.33 31.24
N ILE A 133 -4.97 8.14 31.39
CA ILE A 133 -4.47 7.37 30.27
C ILE A 133 -5.44 6.23 30.02
N PRO A 134 -6.15 6.18 28.89
CA PRO A 134 -7.17 5.15 28.70
C PRO A 134 -6.56 3.79 28.40
N ARG A 135 -7.12 2.76 29.00
CA ARG A 135 -6.73 1.41 28.66
C ARG A 135 -7.30 1.03 27.29
N LEU A 136 -6.69 0.03 26.68
CA LEU A 136 -7.25 -0.57 25.47
C LEU A 136 -8.18 -1.74 25.77
N VAL A 137 -8.10 -2.33 26.96
CA VAL A 137 -8.96 -3.43 27.40
C VAL A 137 -9.90 -2.88 28.44
N SER A 138 -11.21 -3.00 28.17
CA SER A 138 -12.24 -2.28 28.92
C SER A 138 -12.18 -2.59 30.41
N GLY A 139 -12.22 -3.87 30.76
CA GLY A 139 -12.49 -4.23 32.14
C GLY A 139 -11.33 -4.24 33.11
N TRP A 140 -10.12 -3.86 32.71
CA TRP A 140 -8.94 -4.00 33.57
C TRP A 140 -8.88 -2.85 34.59
N VAL A 141 -9.77 -2.90 35.58
CA VAL A 141 -9.79 -1.82 36.57
C VAL A 141 -8.79 -2.05 37.69
N LYS A 142 -8.31 -3.28 37.87
CA LYS A 142 -7.24 -3.60 38.81
C LYS A 142 -6.00 -4.04 38.04
N PRO A 143 -4.79 -3.90 38.60
CA PRO A 143 -3.60 -4.25 37.85
C PRO A 143 -3.40 -5.76 37.78
N ILE A 144 -2.69 -6.18 36.74
CA ILE A 144 -2.28 -7.56 36.56
C ILE A 144 -0.77 -7.62 36.72
N ILE A 145 -0.30 -8.45 37.65
CA ILE A 145 1.14 -8.58 37.89
C ILE A 145 1.61 -9.90 37.32
N ILE A 146 2.53 -9.84 36.37
CA ILE A 146 3.08 -11.06 35.79
C ILE A 146 4.36 -11.38 36.54
N GLY A 147 4.53 -12.65 36.90
CA GLY A 147 5.81 -13.09 37.45
C GLY A 147 6.44 -14.08 36.50
N GLN A 148 7.47 -13.63 35.78
CA GLN A 148 8.09 -14.41 34.71
C GLN A 148 9.27 -15.18 35.29
N HIS A 149 9.22 -16.50 35.20
CA HIS A 149 10.36 -17.29 35.61
C HIS A 149 11.58 -16.90 34.78
N ALA A 150 12.67 -16.49 35.42
CA ALA A 150 13.76 -15.83 34.70
C ALA A 150 14.88 -16.76 34.24
N TYR A 151 14.68 -18.06 34.27
CA TYR A 151 15.73 -19.01 33.96
C TYR A 151 15.24 -20.09 32.99
N GLY A 152 16.14 -20.53 32.10
CA GLY A 152 15.90 -21.77 31.35
C GLY A 152 15.00 -21.64 30.13
N ASP A 153 14.52 -22.81 29.69
CA ASP A 153 13.64 -23.00 28.53
C ASP A 153 14.33 -22.39 27.31
N GLN A 154 13.61 -21.62 26.48
CA GLN A 154 14.15 -21.07 25.24
C GLN A 154 15.40 -20.23 25.48
N TYR A 155 15.49 -19.57 26.63
CA TYR A 155 16.57 -18.64 26.88
C TYR A 155 17.88 -19.33 27.26
N ARG A 156 17.88 -20.66 27.33
CA ARG A 156 19.13 -21.39 27.54
C ARG A 156 19.22 -22.57 26.58
N ALA A 157 18.43 -22.55 25.51
CA ALA A 157 18.26 -23.68 24.64
C ALA A 157 19.46 -23.86 23.72
N THR A 158 19.59 -25.07 23.17
CA THR A 158 20.57 -25.40 22.16
C THR A 158 19.81 -25.68 20.87
N ASP A 159 19.92 -24.76 19.90
CA ASP A 159 19.18 -24.87 18.66
C ASP A 159 20.12 -24.86 17.45
N PHE A 160 19.73 -25.56 16.39
CA PHE A 160 20.55 -25.63 15.19
C PHE A 160 19.69 -25.93 13.97
N VAL A 161 20.28 -25.64 12.80
CA VAL A 161 19.71 -25.98 11.51
C VAL A 161 20.09 -27.43 11.18
N VAL A 162 19.12 -28.22 10.75
CA VAL A 162 19.36 -29.57 10.26
C VAL A 162 19.60 -29.47 8.76
N PRO A 163 20.82 -29.71 8.27
CA PRO A 163 21.13 -29.36 6.87
C PRO A 163 20.62 -30.37 5.84
N GLY A 164 20.22 -31.58 6.24
CA GLY A 164 19.73 -32.55 5.31
C GLY A 164 19.21 -33.80 6.00
N PRO A 165 18.95 -34.85 5.22
CA PRO A 165 18.40 -36.09 5.78
C PRO A 165 19.26 -36.64 6.89
N GLY A 166 18.61 -37.08 7.95
CA GLY A 166 19.32 -37.66 9.07
C GLY A 166 18.42 -37.69 10.30
N LYS A 167 18.97 -38.25 11.36
CA LYS A 167 18.26 -38.49 12.60
C LYS A 167 18.64 -37.44 13.63
N VAL A 168 17.66 -36.90 14.35
CA VAL A 168 17.91 -36.09 15.53
C VAL A 168 17.34 -36.83 16.73
N GLU A 169 18.20 -37.07 17.72
CA GLU A 169 17.83 -37.66 19.01
C GLU A 169 18.35 -36.81 20.14
N ILE A 170 17.66 -36.87 21.27
CA ILE A 170 18.11 -36.19 22.48
C ILE A 170 18.25 -37.27 23.57
N THR A 171 19.41 -37.31 24.21
CA THR A 171 19.74 -38.39 25.14
C THR A 171 19.98 -37.84 26.54
N TYR A 172 19.74 -38.69 27.53
CA TYR A 172 20.06 -38.41 28.92
C TYR A 172 20.98 -39.50 29.42
N THR A 173 22.13 -39.10 29.99
CA THR A 173 23.15 -40.04 30.46
C THR A 173 23.38 -39.78 31.94
N PRO A 174 22.84 -40.63 32.83
CA PRO A 174 23.01 -40.39 34.27
C PRO A 174 24.47 -40.22 34.62
N SER A 175 24.75 -39.37 35.61
CA SER A 175 26.15 -39.18 35.97
C SER A 175 26.71 -40.43 36.64
N ASP A 176 25.85 -41.21 37.31
CA ASP A 176 26.32 -42.31 38.14
C ASP A 176 26.58 -43.61 37.38
N GLY A 177 26.64 -43.60 36.04
CA GLY A 177 26.93 -44.80 35.28
C GLY A 177 25.71 -45.55 34.76
N THR A 178 24.54 -45.38 35.39
CA THR A 178 23.32 -46.04 34.94
C THR A 178 23.08 -45.77 33.45
N GLN A 179 22.51 -46.77 32.77
CA GLN A 179 22.44 -46.77 31.31
C GLN A 179 21.64 -45.59 30.76
N LYS A 180 22.12 -45.05 29.65
CA LYS A 180 21.53 -43.85 29.08
C LYS A 180 20.17 -44.20 28.46
N VAL A 181 19.40 -43.15 28.18
CA VAL A 181 18.12 -43.27 27.51
C VAL A 181 18.09 -42.29 26.34
N THR A 182 17.65 -42.77 25.17
CA THR A 182 17.67 -42.01 23.92
C THR A 182 16.24 -41.78 23.43
N TYR A 183 15.85 -40.53 23.31
CA TYR A 183 14.51 -40.18 22.82
C TYR A 183 14.63 -39.72 21.36
N LEU A 184 13.98 -40.44 20.44
CA LEU A 184 13.98 -39.98 19.05
C LEU A 184 13.24 -38.65 18.95
N VAL A 185 13.87 -37.67 18.30
CA VAL A 185 13.21 -36.38 18.09
C VAL A 185 12.52 -36.44 16.72
N HIS A 186 13.30 -36.68 15.68
CA HIS A 186 12.72 -36.81 14.35
C HIS A 186 13.74 -37.43 13.40
N ASN A 187 13.26 -38.25 12.46
CA ASN A 187 14.07 -38.73 11.34
C ASN A 187 13.68 -37.90 10.12
N PHE A 188 14.54 -36.95 9.75
CA PHE A 188 14.40 -36.17 8.53
C PHE A 188 14.71 -37.08 7.35
N GLU A 189 13.69 -37.47 6.59
CA GLU A 189 13.95 -38.37 5.48
C GLU A 189 14.15 -37.64 4.17
N GLU A 190 13.47 -36.50 3.98
CA GLU A 190 13.56 -35.76 2.73
C GLU A 190 14.58 -34.64 2.85
N GLY A 191 14.15 -33.46 3.29
CA GLY A 191 15.04 -32.31 3.32
C GLY A 191 15.69 -32.12 4.67
N GLY A 192 15.95 -30.86 5.01
CA GLY A 192 16.40 -30.48 6.32
C GLY A 192 15.34 -29.74 7.12
N GLY A 193 15.79 -29.04 8.15
CA GLY A 193 14.87 -28.35 9.03
C GLY A 193 15.58 -27.67 10.17
N VAL A 194 14.98 -27.71 11.36
CA VAL A 194 15.61 -27.15 12.54
C VAL A 194 15.32 -28.12 13.67
N ALA A 195 16.14 -28.04 14.71
CA ALA A 195 15.91 -28.81 15.93
C ALA A 195 16.50 -28.07 17.11
N MET A 196 16.05 -28.46 18.30
CA MET A 196 16.43 -27.75 19.51
C MET A 196 16.16 -28.61 20.74
N GLY A 197 17.08 -28.54 21.70
CA GLY A 197 16.88 -29.06 23.04
C GLY A 197 16.82 -27.89 24.01
N MET A 198 15.98 -28.01 25.04
CA MET A 198 15.97 -27.02 26.12
C MET A 198 15.69 -27.77 27.40
N TYR A 199 15.91 -27.10 28.54
CA TYR A 199 15.80 -27.79 29.83
C TYR A 199 15.34 -26.80 30.89
N ASN A 200 14.98 -27.32 32.06
CA ASN A 200 14.91 -26.50 33.26
C ASN A 200 15.33 -27.36 34.46
N GLN A 201 15.47 -26.72 35.61
CA GLN A 201 15.99 -27.35 36.83
C GLN A 201 14.96 -27.24 37.95
N ASP A 202 14.86 -28.32 38.73
CA ASP A 202 13.86 -28.41 39.79
C ASP A 202 14.01 -27.27 40.79
N LYS A 203 15.21 -27.06 41.28
CA LYS A 203 15.47 -26.00 42.25
C LYS A 203 15.03 -24.63 41.73
N SER A 204 15.35 -24.32 40.47
CA SER A 204 14.93 -23.03 39.92
C SER A 204 13.40 -22.93 39.84
N ILE A 205 12.72 -24.02 39.49
CA ILE A 205 11.26 -24.00 39.46
C ILE A 205 10.69 -23.82 40.86
N GLU A 206 11.27 -24.50 41.86
CA GLU A 206 10.83 -24.33 43.25
C GLU A 206 11.01 -22.88 43.70
N ASP A 207 12.16 -22.28 43.41
CA ASP A 207 12.32 -20.86 43.70
C ASP A 207 11.23 -20.02 43.02
N PHE A 208 10.95 -20.33 41.75
CA PHE A 208 9.91 -19.64 40.99
C PHE A 208 8.57 -19.71 41.74
N ALA A 209 8.20 -20.92 42.16
CA ALA A 209 6.97 -21.13 42.91
C ALA A 209 6.98 -20.32 44.22
N HIS A 210 8.07 -20.42 45.01
CA HIS A 210 8.12 -19.71 46.29
C HIS A 210 7.96 -18.21 46.09
N SER A 211 8.68 -17.64 45.12
CA SER A 211 8.56 -16.21 44.88
C SER A 211 7.16 -15.83 44.44
N SER A 212 6.48 -16.71 43.68
CA SER A 212 5.11 -16.42 43.24
C SER A 212 4.12 -16.44 44.41
N PHE A 213 4.21 -17.47 45.25
CA PHE A 213 3.33 -17.55 46.41
C PHE A 213 3.56 -16.36 47.35
N GLN A 214 4.82 -16.02 47.58
CA GLN A 214 5.11 -14.91 48.48
C GLN A 214 4.61 -13.59 47.90
N MET A 215 4.80 -13.35 46.60
CA MET A 215 4.30 -12.13 45.99
C MET A 215 2.78 -12.03 46.12
N ALA A 216 2.07 -13.13 45.83
CA ALA A 216 0.61 -13.13 45.99
C ALA A 216 0.19 -12.79 47.42
N LEU A 217 0.86 -13.38 48.41
CA LEU A 217 0.50 -13.08 49.79
C LEU A 217 0.79 -11.62 50.14
N SER A 218 1.88 -11.07 49.63
CA SER A 218 2.21 -9.68 49.96
C SER A 218 1.24 -8.72 49.29
N LYS A 219 0.82 -9.00 48.06
CA LYS A 219 -0.16 -8.13 47.42
C LYS A 219 -1.58 -8.46 47.85
N GLY A 220 -1.82 -9.64 48.42
CA GLY A 220 -3.18 -10.05 48.76
C GLY A 220 -4.05 -10.31 47.56
N TRP A 221 -3.48 -10.88 46.50
CA TRP A 221 -4.22 -11.28 45.31
C TRP A 221 -4.08 -12.79 45.06
N PRO A 222 -5.07 -13.40 44.42
CA PRO A 222 -4.92 -14.80 44.00
C PRO A 222 -3.86 -14.97 42.93
N LEU A 223 -3.38 -16.21 42.81
CA LEU A 223 -2.24 -16.58 41.98
C LEU A 223 -2.65 -17.63 40.96
N TYR A 224 -2.39 -17.36 39.68
CA TYR A 224 -2.56 -18.37 38.65
C TYR A 224 -1.22 -18.68 38.01
N LEU A 225 -0.96 -19.97 37.80
CA LEU A 225 0.19 -20.42 37.03
C LEU A 225 -0.31 -20.95 35.69
N SER A 226 0.29 -20.50 34.59
CA SER A 226 -0.08 -21.03 33.27
C SER A 226 0.96 -22.02 32.77
N THR A 227 0.50 -23.12 32.18
CA THR A 227 1.40 -24.03 31.45
C THR A 227 0.66 -24.60 30.25
N LYS A 228 1.37 -25.43 29.49
CA LYS A 228 0.78 -26.17 28.39
C LYS A 228 0.96 -27.68 28.63
N ASN A 229 0.58 -28.16 29.84
CA ASN A 229 0.87 -29.55 30.18
C ASN A 229 -0.09 -30.56 29.53
N THR A 230 -1.20 -30.11 28.95
CA THR A 230 -1.93 -30.93 27.99
C THR A 230 -0.99 -31.55 26.96
N ILE A 231 -0.12 -30.71 26.38
CA ILE A 231 0.80 -31.11 25.31
C ILE A 231 2.14 -31.57 25.86
N LEU A 232 2.76 -30.78 26.73
CA LEU A 232 4.04 -31.14 27.33
C LEU A 232 3.78 -31.78 28.71
N LYS A 233 3.29 -33.03 28.69
CA LYS A 233 2.84 -33.65 29.94
C LYS A 233 3.99 -33.75 30.96
N LYS A 234 5.21 -34.02 30.51
CA LYS A 234 6.31 -34.15 31.45
C LYS A 234 6.97 -32.81 31.78
N TYR A 235 7.36 -32.05 30.76
CA TYR A 235 8.10 -30.80 30.97
C TYR A 235 7.27 -29.81 31.79
N ASP A 236 6.07 -29.47 31.31
CA ASP A 236 5.20 -28.53 32.02
C ASP A 236 4.49 -29.18 33.21
N GLY A 237 4.27 -30.49 33.13
CA GLY A 237 3.78 -31.21 34.29
C GLY A 237 4.63 -30.99 35.52
N ARG A 238 5.95 -30.87 35.34
CA ARG A 238 6.83 -30.61 36.48
C ARG A 238 6.57 -29.26 37.12
N PHE A 239 6.37 -28.22 36.30
CA PHE A 239 6.00 -26.91 36.85
C PHE A 239 4.73 -27.03 37.68
N LYS A 240 3.71 -27.67 37.08
CA LYS A 240 2.43 -27.77 37.74
C LYS A 240 2.55 -28.55 39.06
N ASP A 241 3.24 -29.69 39.02
CA ASP A 241 3.37 -30.54 40.20
C ASP A 241 4.13 -29.85 41.32
N ILE A 242 5.25 -29.18 40.97
CA ILE A 242 6.06 -28.51 41.98
C ILE A 242 5.26 -27.40 42.65
N PHE A 243 4.55 -26.59 41.84
CA PHE A 243 3.74 -25.50 42.42
C PHE A 243 2.67 -26.07 43.34
N GLN A 244 1.95 -27.11 42.88
CA GLN A 244 0.86 -27.67 43.67
C GLN A 244 1.37 -28.24 45.00
N GLU A 245 2.51 -28.95 44.97
CA GLU A 245 3.06 -29.50 46.22
C GLU A 245 3.51 -28.41 47.16
N ILE A 246 4.26 -27.41 46.66
CA ILE A 246 4.70 -26.35 47.54
C ILE A 246 3.50 -25.58 48.11
N TYR A 247 2.42 -25.47 47.34
CA TYR A 247 1.23 -24.78 47.83
C TYR A 247 0.54 -25.57 48.93
N ASP A 248 0.22 -26.83 48.66
CA ASP A 248 -0.45 -27.66 49.65
C ASP A 248 0.33 -27.69 50.95
N LYS A 249 1.66 -27.82 50.85
CA LYS A 249 2.47 -28.03 52.05
C LYS A 249 2.82 -26.73 52.78
N GLN A 250 3.00 -25.61 52.07
CA GLN A 250 3.59 -24.45 52.72
C GLN A 250 2.79 -23.16 52.64
N TYR A 251 1.77 -23.04 51.78
CA TYR A 251 1.12 -21.74 51.61
C TYR A 251 -0.41 -21.76 51.66
N LYS A 252 -1.07 -22.90 51.44
CA LYS A 252 -2.53 -22.91 51.31
C LYS A 252 -3.22 -22.26 52.51
N SER A 253 -2.72 -22.51 53.72
CA SER A 253 -3.39 -22.00 54.92
C SER A 253 -3.28 -20.49 55.00
N GLN A 254 -2.10 -19.94 54.68
CA GLN A 254 -1.93 -18.49 54.64
C GLN A 254 -2.82 -17.87 53.56
N PHE A 255 -2.89 -18.51 52.39
CA PHE A 255 -3.74 -18.00 51.32
C PHE A 255 -5.19 -17.94 51.79
N GLU A 256 -5.71 -19.06 52.29
CA GLU A 256 -7.09 -19.10 52.77
C GLU A 256 -7.33 -18.04 53.85
N ALA A 257 -6.36 -17.85 54.76
CA ALA A 257 -6.44 -16.78 55.74
C ALA A 257 -6.62 -15.41 55.08
N GLN A 258 -5.94 -15.16 53.97
CA GLN A 258 -6.12 -13.88 53.31
C GLN A 258 -7.21 -13.91 52.25
N LYS A 259 -8.01 -14.99 52.22
CA LYS A 259 -9.14 -15.12 51.30
C LYS A 259 -8.69 -15.01 49.84
N ILE A 260 -7.53 -15.59 49.55
CA ILE A 260 -7.01 -15.72 48.20
C ILE A 260 -6.73 -17.20 47.96
N TRP A 261 -6.32 -17.54 46.74
CA TRP A 261 -6.21 -18.94 46.34
C TRP A 261 -5.18 -19.04 45.24
N TYR A 262 -4.77 -20.28 44.95
CA TYR A 262 -3.86 -20.57 43.85
C TYR A 262 -4.50 -21.59 42.91
N GLU A 263 -4.34 -21.38 41.60
CA GLU A 263 -4.82 -22.33 40.63
C GLU A 263 -3.88 -22.43 39.44
N HIS A 264 -3.75 -23.64 38.92
CA HIS A 264 -3.13 -23.88 37.64
C HIS A 264 -4.14 -23.67 36.51
N ARG A 265 -3.67 -23.10 35.41
CA ARG A 265 -4.49 -22.90 34.22
C ARG A 265 -3.65 -23.23 33.00
N LEU A 266 -4.32 -23.74 31.97
CA LEU A 266 -3.69 -23.84 30.67
C LEU A 266 -3.46 -22.45 30.12
N ILE A 267 -2.33 -22.27 29.42
CA ILE A 267 -1.97 -20.96 28.88
C ILE A 267 -3.10 -20.40 28.00
N ASP A 268 -3.71 -21.24 27.14
CA ASP A 268 -4.82 -20.76 26.29
C ASP A 268 -5.96 -20.20 27.14
N ASP A 269 -6.39 -20.97 28.14
N ASP A 269 -6.39 -20.96 28.15
CA ASP A 269 -7.43 -20.53 29.06
CA ASP A 269 -7.45 -20.49 29.03
C ASP A 269 -7.03 -19.23 29.76
C ASP A 269 -7.04 -19.23 29.77
N MET A 270 -5.80 -19.19 30.28
CA MET A 270 -5.33 -18.03 31.03
C MET A 270 -5.34 -16.75 30.21
N VAL A 271 -4.88 -16.83 28.95
N VAL A 271 -4.89 -16.82 28.94
CA VAL A 271 -4.83 -15.66 28.09
CA VAL A 271 -4.84 -15.60 28.17
C VAL A 271 -6.23 -15.12 27.83
C VAL A 271 -6.25 -15.10 27.84
N ALA A 272 -7.17 -16.02 27.49
CA ALA A 272 -8.54 -15.58 27.21
C ALA A 272 -9.20 -15.00 28.47
N GLN A 273 -9.06 -15.70 29.61
CA GLN A 273 -9.67 -15.22 30.84
C GLN A 273 -9.06 -13.91 31.33
N ALA A 274 -7.74 -13.74 31.20
CA ALA A 274 -7.15 -12.45 31.53
C ALA A 274 -7.75 -11.34 30.68
N MET A 275 -7.85 -11.58 29.36
CA MET A 275 -8.49 -10.61 28.48
C MET A 275 -9.87 -10.21 29.00
N LYS A 276 -10.64 -11.18 29.49
CA LYS A 276 -12.03 -10.95 29.91
C LYS A 276 -12.16 -10.55 31.40
N SER A 277 -11.08 -10.52 32.16
CA SER A 277 -11.13 -10.30 33.59
C SER A 277 -11.10 -8.82 33.97
N GLU A 278 -11.18 -8.57 35.27
CA GLU A 278 -11.05 -7.25 35.86
C GLU A 278 -9.64 -6.94 36.36
N GLY A 279 -8.69 -7.86 36.15
CA GLY A 279 -7.40 -7.71 36.78
C GLY A 279 -7.45 -8.05 38.26
N GLY A 280 -6.38 -7.69 38.96
CA GLY A 280 -6.28 -7.98 40.38
C GLY A 280 -5.82 -9.39 40.72
N PHE A 281 -4.79 -9.88 40.02
CA PHE A 281 -4.25 -11.21 40.31
C PHE A 281 -2.78 -11.25 39.92
N ILE A 282 -2.08 -12.25 40.49
CA ILE A 282 -0.70 -12.57 40.11
C ILE A 282 -0.73 -13.69 39.10
N TRP A 283 0.04 -13.54 38.03
CA TRP A 283 0.06 -14.48 36.92
C TRP A 283 1.49 -14.99 36.82
N ALA A 284 1.74 -16.20 37.36
CA ALA A 284 3.04 -16.85 37.23
C ALA A 284 3.18 -17.47 35.84
N CYS A 285 4.24 -17.11 35.13
CA CYS A 285 4.44 -17.52 33.74
C CYS A 285 5.78 -18.20 33.58
N LYS A 286 5.82 -19.27 32.76
CA LYS A 286 7.11 -19.74 32.28
C LYS A 286 7.84 -18.61 31.55
N ASN A 287 9.16 -18.72 31.49
CA ASN A 287 10.03 -17.68 30.93
C ASN A 287 9.46 -17.03 29.65
N TYR A 288 9.23 -17.85 28.61
CA TYR A 288 8.80 -17.33 27.32
C TYR A 288 7.43 -16.65 27.42
N ASP A 289 6.51 -17.29 28.14
CA ASP A 289 5.16 -16.77 28.27
C ASP A 289 5.15 -15.46 29.03
N GLY A 290 5.99 -15.34 30.06
CA GLY A 290 6.06 -14.10 30.80
C GLY A 290 6.62 -12.98 29.96
N ASP A 291 7.65 -13.30 29.17
CA ASP A 291 8.23 -12.35 28.24
C ASP A 291 7.17 -11.78 27.28
N VAL A 292 6.36 -12.66 26.69
CA VAL A 292 5.45 -12.27 25.61
C VAL A 292 4.15 -11.68 26.15
N GLN A 293 3.53 -12.37 27.12
CA GLN A 293 2.28 -11.90 27.68
C GLN A 293 2.45 -10.58 28.41
N SER A 294 3.63 -10.29 28.99
CA SER A 294 3.73 -8.98 29.63
C SER A 294 3.70 -7.84 28.60
N ASP A 295 4.21 -8.05 27.39
CA ASP A 295 4.02 -7.02 26.36
C ASP A 295 2.55 -6.82 26.08
N SER A 296 1.83 -7.94 25.93
CA SER A 296 0.39 -7.84 25.68
C SER A 296 -0.34 -7.08 26.79
N VAL A 297 0.02 -7.37 28.05
CA VAL A 297 -0.65 -6.72 29.19
C VAL A 297 -0.27 -5.24 29.28
N ALA A 298 1.02 -4.94 29.20
CA ALA A 298 1.51 -3.56 29.16
C ALA A 298 0.72 -2.73 28.15
N GLN A 299 0.65 -3.21 26.91
CA GLN A 299 -0.06 -2.46 25.88
C GLN A 299 -1.54 -2.34 26.21
N GLY A 300 -2.15 -3.42 26.72
CA GLY A 300 -3.57 -3.39 27.03
C GLY A 300 -3.96 -2.36 28.07
N TYR A 301 -3.03 -2.01 28.97
CA TYR A 301 -3.27 -0.95 29.94
C TYR A 301 -3.12 0.46 29.36
N GLY A 302 -2.64 0.59 28.12
CA GLY A 302 -2.64 1.90 27.49
C GLY A 302 -1.35 2.24 26.79
N SER A 303 -0.21 1.97 27.44
CA SER A 303 1.10 2.40 26.97
C SER A 303 2.13 1.30 27.26
N LEU A 304 2.77 0.81 26.19
CA LEU A 304 3.65 -0.33 26.29
C LEU A 304 4.81 -0.07 27.24
N GLY A 305 5.33 1.16 27.25
CA GLY A 305 6.50 1.45 28.08
C GLY A 305 6.22 1.75 29.54
N MET A 306 4.96 1.98 29.91
CA MET A 306 4.60 2.26 31.31
C MET A 306 4.52 0.94 32.09
N MET A 307 5.69 0.35 32.37
CA MET A 307 5.76 -0.91 33.08
C MET A 307 6.93 -0.87 34.04
N THR A 308 6.75 -1.44 35.22
CA THR A 308 7.86 -1.74 36.10
C THR A 308 8.30 -3.17 35.82
N SER A 309 9.58 -3.41 36.04
CA SER A 309 10.23 -4.70 35.79
C SER A 309 11.27 -4.94 36.88
N VAL A 310 11.00 -5.86 37.81
CA VAL A 310 11.88 -6.05 38.96
C VAL A 310 12.21 -7.54 39.10
N LEU A 311 13.48 -7.88 38.94
CA LEU A 311 13.95 -9.25 39.17
C LEU A 311 14.11 -9.46 40.67
N VAL A 312 13.31 -10.38 41.23
CA VAL A 312 13.36 -10.76 42.64
C VAL A 312 14.12 -12.09 42.74
N CYS A 313 15.26 -12.06 43.39
CA CYS A 313 16.20 -13.17 43.46
C CYS A 313 15.81 -14.16 44.55
N PRO A 314 16.23 -15.42 44.42
CA PRO A 314 15.74 -16.45 45.36
C PRO A 314 16.20 -16.25 46.80
N ASP A 315 17.30 -15.55 47.05
CA ASP A 315 17.74 -15.32 48.43
C ASP A 315 16.78 -14.47 49.23
N GLY A 316 15.73 -13.93 48.62
CA GLY A 316 14.79 -13.07 49.31
C GLY A 316 15.34 -11.73 49.75
N LYS A 317 16.49 -11.34 49.22
CA LYS A 317 17.16 -10.10 49.61
C LYS A 317 17.68 -9.28 48.43
N THR A 318 18.03 -9.89 47.31
CA THR A 318 18.65 -9.23 46.18
C THR A 318 17.59 -8.95 45.13
N VAL A 319 17.60 -7.73 44.61
CA VAL A 319 16.62 -7.27 43.64
C VAL A 319 17.36 -6.50 42.55
N GLU A 320 16.86 -6.60 41.32
CA GLU A 320 17.38 -5.82 40.19
C GLU A 320 16.21 -5.18 39.46
N ALA A 321 16.11 -3.85 39.52
CA ALA A 321 15.05 -3.15 38.84
C ALA A 321 15.57 -2.61 37.51
N GLU A 322 14.77 -2.74 36.46
CA GLU A 322 15.22 -2.31 35.14
C GLU A 322 14.08 -1.61 34.40
N ALA A 323 14.46 -0.88 33.37
CA ALA A 323 13.51 -0.36 32.40
C ALA A 323 13.34 -1.39 31.29
N ALA A 324 12.13 -1.88 31.13
CA ALA A 324 11.92 -3.01 30.23
C ALA A 324 11.94 -2.63 28.75
N HIS A 325 11.69 -1.37 28.40
CA HIS A 325 11.52 -1.03 26.99
C HIS A 325 12.88 -0.78 26.34
N GLY A 326 12.87 -0.45 25.05
CA GLY A 326 14.09 -0.30 24.29
C GLY A 326 14.76 1.05 24.42
N THR A 327 15.87 1.20 23.69
CA THR A 327 16.72 2.37 23.81
C THR A 327 16.27 3.54 22.94
N VAL A 328 15.11 3.43 22.28
CA VAL A 328 14.46 4.52 21.55
C VAL A 328 15.42 5.12 20.52
N THR A 329 15.84 4.29 19.57
CA THR A 329 16.93 4.66 18.66
C THR A 329 16.58 5.90 17.82
N ARG A 330 15.32 6.02 17.38
CA ARG A 330 14.97 7.15 16.51
C ARG A 330 15.11 8.48 17.23
N HIS A 331 14.65 8.53 18.49
CA HIS A 331 14.83 9.74 19.29
C HIS A 331 16.31 10.02 19.50
N TYR A 332 17.11 8.98 19.74
CA TYR A 332 18.55 9.18 19.88
C TYR A 332 19.15 9.83 18.64
N ARG A 333 18.74 9.37 17.45
CA ARG A 333 19.26 9.98 16.22
C ARG A 333 18.86 11.45 16.15
N MET A 334 17.62 11.77 16.50
CA MET A 334 17.22 13.18 16.59
C MET A 334 18.13 13.95 17.55
N TYR A 335 18.32 13.41 18.76
CA TYR A 335 19.15 14.07 19.76
C TYR A 335 20.56 14.32 19.24
N GLN A 336 21.14 13.33 18.57
CA GLN A 336 22.47 13.47 18.00
C GLN A 336 22.55 14.68 17.08
N LYS A 337 21.51 14.90 16.28
CA LYS A 337 21.45 16.02 15.36
C LYS A 337 20.96 17.29 16.02
N GLY A 338 20.90 17.33 17.36
CA GLY A 338 20.45 18.52 18.05
C GLY A 338 19.01 18.90 17.84
N GLN A 339 18.15 17.94 17.53
CA GLN A 339 16.71 18.17 17.46
C GLN A 339 16.03 17.69 18.72
N GLU A 340 14.97 18.39 19.10
CA GLU A 340 14.23 18.05 20.30
C GLU A 340 13.50 16.72 20.14
N THR A 341 13.35 16.01 21.24
CA THR A 341 12.64 14.75 21.31
C THR A 341 11.63 14.82 22.43
N SER A 342 10.69 13.87 22.41
CA SER A 342 9.69 13.72 23.48
C SER A 342 9.77 12.26 23.94
N THR A 343 10.74 11.97 24.79
CA THR A 343 11.02 10.60 25.21
C THR A 343 10.48 10.40 26.63
N ASN A 344 9.63 9.41 26.80
CA ASN A 344 9.00 9.16 28.09
C ASN A 344 9.99 8.52 29.05
N PRO A 345 10.36 9.18 30.16
CA PRO A 345 11.34 8.61 31.10
C PRO A 345 10.76 7.86 32.30
N ILE A 346 9.46 7.55 32.30
CA ILE A 346 8.83 7.05 33.51
C ILE A 346 9.36 5.67 33.86
N ALA A 347 9.53 4.79 32.88
CA ALA A 347 10.00 3.44 33.19
C ALA A 347 11.40 3.46 33.81
N SER A 348 12.30 4.33 33.32
CA SER A 348 13.63 4.45 33.91
C SER A 348 13.56 5.07 35.31
N ILE A 349 12.64 6.01 35.50
CA ILE A 349 12.45 6.60 36.82
C ILE A 349 12.00 5.53 37.81
N PHE A 350 11.03 4.71 37.42
CA PHE A 350 10.51 3.69 38.33
C PHE A 350 11.51 2.57 38.55
N ALA A 351 12.39 2.32 37.57
CA ALA A 351 13.52 1.45 37.83
C ALA A 351 14.31 1.98 39.03
N TRP A 352 14.65 3.27 39.00
CA TRP A 352 15.39 3.88 40.11
C TRP A 352 14.59 3.83 41.41
N THR A 353 13.29 4.13 41.36
CA THR A 353 12.55 4.24 42.62
C THR A 353 12.28 2.86 43.23
N ARG A 354 12.01 1.84 42.40
CA ARG A 354 11.85 0.49 42.95
C ARG A 354 13.14 0.01 43.58
N GLY A 355 14.28 0.25 42.91
CA GLY A 355 15.56 -0.08 43.53
C GLY A 355 15.78 0.65 44.85
N LEU A 356 15.50 1.95 44.87
CA LEU A 356 15.70 2.73 46.08
C LEU A 356 14.77 2.29 47.20
N ALA A 357 13.54 1.87 46.88
CA ALA A 357 12.62 1.40 47.90
C ALA A 357 13.11 0.09 48.50
N HIS A 358 13.69 -0.78 47.67
CA HIS A 358 14.28 -2.00 48.23
C HIS A 358 15.50 -1.67 49.09
N ARG A 359 16.31 -0.70 48.65
CA ARG A 359 17.44 -0.24 49.46
C ARG A 359 16.95 0.28 50.81
N ALA A 360 15.90 1.10 50.81
CA ALA A 360 15.35 1.64 52.04
C ALA A 360 14.83 0.53 52.94
N LYS A 361 14.15 -0.47 52.37
CA LYS A 361 13.68 -1.60 53.15
C LYS A 361 14.86 -2.31 53.83
N LEU A 362 15.90 -2.64 53.05
CA LEU A 362 17.06 -3.34 53.59
C LEU A 362 17.76 -2.52 54.68
N ASP A 363 17.88 -1.22 54.49
CA ASP A 363 18.64 -0.42 55.44
C ASP A 363 17.79 0.17 56.55
N ASN A 364 16.50 -0.15 56.60
CA ASN A 364 15.53 0.50 57.48
C ASN A 364 15.71 2.01 57.46
N ASN A 365 15.52 2.56 56.27
CA ASN A 365 15.83 3.94 55.95
C ASN A 365 14.52 4.66 55.65
N LYS A 366 13.90 5.21 56.70
CA LYS A 366 12.61 5.88 56.55
C LYS A 366 12.65 6.97 55.48
N GLU A 367 13.68 7.83 55.53
CA GLU A 367 13.74 8.98 54.61
C GLU A 367 13.88 8.53 53.15
N LEU A 368 14.69 7.50 52.89
CA LEU A 368 14.87 7.04 51.52
C LEU A 368 13.60 6.39 50.98
N ALA A 369 12.89 5.65 51.83
CA ALA A 369 11.61 5.08 51.42
C ALA A 369 10.60 6.20 51.11
N PHE A 370 10.56 7.22 51.95
CA PHE A 370 9.68 8.35 51.68
C PHE A 370 10.01 8.98 50.34
N PHE A 371 11.31 9.13 50.05
CA PHE A 371 11.72 9.76 48.80
C PHE A 371 11.28 8.95 47.61
N ALA A 372 11.52 7.64 47.64
CA ALA A 372 11.19 6.79 46.49
C ALA A 372 9.69 6.82 46.20
N ASN A 373 8.88 6.69 47.25
CA ASN A 373 7.45 6.75 47.03
C ASN A 373 7.04 8.12 46.50
N ALA A 374 7.64 9.18 47.06
CA ALA A 374 7.31 10.53 46.64
C ALA A 374 7.62 10.75 45.17
N LEU A 375 8.78 10.25 44.71
CA LEU A 375 9.13 10.43 43.30
C LEU A 375 8.11 9.74 42.40
N GLU A 376 7.66 8.54 42.80
CA GLU A 376 6.63 7.85 42.00
C GLU A 376 5.34 8.66 41.96
N GLU A 377 4.93 9.17 43.13
CA GLU A 377 3.74 10.00 43.21
C GLU A 377 3.85 11.23 42.32
N VAL A 378 5.02 11.88 42.32
CA VAL A 378 5.20 13.09 41.54
C VAL A 378 5.10 12.78 40.05
N SER A 379 5.69 11.66 39.63
CA SER A 379 5.57 11.26 38.23
C SER A 379 4.11 11.11 37.83
N ILE A 380 3.35 10.35 38.64
CA ILE A 380 1.97 10.05 38.27
C ILE A 380 1.12 11.32 38.29
N GLU A 381 1.34 12.20 39.28
CA GLU A 381 0.54 13.42 39.40
C GLU A 381 0.86 14.41 38.29
N THR A 382 2.14 14.55 37.95
CA THR A 382 2.51 15.37 36.80
C THR A 382 1.77 14.92 35.56
N ILE A 383 1.79 13.62 35.25
CA ILE A 383 1.10 13.16 34.05
C ILE A 383 -0.41 13.39 34.17
N GLU A 384 -0.98 13.08 35.34
CA GLU A 384 -2.42 13.25 35.51
C GLU A 384 -2.82 14.72 35.53
N ALA A 385 -1.90 15.62 35.85
CA ALA A 385 -2.18 17.05 35.76
C ALA A 385 -2.15 17.57 34.32
N GLY A 386 -1.81 16.71 33.35
CA GLY A 386 -1.85 17.09 31.96
C GLY A 386 -0.51 17.41 31.33
N PHE A 387 0.60 17.26 32.08
CA PHE A 387 1.94 17.47 31.55
C PHE A 387 2.55 16.11 31.23
N MET A 388 2.78 15.84 29.95
CA MET A 388 3.25 14.53 29.55
C MET A 388 4.05 14.60 28.26
N THR A 389 4.72 13.49 27.95
CA THR A 389 5.44 13.35 26.71
C THR A 389 4.48 12.98 25.57
N LYS A 390 5.00 13.03 24.34
CA LYS A 390 4.15 12.92 23.15
C LYS A 390 3.42 11.59 23.11
N ASP A 391 4.06 10.50 23.56
CA ASP A 391 3.42 9.18 23.47
C ASP A 391 2.14 9.13 24.31
N LEU A 392 2.16 9.73 25.49
CA LEU A 392 0.97 9.71 26.35
C LEU A 392 -0.09 10.68 25.84
N ALA A 393 0.33 11.85 25.36
CA ALA A 393 -0.63 12.71 24.66
C ALA A 393 -1.34 11.95 23.56
N ALA A 394 -0.61 11.10 22.83
CA ALA A 394 -1.20 10.37 21.71
C ALA A 394 -2.13 9.27 22.22
N CYS A 395 -1.77 8.64 23.33
CA CYS A 395 -2.71 7.75 24.00
C CYS A 395 -4.04 8.46 24.26
N ILE A 396 -3.99 9.74 24.61
CA ILE A 396 -5.23 10.43 24.96
C ILE A 396 -5.98 10.85 23.71
N LYS A 397 -5.31 11.56 22.80
CA LYS A 397 -5.97 12.20 21.66
C LYS A 397 -5.86 11.42 20.35
N GLY A 398 -4.98 10.42 20.27
CA GLY A 398 -4.75 9.75 19.00
C GLY A 398 -3.68 10.48 18.24
N LEU A 399 -2.66 9.74 17.80
CA LEU A 399 -1.46 10.36 17.23
C LEU A 399 -1.74 11.41 16.16
N PRO A 400 -2.67 11.23 15.22
CA PRO A 400 -2.89 12.28 14.22
C PRO A 400 -3.35 13.61 14.80
N ASN A 401 -3.86 13.63 16.03
CA ASN A 401 -4.48 14.83 16.58
C ASN A 401 -3.59 15.55 17.60
N VAL A 402 -2.37 15.05 17.82
CA VAL A 402 -1.48 15.67 18.79
C VAL A 402 -0.82 16.88 18.14
N GLN A 403 -0.98 18.05 18.76
CA GLN A 403 -0.21 19.23 18.39
C GLN A 403 0.94 19.40 19.38
N ARG A 404 1.87 20.28 19.01
CA ARG A 404 3.05 20.50 19.86
C ARG A 404 2.67 20.98 21.26
N SER A 405 1.56 21.71 21.38
CA SER A 405 1.06 22.24 22.64
C SER A 405 0.42 21.18 23.54
N ASP A 406 0.27 19.94 23.06
CA ASP A 406 -0.33 18.88 23.86
C ASP A 406 0.69 18.12 24.70
N TYR A 407 1.99 18.34 24.49
CA TYR A 407 2.99 17.55 25.18
C TYR A 407 4.22 18.39 25.49
N LEU A 408 5.09 17.84 26.33
CA LEU A 408 6.36 18.45 26.67
C LEU A 408 7.49 17.64 26.06
N ASN A 409 8.53 18.32 25.58
CA ASN A 409 9.70 17.57 25.11
C ASN A 409 10.45 16.96 26.30
N THR A 410 11.45 16.13 25.99
CA THR A 410 12.14 15.34 27.01
C THR A 410 12.71 16.23 28.12
N PHE A 411 13.36 17.33 27.73
CA PHE A 411 13.97 18.22 28.72
C PHE A 411 12.92 18.99 29.50
N GLU A 412 11.86 19.45 28.82
CA GLU A 412 10.77 20.14 29.51
C GLU A 412 10.07 19.23 30.52
N PHE A 413 9.79 17.97 30.12
CA PHE A 413 9.13 17.05 31.04
C PHE A 413 10.01 16.72 32.24
N MET A 414 11.29 16.40 31.99
CA MET A 414 12.24 16.22 33.09
C MET A 414 12.21 17.41 34.04
N ASP A 415 12.22 18.62 33.48
CA ASP A 415 12.27 19.82 34.31
C ASP A 415 10.99 20.02 35.11
N LYS A 416 9.83 19.69 34.51
CA LYS A 416 8.56 19.78 35.24
C LYS A 416 8.53 18.78 36.39
N LEU A 417 9.03 17.57 36.14
CA LEU A 417 9.13 16.59 37.21
C LEU A 417 10.01 17.11 38.33
N GLY A 418 11.12 17.76 37.98
CA GLY A 418 12.00 18.32 38.99
C GLY A 418 11.33 19.39 39.84
N GLU A 419 10.65 20.34 39.18
CA GLU A 419 9.90 21.36 39.92
C GLU A 419 8.88 20.74 40.86
N ASN A 420 8.13 19.74 40.37
CA ASN A 420 7.09 19.12 41.19
C ASN A 420 7.67 18.29 42.33
N LEU A 421 8.84 17.67 42.10
CA LEU A 421 9.49 16.89 43.14
C LEU A 421 10.01 17.81 44.24
N LYS A 422 10.60 18.94 43.86
CA LYS A 422 11.04 19.92 44.84
C LYS A 422 9.87 20.41 45.71
N ILE A 423 8.75 20.79 45.06
CA ILE A 423 7.57 21.21 45.81
C ILE A 423 7.11 20.10 46.76
N LYS A 424 7.02 18.87 46.25
CA LYS A 424 6.53 17.75 47.05
C LYS A 424 7.39 17.54 48.28
N LEU A 425 8.71 17.52 48.10
CA LEU A 425 9.61 17.24 49.21
C LEU A 425 9.64 18.39 50.20
N ALA A 426 9.49 19.63 49.72
CA ALA A 426 9.45 20.77 50.64
C ALA A 426 8.20 20.74 51.51
N GLN A 427 7.04 20.45 50.93
CA GLN A 427 5.79 20.48 51.69
C GLN A 427 5.84 19.57 52.91
N ALA A 428 6.44 18.39 52.78
CA ALA A 428 6.52 17.44 53.89
C ALA A 428 7.63 17.82 54.86
N SER B 8 -59.17 -33.46 -13.39
CA SER B 8 -58.33 -32.90 -12.33
C SER B 8 -57.14 -32.13 -12.90
N GLY B 9 -57.04 -32.04 -14.23
CA GLY B 9 -56.00 -31.24 -14.84
C GLY B 9 -54.95 -32.03 -15.59
N LEU B 10 -54.93 -31.87 -16.93
CA LEU B 10 -53.99 -32.63 -17.76
C LEU B 10 -52.54 -32.28 -17.46
N VAL B 11 -52.25 -31.02 -17.14
CA VAL B 11 -50.86 -30.59 -16.94
C VAL B 11 -50.37 -31.06 -15.58
N PRO B 12 -49.28 -31.81 -15.51
CA PRO B 12 -48.69 -32.16 -14.20
C PRO B 12 -48.21 -30.93 -13.45
N ARG B 13 -48.80 -30.70 -12.29
CA ARG B 13 -48.39 -29.56 -11.48
C ARG B 13 -47.03 -29.82 -10.85
N GLY B 14 -46.32 -28.72 -10.55
CA GLY B 14 -45.01 -28.84 -9.94
C GLY B 14 -45.08 -29.36 -8.52
N SER B 15 -43.97 -29.97 -8.09
CA SER B 15 -43.89 -30.49 -6.74
C SER B 15 -43.79 -29.37 -5.72
N HIS B 16 -44.33 -29.63 -4.52
CA HIS B 16 -44.16 -28.71 -3.40
C HIS B 16 -42.77 -28.84 -2.78
N MET B 17 -42.31 -30.07 -2.60
CA MET B 17 -40.94 -30.34 -2.16
C MET B 17 -39.97 -30.14 -3.31
N SER B 18 -38.91 -29.37 -3.08
CA SER B 18 -37.94 -29.04 -4.11
C SER B 18 -36.67 -29.87 -3.95
N LYS B 19 -35.90 -29.94 -5.04
CA LYS B 19 -34.80 -30.88 -5.14
C LYS B 19 -33.64 -30.47 -4.24
N LYS B 20 -33.19 -31.40 -3.38
CA LYS B 20 -32.04 -31.15 -2.53
C LYS B 20 -30.79 -30.99 -3.38
N ILE B 21 -29.79 -30.29 -2.82
CA ILE B 21 -28.54 -30.00 -3.49
C ILE B 21 -27.63 -31.22 -3.42
N SER B 22 -27.00 -31.57 -4.53
CA SER B 22 -25.96 -32.60 -4.57
C SER B 22 -24.67 -32.00 -4.03
N GLY B 23 -24.31 -32.34 -2.79
CA GLY B 23 -23.15 -31.72 -2.18
C GLY B 23 -21.84 -32.48 -2.39
N GLY B 24 -21.89 -33.76 -2.70
CA GLY B 24 -20.66 -34.51 -2.94
C GLY B 24 -20.07 -35.10 -1.68
N SER B 25 -18.75 -35.35 -1.74
CA SER B 25 -18.04 -36.14 -0.73
C SER B 25 -17.51 -35.26 0.40
N VAL B 26 -17.78 -35.65 1.64
CA VAL B 26 -17.38 -34.88 2.82
C VAL B 26 -16.99 -35.83 3.94
N VAL B 27 -15.84 -35.58 4.57
CA VAL B 27 -15.43 -36.35 5.74
C VAL B 27 -15.90 -35.62 6.99
N GLU B 28 -16.63 -36.33 7.83
CA GLU B 28 -17.15 -35.78 9.08
C GLU B 28 -16.48 -36.48 10.26
N MET B 29 -15.99 -35.69 11.22
CA MET B 29 -15.36 -36.20 12.44
C MET B 29 -16.30 -35.91 13.61
N GLN B 30 -16.94 -36.96 14.13
CA GLN B 30 -17.93 -36.73 15.19
C GLN B 30 -17.25 -36.57 16.54
N GLY B 31 -17.90 -35.83 17.45
CA GLY B 31 -17.25 -35.35 18.65
C GLY B 31 -17.86 -35.77 19.97
N ASP B 32 -17.72 -34.94 21.00
CA ASP B 32 -18.10 -35.33 22.35
C ASP B 32 -19.10 -34.36 22.96
N GLU B 33 -19.92 -34.92 23.86
CA GLU B 33 -20.73 -34.19 24.84
C GLU B 33 -21.68 -33.21 24.14
N MET B 34 -21.77 -31.96 24.60
CA MET B 34 -22.78 -31.08 24.06
C MET B 34 -22.49 -30.70 22.63
N THR B 35 -21.22 -30.60 22.26
CA THR B 35 -20.92 -30.33 20.87
C THR B 35 -21.42 -31.47 19.98
N ARG B 36 -21.38 -32.73 20.45
CA ARG B 36 -21.97 -33.82 19.68
C ARG B 36 -23.49 -33.63 19.54
N ILE B 37 -24.16 -33.26 20.63
CA ILE B 37 -25.60 -32.98 20.53
C ILE B 37 -25.88 -31.90 19.48
N ILE B 38 -25.16 -30.77 19.59
CA ILE B 38 -25.27 -29.65 18.64
C ILE B 38 -25.03 -30.13 17.21
N TRP B 39 -24.02 -30.99 17.04
CA TRP B 39 -23.60 -31.45 15.73
C TRP B 39 -24.75 -32.16 15.02
N GLU B 40 -25.39 -33.09 15.75
CA GLU B 40 -26.54 -33.80 15.18
C GLU B 40 -27.70 -32.85 14.92
N LEU B 41 -27.97 -31.92 15.83
CA LEU B 41 -29.04 -30.94 15.57
C LEU B 41 -28.75 -30.12 14.30
N ILE B 42 -27.48 -29.75 14.07
CA ILE B 42 -27.14 -28.97 12.88
C ILE B 42 -27.40 -29.78 11.64
N LYS B 43 -26.95 -31.04 11.63
CA LYS B 43 -27.20 -31.91 10.48
C LYS B 43 -28.68 -32.12 10.25
N GLU B 44 -29.43 -32.33 11.32
CA GLU B 44 -30.84 -32.65 11.17
C GLU B 44 -31.65 -31.43 10.71
N LYS B 45 -31.35 -30.25 11.25
CA LYS B 45 -32.20 -29.11 11.00
C LYS B 45 -31.66 -28.18 9.93
N LEU B 46 -30.35 -28.14 9.73
CA LEU B 46 -29.77 -27.14 8.86
C LEU B 46 -29.11 -27.69 7.61
N ILE B 47 -28.58 -28.92 7.63
CA ILE B 47 -27.88 -29.40 6.46
C ILE B 47 -28.75 -30.37 5.66
N PHE B 48 -29.13 -31.48 6.28
CA PHE B 48 -29.76 -32.55 5.53
C PHE B 48 -31.10 -32.23 4.85
N PRO B 49 -31.96 -31.34 5.36
CA PRO B 49 -33.18 -31.03 4.57
C PRO B 49 -32.84 -30.42 3.21
N TYR B 50 -31.65 -29.86 3.05
CA TYR B 50 -31.30 -29.09 1.86
C TYR B 50 -30.15 -29.67 1.04
N VAL B 51 -29.32 -30.53 1.62
CA VAL B 51 -28.12 -31.01 0.94
C VAL B 51 -28.01 -32.52 1.17
N GLU B 52 -27.82 -33.26 0.09
CA GLU B 52 -27.48 -34.67 0.20
C GLU B 52 -25.97 -34.82 0.04
N LEU B 53 -25.36 -35.59 0.93
CA LEU B 53 -23.92 -35.71 1.00
C LEU B 53 -23.50 -37.17 0.91
N ASP B 54 -22.40 -37.42 0.20
CA ASP B 54 -21.67 -38.67 0.33
C ASP B 54 -20.77 -38.51 1.56
N LEU B 55 -21.37 -38.78 2.71
CA LEU B 55 -20.78 -38.47 4.01
C LEU B 55 -19.92 -39.65 4.49
N HIS B 56 -18.67 -39.37 4.84
CA HIS B 56 -17.75 -40.37 5.38
C HIS B 56 -17.52 -40.01 6.84
N SER B 57 -18.17 -40.75 7.75
CA SER B 57 -18.23 -40.35 9.14
C SER B 57 -17.25 -41.17 9.96
N TYR B 58 -16.45 -40.47 10.77
CA TYR B 58 -15.54 -41.09 11.72
C TYR B 58 -15.92 -40.59 13.11
N ASP B 59 -16.11 -41.54 14.04
CA ASP B 59 -16.50 -41.23 15.41
C ASP B 59 -15.22 -40.96 16.19
N LEU B 60 -14.90 -39.68 16.39
CA LEU B 60 -13.78 -39.32 17.24
C LEU B 60 -14.22 -39.02 18.67
N GLY B 61 -15.42 -39.46 19.04
CA GLY B 61 -15.78 -39.47 20.45
C GLY B 61 -14.74 -40.22 21.28
N ILE B 62 -14.60 -39.84 22.54
CA ILE B 62 -13.48 -40.33 23.34
C ILE B 62 -13.53 -41.86 23.44
N GLU B 63 -14.73 -42.43 23.50
CA GLU B 63 -14.83 -43.87 23.73
C GLU B 63 -14.42 -44.67 22.50
N ASN B 64 -14.68 -44.15 21.31
CA ASN B 64 -14.24 -44.85 20.11
C ASN B 64 -12.75 -44.64 19.84
N ARG B 65 -12.20 -43.48 20.16
CA ARG B 65 -10.75 -43.32 20.14
C ARG B 65 -10.09 -44.32 21.10
N ASP B 66 -10.64 -44.45 22.31
CA ASP B 66 -10.10 -45.43 23.25
C ASP B 66 -10.20 -46.85 22.68
N ALA B 67 -11.38 -47.22 22.15
CA ALA B 67 -11.56 -48.57 21.62
C ALA B 67 -10.58 -48.87 20.48
N THR B 68 -10.35 -47.90 19.58
CA THR B 68 -9.45 -48.14 18.45
C THR B 68 -8.01 -47.71 18.71
N ASN B 69 -7.64 -47.42 19.96
CA ASN B 69 -6.27 -47.01 20.29
C ASN B 69 -5.87 -45.79 19.46
N ASP B 70 -6.80 -44.86 19.27
CA ASP B 70 -6.63 -43.60 18.55
C ASP B 70 -6.44 -43.79 17.04
N GLN B 71 -6.54 -45.02 16.54
CA GLN B 71 -6.42 -45.26 15.10
C GLN B 71 -7.51 -44.55 14.30
N VAL B 72 -8.71 -44.37 14.87
CA VAL B 72 -9.79 -43.74 14.11
C VAL B 72 -9.42 -42.30 13.77
N THR B 73 -8.63 -41.64 14.61
CA THR B 73 -8.16 -40.29 14.32
C THR B 73 -7.25 -40.27 13.09
N LYS B 74 -6.33 -41.24 13.01
CA LYS B 74 -5.50 -41.37 11.82
C LYS B 74 -6.34 -41.69 10.59
N ASP B 75 -7.28 -42.61 10.73
CA ASP B 75 -8.14 -43.00 9.60
C ASP B 75 -8.90 -41.80 9.08
N ALA B 76 -9.38 -40.95 10.00
CA ALA B 76 -10.09 -39.75 9.58
C ALA B 76 -9.17 -38.83 8.80
N ALA B 77 -7.94 -38.66 9.28
CA ALA B 77 -7.00 -37.78 8.58
C ALA B 77 -6.72 -38.29 7.17
N GLU B 78 -6.50 -39.60 7.02
CA GLU B 78 -6.27 -40.19 5.70
C GLU B 78 -7.49 -40.00 4.80
N ALA B 79 -8.70 -40.16 5.36
CA ALA B 79 -9.90 -39.92 4.57
C ALA B 79 -9.94 -38.49 4.07
N ILE B 80 -9.49 -37.53 4.89
CA ILE B 80 -9.46 -36.13 4.47
C ILE B 80 -8.50 -35.97 3.30
N LYS B 81 -7.37 -36.67 3.34
CA LYS B 81 -6.48 -36.69 2.19
C LYS B 81 -7.20 -37.17 0.94
N LYS B 82 -7.99 -38.24 1.08
CA LYS B 82 -8.60 -38.83 -0.10
C LYS B 82 -9.71 -37.96 -0.68
N HIS B 83 -10.53 -37.34 0.17
CA HIS B 83 -11.71 -36.63 -0.32
C HIS B 83 -11.59 -35.10 -0.28
N ASN B 84 -10.53 -34.56 0.32
CA ASN B 84 -10.12 -33.15 0.29
C ASN B 84 -10.93 -32.24 1.21
N VAL B 85 -11.99 -32.71 1.87
CA VAL B 85 -12.83 -31.87 2.72
C VAL B 85 -13.12 -32.62 4.03
N GLY B 86 -12.78 -32.02 5.16
CA GLY B 86 -13.18 -32.56 6.46
C GLY B 86 -13.87 -31.51 7.31
N VAL B 87 -14.87 -31.96 8.07
CA VAL B 87 -15.55 -31.09 9.04
C VAL B 87 -15.53 -31.78 10.40
N LYS B 88 -15.00 -31.10 11.42
CA LYS B 88 -14.68 -31.73 12.69
C LYS B 88 -15.41 -31.05 13.84
N CYS B 89 -16.07 -31.87 14.65
CA CYS B 89 -16.71 -31.47 15.89
C CYS B 89 -15.69 -31.41 17.04
N ALA B 90 -15.96 -30.57 18.03
CA ALA B 90 -15.09 -30.50 19.19
C ALA B 90 -15.03 -31.86 19.88
N THR B 91 -13.88 -32.16 20.50
CA THR B 91 -13.63 -33.47 21.08
C THR B 91 -13.03 -33.32 22.47
N ILE B 92 -13.19 -34.35 23.31
CA ILE B 92 -12.53 -34.35 24.62
C ILE B 92 -11.03 -34.59 24.42
N THR B 93 -10.22 -33.71 24.98
CA THR B 93 -8.79 -33.95 25.17
C THR B 93 -8.60 -34.41 26.60
N PRO B 94 -8.34 -35.69 26.86
CA PRO B 94 -8.46 -36.20 28.24
C PRO B 94 -7.34 -35.70 29.14
N ASP B 95 -7.71 -35.46 30.40
CA ASP B 95 -6.77 -35.25 31.49
C ASP B 95 -6.94 -36.42 32.47
N GLU B 96 -6.36 -36.27 33.67
CA GLU B 96 -6.39 -37.37 34.65
C GLU B 96 -7.83 -37.76 35.00
N LYS B 97 -8.69 -36.75 35.23
CA LYS B 97 -10.10 -37.00 35.51
C LYS B 97 -10.79 -37.77 34.39
N ARG B 98 -10.49 -37.45 33.14
CA ARG B 98 -11.14 -38.17 32.05
C ARG B 98 -10.65 -39.61 31.97
N VAL B 99 -9.38 -39.84 32.27
CA VAL B 99 -8.87 -41.20 32.36
C VAL B 99 -9.69 -41.98 33.39
N GLU B 100 -9.97 -41.38 34.54
CA GLU B 100 -10.81 -42.06 35.53
C GLU B 100 -12.25 -42.23 35.03
N GLU B 101 -12.84 -41.16 34.48
CA GLU B 101 -14.26 -41.20 34.10
C GLU B 101 -14.54 -42.26 33.05
N PHE B 102 -13.62 -42.44 32.09
CA PHE B 102 -13.87 -43.37 30.98
C PHE B 102 -13.01 -44.62 31.08
N LYS B 103 -12.25 -44.80 32.15
CA LYS B 103 -11.31 -45.91 32.26
C LYS B 103 -10.49 -46.04 30.98
N LEU B 104 -9.87 -44.93 30.57
CA LEU B 104 -9.11 -44.88 29.33
C LEU B 104 -7.87 -45.77 29.38
N LYS B 105 -7.47 -46.26 28.22
CA LYS B 105 -6.21 -47.00 28.13
C LYS B 105 -5.00 -46.11 28.30
N GLN B 106 -5.17 -44.80 28.13
CA GLN B 106 -4.06 -43.86 28.04
C GLN B 106 -4.64 -42.44 28.00
N MET B 107 -3.90 -41.45 28.47
CA MET B 107 -4.40 -40.08 28.44
C MET B 107 -4.16 -39.57 27.01
N TRP B 108 -5.00 -40.04 26.10
CA TRP B 108 -4.82 -39.87 24.67
C TRP B 108 -4.50 -38.42 24.35
N LYS B 109 -3.65 -38.22 23.34
CA LYS B 109 -3.24 -36.87 22.96
C LYS B 109 -4.35 -36.20 22.17
N SER B 110 -4.28 -34.87 22.12
N SER B 110 -4.29 -34.88 22.14
CA SER B 110 -5.25 -34.07 21.41
CA SER B 110 -5.26 -34.07 21.40
C SER B 110 -5.38 -34.57 19.96
C SER B 110 -5.37 -34.57 19.97
N PRO B 111 -6.56 -34.97 19.51
CA PRO B 111 -6.70 -35.44 18.14
C PRO B 111 -6.40 -34.36 17.11
N ASN B 112 -6.61 -33.08 17.45
CA ASN B 112 -6.29 -32.01 16.51
C ASN B 112 -4.81 -32.02 16.17
N GLY B 113 -3.96 -32.24 17.18
CA GLY B 113 -2.53 -32.33 16.92
C GLY B 113 -2.17 -33.48 16.01
N THR B 114 -2.82 -34.63 16.21
CA THR B 114 -2.57 -35.79 15.35
C THR B 114 -3.01 -35.52 13.92
N ILE B 115 -4.24 -35.00 13.76
CA ILE B 115 -4.73 -34.68 12.42
C ILE B 115 -3.80 -33.70 11.74
N ARG B 116 -3.37 -32.66 12.47
CA ARG B 116 -2.55 -31.62 11.86
C ARG B 116 -1.16 -32.14 11.52
N ASN B 117 -0.54 -32.93 12.39
CA ASN B 117 0.75 -33.47 12.04
C ASN B 117 0.67 -34.44 10.86
N ILE B 118 -0.47 -35.10 10.64
CA ILE B 118 -0.61 -35.93 9.44
C ILE B 118 -0.85 -35.07 8.20
N LEU B 119 -1.83 -34.17 8.25
CA LEU B 119 -2.17 -33.39 7.06
C LEU B 119 -1.16 -32.26 6.79
N GLY B 120 -0.71 -31.57 7.83
CA GLY B 120 0.12 -30.40 7.64
C GLY B 120 -0.70 -29.20 7.20
N GLY B 121 -0.03 -28.05 7.15
CA GLY B 121 -0.63 -26.85 6.59
C GLY B 121 -0.69 -25.74 7.61
N THR B 122 -1.72 -24.90 7.48
CA THR B 122 -1.85 -23.68 8.26
C THR B 122 -3.29 -23.59 8.70
N VAL B 123 -3.54 -23.37 9.99
CA VAL B 123 -4.90 -23.16 10.48
C VAL B 123 -5.18 -21.67 10.47
N PHE B 124 -6.14 -21.25 9.66
CA PHE B 124 -6.51 -19.84 9.63
C PHE B 124 -7.68 -19.62 10.57
N ARG B 125 -7.53 -18.65 11.46
CA ARG B 125 -8.44 -18.41 12.57
C ARG B 125 -8.94 -16.97 12.47
N GLU B 126 -10.25 -16.80 12.62
CA GLU B 126 -10.79 -15.44 12.48
C GLU B 126 -12.08 -15.34 13.26
N ALA B 127 -12.29 -14.19 13.91
CA ALA B 127 -13.54 -13.99 14.63
C ALA B 127 -14.74 -14.00 13.68
N ILE B 128 -15.88 -14.43 14.22
CA ILE B 128 -17.17 -14.41 13.55
C ILE B 128 -17.89 -13.18 14.11
N ILE B 129 -18.00 -12.10 13.30
CA ILE B 129 -18.34 -10.78 13.82
C ILE B 129 -19.84 -10.55 13.72
N CYS B 130 -20.45 -10.19 14.84
CA CYS B 130 -21.83 -9.73 14.87
C CYS B 130 -21.83 -8.27 15.31
N LYS B 131 -22.65 -7.45 14.62
CA LYS B 131 -22.58 -6.01 14.83
C LYS B 131 -22.93 -5.63 16.26
N ASN B 132 -23.76 -6.43 16.94
CA ASN B 132 -24.24 -6.07 18.26
C ASN B 132 -23.48 -6.74 19.39
N ILE B 133 -22.45 -7.53 19.09
CA ILE B 133 -21.62 -8.15 20.13
C ILE B 133 -20.42 -7.22 20.36
N PRO B 134 -20.27 -6.62 21.53
CA PRO B 134 -19.23 -5.61 21.71
C PRO B 134 -17.85 -6.23 21.84
N ARG B 135 -16.85 -5.49 21.36
CA ARG B 135 -15.47 -5.90 21.53
C ARG B 135 -14.96 -5.55 22.93
N LEU B 136 -13.97 -6.31 23.38
CA LEU B 136 -13.21 -5.94 24.57
C LEU B 136 -12.04 -5.02 24.24
N VAL B 137 -11.54 -5.08 23.01
CA VAL B 137 -10.49 -4.19 22.52
C VAL B 137 -11.13 -3.15 21.63
N SER B 138 -11.03 -1.88 22.03
CA SER B 138 -11.82 -0.83 21.39
C SER B 138 -11.50 -0.71 19.91
N GLY B 139 -10.21 -0.68 19.56
CA GLY B 139 -9.80 -0.24 18.23
C GLY B 139 -9.92 -1.27 17.12
N TRP B 140 -10.22 -2.54 17.44
CA TRP B 140 -10.20 -3.61 16.44
C TRP B 140 -11.45 -3.54 15.54
N VAL B 141 -11.46 -2.52 14.66
CA VAL B 141 -12.62 -2.32 13.79
C VAL B 141 -12.56 -3.17 12.53
N LYS B 142 -11.44 -3.79 12.25
CA LYS B 142 -11.36 -4.74 11.15
C LYS B 142 -10.86 -6.06 11.71
N PRO B 143 -11.08 -7.17 11.00
CA PRO B 143 -10.67 -8.47 11.55
C PRO B 143 -9.16 -8.63 11.57
N ILE B 144 -8.70 -9.47 12.49
CA ILE B 144 -7.34 -9.98 12.50
C ILE B 144 -7.39 -11.45 12.16
N ILE B 145 -6.60 -11.88 11.18
CA ILE B 145 -6.62 -13.28 10.78
C ILE B 145 -5.29 -13.90 11.18
N ILE B 146 -5.33 -14.91 12.03
CA ILE B 146 -4.11 -15.61 12.41
C ILE B 146 -3.92 -16.81 11.50
N GLY B 147 -2.71 -16.96 10.97
CA GLY B 147 -2.35 -18.17 10.27
C GLY B 147 -1.38 -18.96 11.15
N GLN B 148 -1.87 -20.01 11.81
CA GLN B 148 -1.08 -20.81 12.74
C GLN B 148 -0.44 -21.97 11.99
N HIS B 149 0.87 -21.96 11.92
CA HIS B 149 1.57 -23.10 11.36
C HIS B 149 1.15 -24.35 12.12
N ALA B 150 0.64 -25.35 11.41
CA ALA B 150 -0.06 -26.46 12.04
C ALA B 150 0.84 -27.64 12.39
N TYR B 151 2.14 -27.55 12.12
CA TYR B 151 3.06 -28.68 12.18
C TYR B 151 4.25 -28.42 13.10
N GLY B 152 4.60 -29.42 13.90
CA GLY B 152 5.91 -29.41 14.56
C GLY B 152 5.97 -28.67 15.87
N ASP B 153 7.19 -28.33 16.26
CA ASP B 153 7.49 -27.55 17.48
C ASP B 153 6.93 -28.33 18.68
N GLN B 154 6.33 -27.61 19.65
CA GLN B 154 5.87 -28.21 20.90
C GLN B 154 4.91 -29.35 20.68
N TYR B 155 4.20 -29.35 19.55
CA TYR B 155 3.10 -30.28 19.30
C TYR B 155 3.58 -31.59 18.71
N ARG B 156 4.87 -31.74 18.46
CA ARG B 156 5.42 -33.03 18.07
C ARG B 156 6.77 -33.21 18.70
N ALA B 157 6.90 -32.74 19.94
CA ALA B 157 8.15 -32.75 20.67
C ALA B 157 8.24 -34.03 21.50
N THR B 158 9.39 -34.23 22.14
CA THR B 158 9.53 -35.32 23.08
C THR B 158 10.13 -34.72 24.35
N ASP B 159 9.40 -34.84 25.46
CA ASP B 159 9.80 -34.21 26.71
C ASP B 159 9.85 -35.27 27.81
N PHE B 160 10.72 -35.06 28.78
CA PHE B 160 10.96 -36.08 29.79
C PHE B 160 11.50 -35.42 31.05
N VAL B 161 11.29 -36.11 32.16
CA VAL B 161 11.84 -35.74 33.46
C VAL B 161 13.29 -36.18 33.53
N VAL B 162 14.15 -35.32 34.05
CA VAL B 162 15.54 -35.66 34.34
C VAL B 162 15.61 -36.02 35.82
N PRO B 163 15.87 -37.28 36.18
CA PRO B 163 15.69 -37.70 37.58
C PRO B 163 16.81 -37.25 38.52
N GLY B 164 17.93 -36.77 37.99
CA GLY B 164 19.06 -36.34 38.78
C GLY B 164 20.23 -35.98 37.90
N PRO B 165 21.42 -35.82 38.51
CA PRO B 165 22.60 -35.40 37.74
C PRO B 165 22.89 -36.28 36.54
N GLY B 166 23.38 -35.65 35.49
CA GLY B 166 23.70 -36.32 34.23
C GLY B 166 23.61 -35.35 33.07
N LYS B 167 24.05 -35.82 31.91
CA LYS B 167 24.17 -34.99 30.73
C LYS B 167 22.97 -35.22 29.81
N VAL B 168 22.34 -34.12 29.38
CA VAL B 168 21.39 -34.16 28.27
C VAL B 168 22.11 -33.57 27.06
N GLU B 169 22.15 -34.36 25.98
CA GLU B 169 22.78 -33.99 24.73
C GLU B 169 21.79 -34.23 23.59
N ILE B 170 21.96 -33.47 22.51
CA ILE B 170 21.13 -33.62 21.32
C ILE B 170 22.07 -33.86 20.15
N THR B 171 21.74 -34.86 19.33
CA THR B 171 22.66 -35.36 18.34
C THR B 171 21.97 -35.42 16.99
N TYR B 172 22.69 -35.01 15.96
CA TYR B 172 22.26 -35.13 14.57
C TYR B 172 23.16 -36.14 13.88
N THR B 173 22.56 -37.15 13.26
CA THR B 173 23.33 -38.19 12.57
C THR B 173 23.03 -38.11 11.09
N PRO B 174 23.93 -37.55 10.28
CA PRO B 174 23.64 -37.43 8.84
C PRO B 174 23.31 -38.78 8.23
N SER B 175 22.30 -38.79 7.36
CA SER B 175 21.87 -40.02 6.73
C SER B 175 22.92 -40.55 5.75
N ASP B 176 23.74 -39.67 5.18
CA ASP B 176 24.74 -40.06 4.21
C ASP B 176 25.97 -40.71 4.84
N GLY B 177 26.01 -40.83 6.17
CA GLY B 177 27.11 -41.49 6.84
C GLY B 177 28.28 -40.61 7.23
N THR B 178 28.23 -39.31 6.94
CA THR B 178 29.24 -38.39 7.46
C THR B 178 29.09 -38.23 8.98
N GLN B 179 30.03 -37.52 9.58
CA GLN B 179 30.14 -37.52 11.04
C GLN B 179 28.92 -36.90 11.71
N LYS B 180 28.45 -37.57 12.75
CA LYS B 180 27.39 -37.02 13.57
C LYS B 180 27.91 -35.80 14.34
N VAL B 181 26.98 -34.92 14.70
CA VAL B 181 27.32 -33.74 15.50
C VAL B 181 26.50 -33.82 16.76
N THR B 182 27.15 -33.59 17.91
CA THR B 182 26.53 -33.69 19.21
C THR B 182 26.66 -32.36 19.95
N TYR B 183 25.55 -31.87 20.49
CA TYR B 183 25.54 -30.63 21.25
C TYR B 183 25.13 -30.90 22.70
N LEU B 184 25.81 -30.24 23.63
CA LEU B 184 25.46 -30.29 25.04
C LEU B 184 24.21 -29.44 25.28
N VAL B 185 23.14 -30.07 25.73
CA VAL B 185 21.97 -29.29 26.11
C VAL B 185 22.15 -28.78 27.53
N HIS B 186 22.54 -29.67 28.45
CA HIS B 186 22.79 -29.25 29.82
C HIS B 186 23.42 -30.38 30.61
N ASN B 187 24.42 -30.06 31.42
CA ASN B 187 24.95 -31.00 32.42
C ASN B 187 24.27 -30.67 33.75
N PHE B 188 23.34 -31.53 34.19
CA PHE B 188 22.73 -31.37 35.51
C PHE B 188 23.72 -31.85 36.56
N GLU B 189 24.26 -30.93 37.36
CA GLU B 189 25.18 -31.29 38.43
C GLU B 189 24.60 -31.21 39.84
N GLU B 190 23.45 -30.57 40.01
CA GLU B 190 22.93 -30.28 41.34
C GLU B 190 21.57 -30.91 41.64
N GLY B 191 21.00 -31.64 40.70
CA GLY B 191 19.67 -32.16 40.89
C GLY B 191 19.10 -32.59 39.54
N GLY B 192 17.78 -32.73 39.51
CA GLY B 192 17.06 -33.08 38.31
C GLY B 192 16.30 -31.92 37.72
N GLY B 193 15.38 -32.23 36.83
CA GLY B 193 14.59 -31.20 36.19
C GLY B 193 13.81 -31.79 35.05
N VAL B 194 13.73 -31.09 33.91
CA VAL B 194 13.02 -31.54 32.73
C VAL B 194 13.87 -31.19 31.52
N ALA B 195 13.68 -31.94 30.44
CA ALA B 195 14.26 -31.55 29.17
C ALA B 195 13.31 -31.93 28.04
N MET B 196 13.60 -31.42 26.85
CA MET B 196 12.73 -31.70 25.71
C MET B 196 13.48 -31.44 24.41
N GLY B 197 13.16 -32.22 23.39
CA GLY B 197 13.60 -31.97 22.04
C GLY B 197 12.40 -31.65 21.14
N MET B 198 12.65 -30.84 20.11
CA MET B 198 11.58 -30.49 19.19
C MET B 198 12.23 -30.07 17.88
N TYR B 199 11.41 -29.96 16.83
CA TYR B 199 11.97 -29.79 15.50
C TYR B 199 10.90 -29.19 14.59
N ASN B 200 11.35 -28.79 13.39
CA ASN B 200 10.44 -28.51 12.29
C ASN B 200 11.16 -28.80 10.98
N GLN B 201 10.40 -28.75 9.87
CA GLN B 201 10.89 -29.20 8.57
C GLN B 201 10.85 -28.03 7.59
N ASP B 202 11.86 -27.97 6.72
CA ASP B 202 11.94 -26.89 5.75
C ASP B 202 10.69 -26.85 4.88
N LYS B 203 10.33 -27.98 4.28
CA LYS B 203 9.17 -28.03 3.40
C LYS B 203 7.91 -27.54 4.10
N SER B 204 7.71 -27.95 5.35
CA SER B 204 6.55 -27.47 6.10
C SER B 204 6.58 -25.96 6.28
N ILE B 205 7.76 -25.40 6.59
CA ILE B 205 7.87 -23.96 6.78
C ILE B 205 7.59 -23.23 5.48
N GLU B 206 8.10 -23.76 4.37
CA GLU B 206 7.83 -23.18 3.06
C GLU B 206 6.33 -23.15 2.75
N ASP B 207 5.64 -24.29 2.94
CA ASP B 207 4.18 -24.32 2.79
C ASP B 207 3.50 -23.26 3.65
N PHE B 208 3.97 -23.10 4.90
CA PHE B 208 3.43 -22.10 5.82
C PHE B 208 3.60 -20.67 5.27
N ALA B 209 4.79 -20.38 4.73
CA ALA B 209 5.03 -19.07 4.13
C ALA B 209 4.10 -18.86 2.93
N HIS B 210 4.01 -19.85 2.05
CA HIS B 210 3.17 -19.74 0.86
C HIS B 210 1.72 -19.47 1.24
N SER B 211 1.20 -20.24 2.20
CA SER B 211 -0.19 -20.03 2.61
C SER B 211 -0.40 -18.65 3.21
N SER B 212 0.60 -18.13 3.91
CA SER B 212 0.48 -16.80 4.52
C SER B 212 0.50 -15.68 3.47
N PHE B 213 1.46 -15.72 2.56
CA PHE B 213 1.52 -14.71 1.51
C PHE B 213 0.26 -14.73 0.66
N GLN B 214 -0.21 -15.94 0.34
CA GLN B 214 -1.39 -16.06 -0.51
C GLN B 214 -2.64 -15.57 0.20
N MET B 215 -2.73 -15.79 1.53
CA MET B 215 -3.92 -15.31 2.21
C MET B 215 -3.92 -13.78 2.26
N ALA B 216 -2.76 -13.18 2.56
CA ALA B 216 -2.69 -11.72 2.55
C ALA B 216 -3.05 -11.14 1.19
N LEU B 217 -2.49 -11.72 0.12
CA LEU B 217 -2.78 -11.19 -1.22
C LEU B 217 -4.25 -11.39 -1.58
N SER B 218 -4.85 -12.50 -1.13
CA SER B 218 -6.26 -12.72 -1.38
C SER B 218 -7.11 -11.69 -0.64
N LYS B 219 -6.68 -11.25 0.53
CA LYS B 219 -7.46 -10.28 1.27
C LYS B 219 -7.10 -8.83 0.96
N GLY B 220 -5.97 -8.58 0.31
CA GLY B 220 -5.49 -7.21 0.20
C GLY B 220 -5.05 -6.60 1.51
N TRP B 221 -4.51 -7.39 2.43
CA TRP B 221 -4.07 -6.88 3.72
C TRP B 221 -2.57 -7.15 3.90
N PRO B 222 -1.89 -6.38 4.74
CA PRO B 222 -0.48 -6.68 5.04
C PRO B 222 -0.36 -7.97 5.84
N LEU B 223 0.87 -8.49 5.86
CA LEU B 223 1.23 -9.73 6.53
C LEU B 223 2.39 -9.48 7.49
N TYR B 224 2.29 -10.05 8.70
CA TYR B 224 3.39 -10.04 9.66
C TYR B 224 3.64 -11.47 10.11
N LEU B 225 4.91 -11.88 10.17
CA LEU B 225 5.30 -13.14 10.80
C LEU B 225 5.99 -12.82 12.12
N SER B 226 5.55 -13.46 13.20
CA SER B 226 6.23 -13.29 14.49
C SER B 226 7.18 -14.45 14.76
N THR B 227 8.38 -14.15 15.29
CA THR B 227 9.27 -15.17 15.81
C THR B 227 10.02 -14.60 17.01
N LYS B 228 10.90 -15.43 17.58
CA LYS B 228 11.77 -14.98 18.68
C LYS B 228 13.22 -15.23 18.24
N ASN B 229 13.56 -14.81 17.02
CA ASN B 229 14.86 -15.13 16.45
C ASN B 229 16.01 -14.39 17.13
N THR B 230 15.73 -13.41 17.99
CA THR B 230 16.83 -12.86 18.80
C THR B 230 17.36 -13.91 19.78
N ILE B 231 16.51 -14.81 20.25
CA ILE B 231 16.90 -15.84 21.21
C ILE B 231 17.17 -17.15 20.52
N LEU B 232 16.25 -17.59 19.66
CA LEU B 232 16.42 -18.82 18.92
C LEU B 232 16.95 -18.46 17.53
N LYS B 233 18.25 -18.14 17.49
CA LYS B 233 18.82 -17.54 16.28
C LYS B 233 18.82 -18.52 15.13
N LYS B 234 19.04 -19.80 15.41
CA LYS B 234 19.00 -20.79 14.34
C LYS B 234 17.58 -21.25 14.06
N TYR B 235 16.84 -21.60 15.12
CA TYR B 235 15.53 -22.24 14.97
C TYR B 235 14.51 -21.27 14.38
N ASP B 236 14.36 -20.09 15.00
CA ASP B 236 13.39 -19.14 14.48
C ASP B 236 13.95 -18.36 13.31
N GLY B 237 15.29 -18.19 13.25
CA GLY B 237 15.91 -17.59 12.09
C GLY B 237 15.63 -18.35 10.81
N ARG B 238 15.40 -19.66 10.91
CA ARG B 238 15.04 -20.44 9.74
C ARG B 238 13.67 -20.02 9.20
N PHE B 239 12.70 -19.80 10.09
CA PHE B 239 11.39 -19.30 9.70
C PHE B 239 11.53 -17.93 9.04
N LYS B 240 12.28 -17.04 9.70
CA LYS B 240 12.49 -15.69 9.19
C LYS B 240 13.11 -15.72 7.80
N ASP B 241 14.21 -16.48 7.63
CA ASP B 241 14.90 -16.56 6.35
C ASP B 241 14.03 -17.17 5.26
N ILE B 242 13.26 -18.23 5.58
CA ILE B 242 12.47 -18.87 4.52
C ILE B 242 11.34 -17.95 4.07
N PHE B 243 10.69 -17.27 5.02
CA PHE B 243 9.69 -16.28 4.62
C PHE B 243 10.31 -15.19 3.76
N GLN B 244 11.47 -14.66 4.17
CA GLN B 244 12.03 -13.55 3.41
C GLN B 244 12.45 -13.98 2.02
N GLU B 245 13.08 -15.14 1.88
CA GLU B 245 13.50 -15.54 0.54
C GLU B 245 12.29 -15.86 -0.34
N ILE B 246 11.22 -16.42 0.24
CA ILE B 246 10.05 -16.69 -0.59
C ILE B 246 9.38 -15.37 -0.99
N TYR B 247 9.30 -14.42 -0.05
CA TYR B 247 8.75 -13.10 -0.38
C TYR B 247 9.53 -12.43 -1.50
N ASP B 248 10.86 -12.41 -1.39
CA ASP B 248 11.65 -11.77 -2.43
C ASP B 248 11.52 -12.51 -3.77
N LYS B 249 11.44 -13.85 -3.71
CA LYS B 249 11.37 -14.65 -4.92
C LYS B 249 10.07 -14.44 -5.68
N GLN B 250 8.92 -14.45 -4.98
CA GLN B 250 7.65 -14.67 -5.67
C GLN B 250 6.55 -13.65 -5.36
N TYR B 251 6.55 -13.04 -4.18
CA TYR B 251 5.35 -12.34 -3.72
C TYR B 251 5.50 -10.84 -3.58
N LYS B 252 6.73 -10.32 -3.49
CA LYS B 252 6.93 -8.91 -3.19
C LYS B 252 6.22 -8.01 -4.20
N SER B 253 6.43 -8.26 -5.51
CA SER B 253 5.80 -7.38 -6.49
C SER B 253 4.27 -7.49 -6.43
N GLN B 254 3.75 -8.63 -5.96
CA GLN B 254 2.30 -8.79 -5.81
C GLN B 254 1.77 -7.93 -4.66
N PHE B 255 2.51 -7.93 -3.55
CA PHE B 255 2.16 -7.05 -2.44
C PHE B 255 2.24 -5.58 -2.86
N GLU B 256 3.33 -5.21 -3.54
CA GLU B 256 3.47 -3.84 -3.98
C GLU B 256 2.34 -3.43 -4.91
N ALA B 257 1.92 -4.33 -5.80
CA ALA B 257 0.81 -4.00 -6.71
C ALA B 257 -0.49 -3.80 -5.96
N GLN B 258 -0.62 -4.40 -4.77
CA GLN B 258 -1.80 -4.12 -3.95
C GLN B 258 -1.53 -3.11 -2.83
N LYS B 259 -0.38 -2.44 -2.85
CA LYS B 259 -0.04 -1.41 -1.87
C LYS B 259 0.01 -1.94 -0.43
N ILE B 260 0.37 -3.22 -0.26
CA ILE B 260 0.51 -3.80 1.06
C ILE B 260 1.97 -4.21 1.27
N TRP B 261 2.25 -4.91 2.37
CA TRP B 261 3.63 -5.25 2.70
C TRP B 261 3.65 -6.49 3.57
N TYR B 262 4.83 -7.12 3.63
CA TYR B 262 5.11 -8.19 4.56
C TYR B 262 6.28 -7.77 5.44
N GLU B 263 6.17 -7.99 6.76
CA GLU B 263 7.27 -7.67 7.66
C GLU B 263 7.41 -8.71 8.75
N HIS B 264 8.65 -9.06 9.08
CA HIS B 264 8.93 -9.89 10.22
C HIS B 264 8.91 -9.03 11.50
N ARG B 265 8.31 -9.58 12.56
CA ARG B 265 8.30 -8.92 13.86
C ARG B 265 8.70 -9.90 14.95
N LEU B 266 9.42 -9.39 15.95
CA LEU B 266 9.57 -10.12 17.20
C LEU B 266 8.19 -10.36 17.81
N ILE B 267 7.98 -11.56 18.35
CA ILE B 267 6.69 -11.89 18.94
C ILE B 267 6.28 -10.88 20.03
N ASP B 268 7.24 -10.42 20.85
CA ASP B 268 6.92 -9.43 21.88
C ASP B 268 6.30 -8.18 21.25
N ASP B 269 7.01 -7.61 20.28
CA ASP B 269 6.54 -6.45 19.56
C ASP B 269 5.22 -6.73 18.88
N MET B 270 5.09 -7.90 18.28
CA MET B 270 3.89 -8.19 17.51
C MET B 270 2.65 -8.26 18.38
N VAL B 271 2.76 -8.84 19.57
CA VAL B 271 1.55 -8.90 20.39
C VAL B 271 1.17 -7.51 20.88
N ALA B 272 2.15 -6.68 21.23
CA ALA B 272 1.81 -5.30 21.59
C ALA B 272 1.20 -4.54 20.40
N GLN B 273 1.83 -4.65 19.22
CA GLN B 273 1.36 -3.97 18.01
C GLN B 273 -0.04 -4.42 17.63
N ALA B 274 -0.31 -5.73 17.77
CA ALA B 274 -1.64 -6.25 17.50
C ALA B 274 -2.65 -5.66 18.45
N MET B 275 -2.30 -5.59 19.74
CA MET B 275 -3.24 -5.08 20.72
C MET B 275 -3.56 -3.63 20.42
N LYS B 276 -2.55 -2.87 19.96
CA LYS B 276 -2.71 -1.45 19.68
C LYS B 276 -3.35 -1.16 18.32
N SER B 277 -3.48 -2.16 17.45
CA SER B 277 -3.79 -1.92 16.05
C SER B 277 -5.28 -1.66 15.83
N GLU B 278 -5.62 -1.44 14.57
CA GLU B 278 -7.01 -1.35 14.11
C GLU B 278 -7.50 -2.65 13.51
N GLY B 279 -6.72 -3.73 13.62
CA GLY B 279 -7.05 -4.93 12.89
C GLY B 279 -6.75 -4.73 11.41
N GLY B 280 -7.23 -5.68 10.62
CA GLY B 280 -7.02 -5.58 9.19
C GLY B 280 -5.67 -6.09 8.72
N PHE B 281 -5.16 -7.16 9.31
CA PHE B 281 -3.92 -7.74 8.83
C PHE B 281 -3.95 -9.26 9.02
N ILE B 282 -3.01 -9.94 8.32
CA ILE B 282 -2.73 -11.35 8.52
C ILE B 282 -1.54 -11.47 9.46
N TRP B 283 -1.61 -12.41 10.39
CA TRP B 283 -0.57 -12.63 11.41
C TRP B 283 -0.15 -14.10 11.29
N ALA B 284 0.94 -14.34 10.57
CA ALA B 284 1.58 -15.65 10.55
C ALA B 284 2.23 -15.93 11.91
N CYS B 285 1.78 -17.01 12.55
CA CYS B 285 2.27 -17.43 13.87
C CYS B 285 2.85 -18.84 13.79
N LYS B 286 4.01 -19.02 14.40
CA LYS B 286 4.43 -20.40 14.72
C LYS B 286 3.32 -21.12 15.48
N ASN B 287 3.37 -22.46 15.46
CA ASN B 287 2.33 -23.31 16.01
C ASN B 287 1.85 -22.84 17.38
N TYR B 288 2.78 -22.78 18.35
CA TYR B 288 2.40 -22.44 19.71
C TYR B 288 1.87 -21.01 19.82
N ASP B 289 2.51 -20.05 19.14
CA ASP B 289 2.05 -18.67 19.24
C ASP B 289 0.67 -18.50 18.63
N GLY B 290 0.37 -19.21 17.54
CA GLY B 290 -0.96 -19.07 16.96
C GLY B 290 -2.01 -19.70 17.84
N ASP B 291 -1.68 -20.87 18.42
CA ASP B 291 -2.54 -21.50 19.42
C ASP B 291 -2.89 -20.53 20.54
N VAL B 292 -1.89 -19.88 21.13
CA VAL B 292 -2.13 -19.06 22.33
C VAL B 292 -2.69 -17.68 21.96
N GLN B 293 -2.11 -17.01 20.96
CA GLN B 293 -2.53 -15.66 20.64
C GLN B 293 -3.94 -15.61 20.05
N SER B 294 -4.37 -16.67 19.34
CA SER B 294 -5.73 -16.67 18.84
C SER B 294 -6.77 -16.70 19.95
N ASP B 295 -6.43 -17.20 21.15
CA ASP B 295 -7.32 -17.07 22.29
C ASP B 295 -7.52 -15.60 22.68
N SER B 296 -6.43 -14.84 22.69
CA SER B 296 -6.51 -13.42 23.03
C SER B 296 -7.28 -12.66 21.96
N VAL B 297 -7.03 -12.99 20.69
CA VAL B 297 -7.77 -12.33 19.62
C VAL B 297 -9.25 -12.73 19.68
N ALA B 298 -9.55 -14.02 19.86
CA ALA B 298 -10.94 -14.47 19.94
C ALA B 298 -11.68 -13.77 21.08
N GLN B 299 -11.06 -13.68 22.26
CA GLN B 299 -11.70 -13.01 23.39
C GLN B 299 -11.78 -11.49 23.20
N GLY B 300 -10.79 -10.90 22.55
CA GLY B 300 -10.79 -9.45 22.37
C GLY B 300 -11.90 -8.95 21.45
N TYR B 301 -12.35 -9.80 20.52
CA TYR B 301 -13.46 -9.42 19.64
C TYR B 301 -14.81 -9.63 20.29
N GLY B 302 -14.87 -10.21 21.49
CA GLY B 302 -16.10 -10.30 22.25
C GLY B 302 -16.41 -11.65 22.86
N SER B 303 -16.20 -12.72 22.11
CA SER B 303 -16.63 -14.04 22.54
C SER B 303 -15.60 -15.07 22.12
N LEU B 304 -15.11 -15.86 23.08
CA LEU B 304 -14.06 -16.83 22.82
C LEU B 304 -14.46 -17.83 21.74
N GLY B 305 -15.71 -18.29 21.76
CA GLY B 305 -16.12 -19.35 20.85
C GLY B 305 -16.45 -18.92 19.44
N MET B 306 -16.67 -17.61 19.22
CA MET B 306 -17.05 -17.08 17.91
C MET B 306 -15.83 -16.91 17.01
N MET B 307 -15.33 -18.06 16.56
CA MET B 307 -14.16 -18.16 15.72
C MET B 307 -14.40 -19.17 14.61
N THR B 308 -13.83 -18.90 13.44
CA THR B 308 -13.60 -19.91 12.42
C THR B 308 -12.17 -20.44 12.55
N SER B 309 -12.00 -21.72 12.22
N SER B 309 -12.01 -21.72 12.21
CA SER B 309 -10.71 -22.39 12.29
CA SER B 309 -10.72 -22.39 12.30
C SER B 309 -10.65 -23.38 11.15
C SER B 309 -10.64 -23.38 11.16
N VAL B 310 -9.83 -23.07 10.14
CA VAL B 310 -9.80 -23.83 8.89
C VAL B 310 -8.35 -24.20 8.58
N LEU B 311 -8.03 -25.49 8.64
CA LEU B 311 -6.72 -25.99 8.23
C LEU B 311 -6.66 -26.04 6.71
N VAL B 312 -5.73 -25.28 6.14
CA VAL B 312 -5.46 -25.22 4.70
C VAL B 312 -4.16 -25.98 4.46
N CYS B 313 -4.28 -27.13 3.78
CA CYS B 313 -3.22 -28.08 3.61
C CYS B 313 -2.30 -27.71 2.46
N PRO B 314 -1.06 -28.20 2.46
CA PRO B 314 -0.07 -27.72 1.49
C PRO B 314 -0.41 -28.03 0.04
N ASP B 315 -1.28 -29.00 -0.23
CA ASP B 315 -1.58 -29.35 -1.62
C ASP B 315 -2.47 -28.33 -2.32
N GLY B 316 -2.95 -27.31 -1.63
CA GLY B 316 -3.84 -26.36 -2.27
C GLY B 316 -5.22 -26.86 -2.62
N LYS B 317 -5.56 -28.11 -2.28
CA LYS B 317 -6.89 -28.67 -2.57
C LYS B 317 -7.64 -29.17 -1.35
N THR B 318 -6.95 -29.46 -0.26
CA THR B 318 -7.50 -30.14 0.91
C THR B 318 -7.68 -29.17 2.07
N VAL B 319 -8.85 -29.23 2.71
CA VAL B 319 -9.22 -28.32 3.79
C VAL B 319 -9.90 -29.14 4.89
N GLU B 320 -9.66 -28.75 6.16
CA GLU B 320 -10.37 -29.30 7.31
C GLU B 320 -10.89 -28.15 8.16
N ALA B 321 -12.20 -28.04 8.32
CA ALA B 321 -12.77 -26.96 9.12
C ALA B 321 -13.26 -27.55 10.44
N GLU B 322 -13.08 -26.81 11.54
CA GLU B 322 -13.44 -27.39 12.82
C GLU B 322 -14.02 -26.32 13.74
N ALA B 323 -14.76 -26.79 14.76
CA ALA B 323 -15.10 -25.94 15.89
C ALA B 323 -13.94 -25.97 16.88
N ALA B 324 -13.47 -24.79 17.27
CA ALA B 324 -12.24 -24.69 18.04
C ALA B 324 -12.46 -24.64 19.56
N HIS B 325 -13.63 -24.27 20.02
CA HIS B 325 -13.94 -24.25 21.44
C HIS B 325 -14.13 -25.69 21.95
N GLY B 326 -14.53 -25.82 23.24
CA GLY B 326 -14.67 -27.11 23.87
C GLY B 326 -16.05 -27.72 23.75
N THR B 327 -16.21 -28.87 24.42
CA THR B 327 -17.38 -29.71 24.30
C THR B 327 -18.52 -29.30 25.25
N VAL B 328 -18.37 -28.19 25.97
CA VAL B 328 -19.36 -27.61 26.88
C VAL B 328 -19.91 -28.65 27.86
N THR B 329 -19.02 -29.23 28.67
CA THR B 329 -19.34 -30.35 29.55
C THR B 329 -20.51 -30.06 30.49
N ARG B 330 -20.55 -28.87 31.08
CA ARG B 330 -21.59 -28.54 32.06
C ARG B 330 -22.97 -28.53 31.41
N HIS B 331 -23.07 -27.97 30.19
CA HIS B 331 -24.33 -28.04 29.46
C HIS B 331 -24.69 -29.49 29.18
N TYR B 332 -23.71 -30.29 28.73
CA TYR B 332 -23.99 -31.69 28.46
C TYR B 332 -24.59 -32.39 29.69
N ARG B 333 -24.07 -32.10 30.88
CA ARG B 333 -24.58 -32.76 32.09
C ARG B 333 -26.02 -32.37 32.38
N MET B 334 -26.29 -31.07 32.26
CA MET B 334 -27.68 -30.60 32.32
C MET B 334 -28.55 -31.33 31.30
N TYR B 335 -28.09 -31.40 30.05
CA TYR B 335 -28.87 -32.02 28.98
C TYR B 335 -29.12 -33.49 29.29
N GLN B 336 -28.11 -34.16 29.84
CA GLN B 336 -28.24 -35.56 30.19
C GLN B 336 -29.23 -35.77 31.33
N LYS B 337 -29.54 -34.70 32.07
CA LYS B 337 -30.59 -34.77 33.09
C LYS B 337 -31.91 -34.15 32.61
N GLY B 338 -32.09 -33.97 31.31
CA GLY B 338 -33.31 -33.36 30.81
C GLY B 338 -33.52 -31.92 31.20
N GLN B 339 -32.47 -31.18 31.49
CA GLN B 339 -32.59 -29.76 31.81
C GLN B 339 -32.28 -28.88 30.61
N GLU B 340 -32.88 -27.68 30.62
CA GLU B 340 -32.71 -26.70 29.58
C GLU B 340 -31.27 -26.18 29.56
N THR B 341 -30.72 -26.00 28.35
CA THR B 341 -29.43 -25.37 28.13
C THR B 341 -29.54 -24.32 27.04
N SER B 342 -28.54 -23.42 27.00
CA SER B 342 -28.45 -22.44 25.92
C SER B 342 -27.04 -22.50 25.37
N THR B 343 -26.83 -23.41 24.43
CA THR B 343 -25.51 -23.74 23.91
C THR B 343 -25.34 -23.12 22.52
N ASN B 344 -24.31 -22.30 22.37
CA ASN B 344 -24.05 -21.58 21.12
C ASN B 344 -23.54 -22.55 20.06
N PRO B 345 -24.25 -22.73 18.95
CA PRO B 345 -23.78 -23.62 17.88
C PRO B 345 -23.02 -22.95 16.76
N ILE B 346 -22.73 -21.64 16.86
CA ILE B 346 -22.24 -20.89 15.71
C ILE B 346 -20.92 -21.46 15.17
N ALA B 347 -19.97 -21.74 16.08
CA ALA B 347 -18.67 -22.24 15.64
C ALA B 347 -18.82 -23.57 14.90
N SER B 348 -19.70 -24.44 15.38
CA SER B 348 -19.94 -25.73 14.71
C SER B 348 -20.65 -25.54 13.37
N ILE B 349 -21.61 -24.63 13.31
CA ILE B 349 -22.26 -24.32 12.04
C ILE B 349 -21.23 -23.83 11.03
N PHE B 350 -20.30 -22.98 11.47
CA PHE B 350 -19.34 -22.42 10.53
C PHE B 350 -18.31 -23.47 10.13
N ALA B 351 -18.03 -24.44 10.98
CA ALA B 351 -17.25 -25.58 10.51
C ALA B 351 -17.93 -26.21 9.31
N TRP B 352 -19.24 -26.44 9.41
CA TRP B 352 -19.95 -27.02 8.27
C TRP B 352 -19.95 -26.09 7.04
N THR B 353 -20.21 -24.80 7.23
CA THR B 353 -20.30 -23.91 6.06
C THR B 353 -18.95 -23.71 5.38
N ARG B 354 -17.87 -23.53 6.15
CA ARG B 354 -16.56 -23.41 5.54
C ARG B 354 -16.16 -24.68 4.80
N GLY B 355 -16.47 -25.85 5.39
CA GLY B 355 -16.19 -27.10 4.69
C GLY B 355 -16.98 -27.23 3.40
N LEU B 356 -18.29 -26.91 3.45
CA LEU B 356 -19.13 -27.07 2.27
C LEU B 356 -18.79 -26.03 1.21
N ALA B 357 -18.30 -24.85 1.62
CA ALA B 357 -17.89 -23.84 0.66
C ALA B 357 -16.64 -24.28 -0.09
N HIS B 358 -15.70 -24.92 0.62
CA HIS B 358 -14.56 -25.47 -0.10
C HIS B 358 -14.97 -26.65 -0.98
N ARG B 359 -15.86 -27.50 -0.50
CA ARG B 359 -16.41 -28.55 -1.35
C ARG B 359 -16.96 -27.96 -2.66
N ALA B 360 -17.79 -26.91 -2.54
CA ALA B 360 -18.43 -26.32 -3.71
C ALA B 360 -17.40 -25.70 -4.65
N LYS B 361 -16.36 -25.06 -4.09
CA LYS B 361 -15.29 -24.50 -4.91
C LYS B 361 -14.56 -25.59 -5.68
N LEU B 362 -14.21 -26.68 -5.01
CA LEU B 362 -13.58 -27.81 -5.68
C LEU B 362 -14.47 -28.36 -6.80
N ASP B 363 -15.79 -28.37 -6.60
CA ASP B 363 -16.72 -29.02 -7.52
C ASP B 363 -17.37 -28.08 -8.53
N ASN B 364 -17.07 -26.77 -8.49
CA ASN B 364 -17.82 -25.74 -9.22
C ASN B 364 -19.33 -25.89 -8.99
N ASN B 365 -19.69 -26.19 -7.75
CA ASN B 365 -21.09 -26.38 -7.36
C ASN B 365 -21.65 -25.03 -6.93
N LYS B 366 -22.38 -24.37 -7.83
CA LYS B 366 -22.91 -23.05 -7.52
C LYS B 366 -24.04 -23.11 -6.50
N GLU B 367 -24.85 -24.17 -6.57
CA GLU B 367 -25.93 -24.37 -5.60
C GLU B 367 -25.37 -24.54 -4.19
N LEU B 368 -24.38 -25.42 -4.04
CA LEU B 368 -23.77 -25.64 -2.73
C LEU B 368 -23.12 -24.37 -2.20
N ALA B 369 -22.43 -23.61 -3.06
CA ALA B 369 -21.77 -22.39 -2.62
C ALA B 369 -22.80 -21.36 -2.15
N PHE B 370 -23.86 -21.17 -2.93
CA PHE B 370 -24.93 -20.30 -2.48
C PHE B 370 -25.48 -20.76 -1.13
N PHE B 371 -25.69 -22.07 -0.97
CA PHE B 371 -26.24 -22.56 0.29
C PHE B 371 -25.33 -22.23 1.47
N ALA B 372 -24.04 -22.55 1.34
CA ALA B 372 -23.11 -22.38 2.46
C ALA B 372 -23.05 -20.92 2.90
N ASN B 373 -22.90 -20.02 1.92
CA ASN B 373 -22.89 -18.60 2.25
C ASN B 373 -24.22 -18.18 2.86
N ALA B 374 -25.33 -18.69 2.32
CA ALA B 374 -26.65 -18.34 2.85
C ALA B 374 -26.79 -18.74 4.32
N LEU B 375 -26.23 -19.90 4.69
CA LEU B 375 -26.34 -20.33 6.10
C LEU B 375 -25.49 -19.43 6.99
N GLU B 376 -24.29 -19.05 6.54
CA GLU B 376 -23.52 -18.09 7.34
C GLU B 376 -24.29 -16.77 7.52
N GLU B 377 -24.91 -16.29 6.43
CA GLU B 377 -25.70 -15.05 6.50
C GLU B 377 -26.85 -15.18 7.49
N VAL B 378 -27.59 -16.28 7.42
CA VAL B 378 -28.71 -16.50 8.33
C VAL B 378 -28.24 -16.45 9.78
N SER B 379 -27.15 -17.17 10.08
CA SER B 379 -26.63 -17.19 11.45
C SER B 379 -26.30 -15.79 11.96
N ILE B 380 -25.53 -15.03 11.18
CA ILE B 380 -25.18 -13.68 11.63
C ILE B 380 -26.43 -12.80 11.74
N GLU B 381 -27.31 -12.85 10.73
CA GLU B 381 -28.50 -11.98 10.72
C GLU B 381 -29.43 -12.30 11.87
N THR B 382 -29.54 -13.58 12.22
CA THR B 382 -30.36 -13.99 13.35
C THR B 382 -29.83 -13.37 14.62
N ILE B 383 -28.52 -13.46 14.84
CA ILE B 383 -27.97 -12.91 16.07
C ILE B 383 -28.13 -11.38 16.09
N GLU B 384 -27.76 -10.72 15.00
CA GLU B 384 -27.87 -9.25 14.95
C GLU B 384 -29.31 -8.77 15.03
N ALA B 385 -30.27 -9.62 14.72
CA ALA B 385 -31.66 -9.27 14.95
C ALA B 385 -32.08 -9.43 16.41
N GLY B 386 -31.17 -9.84 17.30
CA GLY B 386 -31.49 -9.97 18.72
C GLY B 386 -31.90 -11.35 19.20
N PHE B 387 -31.76 -12.39 18.37
CA PHE B 387 -32.10 -13.76 18.75
C PHE B 387 -30.79 -14.52 18.92
N MET B 388 -30.46 -14.88 20.16
CA MET B 388 -29.14 -15.44 20.42
C MET B 388 -29.18 -16.33 21.64
N THR B 389 -28.11 -17.08 21.83
CA THR B 389 -27.98 -17.89 23.02
C THR B 389 -27.47 -17.05 24.18
N LYS B 390 -27.53 -17.64 25.38
CA LYS B 390 -27.36 -16.89 26.61
C LYS B 390 -25.96 -16.27 26.72
N ASP B 391 -24.93 -16.97 26.25
CA ASP B 391 -23.58 -16.43 26.32
C ASP B 391 -23.45 -15.13 25.53
N LEU B 392 -24.07 -15.03 24.37
CA LEU B 392 -24.01 -13.78 23.61
C LEU B 392 -24.86 -12.70 24.29
N ALA B 393 -26.01 -13.10 24.85
CA ALA B 393 -26.80 -12.15 25.63
C ALA B 393 -25.95 -11.54 26.74
N ALA B 394 -25.10 -12.37 27.38
CA ALA B 394 -24.25 -11.90 28.46
C ALA B 394 -23.13 -11.01 27.94
N CYS B 395 -22.61 -11.31 26.74
CA CYS B 395 -21.66 -10.38 26.11
C CYS B 395 -22.28 -9.00 25.97
N ILE B 396 -23.57 -8.93 25.67
CA ILE B 396 -24.23 -7.65 25.43
C ILE B 396 -24.57 -6.94 26.75
N LYS B 397 -25.18 -7.66 27.69
CA LYS B 397 -25.75 -7.07 28.89
C LYS B 397 -24.92 -7.29 30.15
N GLY B 398 -24.03 -8.27 30.15
CA GLY B 398 -23.37 -8.68 31.39
C GLY B 398 -24.18 -9.79 32.02
N LEU B 399 -23.53 -10.93 32.30
CA LEU B 399 -24.23 -12.12 32.80
C LEU B 399 -25.23 -11.83 33.92
N PRO B 400 -24.91 -11.08 34.98
CA PRO B 400 -25.91 -10.87 36.05
C PRO B 400 -27.17 -10.13 35.60
N ASN B 401 -27.13 -9.41 34.49
CA ASN B 401 -28.29 -8.67 34.00
C ASN B 401 -29.11 -9.47 32.99
N VAL B 402 -28.67 -10.67 32.62
CA VAL B 402 -29.39 -11.47 31.64
C VAL B 402 -30.66 -12.04 32.27
N GLN B 403 -31.78 -11.92 31.56
CA GLN B 403 -33.05 -12.52 31.90
C GLN B 403 -33.45 -13.50 30.79
N ARG B 404 -34.41 -14.37 31.10
CA ARG B 404 -34.73 -15.49 30.21
C ARG B 404 -35.18 -15.01 28.83
N SER B 405 -35.91 -13.89 28.76
CA SER B 405 -36.35 -13.37 27.47
C SER B 405 -35.21 -12.81 26.62
N ASP B 406 -34.03 -12.59 27.19
CA ASP B 406 -32.89 -12.10 26.41
C ASP B 406 -32.29 -13.16 25.48
N TYR B 407 -32.68 -14.42 25.61
CA TYR B 407 -31.99 -15.48 24.87
C TYR B 407 -32.92 -16.65 24.57
N LEU B 408 -32.45 -17.52 23.68
CA LEU B 408 -33.14 -18.75 23.32
C LEU B 408 -32.32 -19.94 23.81
N ASN B 409 -33.00 -20.99 24.25
CA ASN B 409 -32.29 -22.19 24.65
C ASN B 409 -31.77 -22.91 23.40
N THR B 410 -31.09 -24.03 23.62
CA THR B 410 -30.37 -24.70 22.55
C THR B 410 -31.30 -25.06 21.38
N PHE B 411 -32.46 -25.66 21.70
CA PHE B 411 -33.37 -26.07 20.64
C PHE B 411 -34.11 -24.89 20.03
N GLU B 412 -34.50 -23.90 20.85
CA GLU B 412 -35.14 -22.71 20.30
C GLU B 412 -34.22 -22.00 19.31
N PHE B 413 -32.92 -21.86 19.64
CA PHE B 413 -32.03 -21.17 18.73
C PHE B 413 -31.86 -21.93 17.44
N MET B 414 -31.63 -23.25 17.53
CA MET B 414 -31.56 -24.02 16.29
C MET B 414 -32.85 -23.89 15.45
N ASP B 415 -34.02 -23.95 16.10
CA ASP B 415 -35.27 -23.81 15.36
C ASP B 415 -35.39 -22.44 14.69
N LYS B 416 -34.94 -21.38 15.36
CA LYS B 416 -35.03 -20.04 14.80
C LYS B 416 -34.12 -19.91 13.59
N LEU B 417 -32.92 -20.48 13.68
CA LEU B 417 -32.05 -20.52 12.51
C LEU B 417 -32.71 -21.29 11.37
N GLY B 418 -33.36 -22.42 11.69
CA GLY B 418 -34.00 -23.23 10.65
C GLY B 418 -35.10 -22.47 9.94
N GLU B 419 -35.96 -21.78 10.70
CA GLU B 419 -36.97 -20.91 10.10
C GLU B 419 -36.34 -19.88 9.17
N ASN B 420 -35.33 -19.15 9.67
CA ASN B 420 -34.76 -18.07 8.84
C ASN B 420 -34.03 -18.62 7.62
N LEU B 421 -33.41 -19.79 7.73
CA LEU B 421 -32.79 -20.42 6.56
C LEU B 421 -33.84 -20.82 5.53
N LYS B 422 -34.99 -21.33 5.99
CA LYS B 422 -36.05 -21.69 5.05
C LYS B 422 -36.57 -20.45 4.32
N ILE B 423 -36.78 -19.37 5.06
CA ILE B 423 -37.19 -18.12 4.43
C ILE B 423 -36.16 -17.66 3.41
N LYS B 424 -34.88 -17.72 3.78
CA LYS B 424 -33.84 -17.18 2.90
C LYS B 424 -33.71 -18.00 1.62
N LEU B 425 -33.70 -19.32 1.74
CA LEU B 425 -33.60 -20.14 0.54
C LEU B 425 -34.88 -20.06 -0.30
N ALA B 426 -36.03 -19.83 0.32
CA ALA B 426 -37.24 -19.63 -0.46
C ALA B 426 -37.18 -18.34 -1.26
N GLN B 427 -36.77 -17.24 -0.62
CA GLN B 427 -36.73 -15.95 -1.28
C GLN B 427 -35.77 -15.96 -2.47
N ALA B 428 -34.64 -16.63 -2.34
CA ALA B 428 -33.70 -16.70 -3.46
C ALA B 428 -34.27 -17.56 -4.59
N HIS C 16 -47.64 -13.74 -18.93
CA HIS C 16 -46.53 -13.75 -19.89
C HIS C 16 -46.80 -12.82 -21.05
N MET C 17 -47.69 -11.85 -20.84
CA MET C 17 -48.05 -10.89 -21.88
C MET C 17 -47.43 -9.51 -21.65
N SER C 18 -46.36 -9.44 -20.85
CA SER C 18 -45.63 -8.19 -20.73
C SER C 18 -45.11 -7.77 -22.09
N LYS C 19 -45.33 -6.50 -22.44
CA LYS C 19 -44.83 -5.98 -23.70
C LYS C 19 -43.47 -5.33 -23.50
N LYS C 20 -42.60 -5.50 -24.49
CA LYS C 20 -41.31 -4.86 -24.43
C LYS C 20 -41.47 -3.35 -24.53
N ILE C 21 -40.43 -2.63 -24.11
CA ILE C 21 -40.41 -1.18 -24.28
C ILE C 21 -40.33 -0.85 -25.76
N SER C 22 -41.12 0.14 -26.20
CA SER C 22 -41.06 0.60 -27.58
C SER C 22 -40.01 1.70 -27.66
N GLY C 23 -38.82 1.37 -28.18
CA GLY C 23 -37.69 2.28 -28.11
C GLY C 23 -37.49 3.23 -29.28
N GLY C 24 -38.19 3.04 -30.39
CA GLY C 24 -38.08 4.00 -31.47
C GLY C 24 -36.90 3.75 -32.41
N SER C 25 -36.55 4.78 -33.17
CA SER C 25 -35.64 4.68 -34.30
C SER C 25 -34.19 4.85 -33.85
N VAL C 26 -33.35 3.85 -34.13
CA VAL C 26 -31.93 3.93 -33.82
C VAL C 26 -31.14 3.39 -35.01
N VAL C 27 -30.07 4.09 -35.37
CA VAL C 27 -29.16 3.64 -36.41
C VAL C 27 -28.04 2.85 -35.75
N GLU C 28 -27.88 1.60 -36.18
CA GLU C 28 -26.87 0.70 -35.65
C GLU C 28 -25.79 0.51 -36.70
N MET C 29 -24.53 0.71 -36.31
CA MET C 29 -23.43 0.29 -37.17
C MET C 29 -22.66 -0.85 -36.53
N GLN C 30 -22.73 -2.01 -37.18
CA GLN C 30 -22.00 -3.20 -36.77
C GLN C 30 -20.53 -3.08 -37.18
N GLY C 31 -19.67 -3.76 -36.42
CA GLY C 31 -18.24 -3.59 -36.53
C GLY C 31 -17.51 -4.91 -36.71
N ASP C 32 -16.32 -5.01 -36.09
CA ASP C 32 -15.36 -6.05 -36.43
C ASP C 32 -14.85 -6.78 -35.20
N GLU C 33 -14.45 -8.02 -35.43
CA GLU C 33 -13.62 -8.82 -34.53
C GLU C 33 -14.33 -8.94 -33.17
N MET C 34 -13.58 -8.85 -32.07
CA MET C 34 -14.13 -9.17 -30.76
C MET C 34 -15.24 -8.23 -30.37
N THR C 35 -15.12 -6.94 -30.75
CA THR C 35 -16.23 -6.05 -30.48
C THR C 35 -17.48 -6.49 -31.23
N ARG C 36 -17.35 -7.08 -32.43
CA ARG C 36 -18.55 -7.58 -33.11
C ARG C 36 -19.20 -8.71 -32.32
N ILE C 37 -18.37 -9.62 -31.79
CA ILE C 37 -18.92 -10.71 -30.99
C ILE C 37 -19.67 -10.14 -29.77
N ILE C 38 -18.99 -9.25 -29.04
CA ILE C 38 -19.56 -8.64 -27.84
C ILE C 38 -20.84 -7.89 -28.19
N TRP C 39 -20.85 -7.22 -29.34
CA TRP C 39 -22.00 -6.41 -29.78
C TRP C 39 -23.23 -7.28 -29.93
N GLU C 40 -23.07 -8.43 -30.62
CA GLU C 40 -24.19 -9.36 -30.73
C GLU C 40 -24.63 -9.89 -29.36
N LEU C 41 -23.67 -10.20 -28.48
CA LEU C 41 -24.08 -10.66 -27.14
C LEU C 41 -24.90 -9.59 -26.42
N ILE C 42 -24.53 -8.32 -26.57
CA ILE C 42 -25.22 -7.24 -25.88
C ILE C 42 -26.66 -7.15 -26.38
N LYS C 43 -26.83 -7.16 -27.70
CA LYS C 43 -28.18 -7.10 -28.26
C LYS C 43 -29.01 -8.29 -27.81
N GLU C 44 -28.44 -9.49 -27.88
CA GLU C 44 -29.19 -10.70 -27.58
C GLU C 44 -29.55 -10.80 -26.09
N LYS C 45 -28.65 -10.42 -25.20
CA LYS C 45 -28.89 -10.68 -23.79
C LYS C 45 -29.39 -9.49 -23.00
N LEU C 46 -29.06 -8.26 -23.42
CA LEU C 46 -29.33 -7.08 -22.62
C LEU C 46 -30.34 -6.12 -23.24
N ILE C 47 -30.40 -6.04 -24.58
CA ILE C 47 -31.27 -5.07 -25.23
C ILE C 47 -32.56 -5.72 -25.72
N PHE C 48 -32.44 -6.68 -26.63
CA PHE C 48 -33.63 -7.16 -27.32
C PHE C 48 -34.63 -7.92 -26.45
N PRO C 49 -34.24 -8.54 -25.32
CA PRO C 49 -35.28 -9.12 -24.45
C PRO C 49 -36.17 -8.09 -23.80
N TYR C 50 -35.75 -6.83 -23.69
CA TYR C 50 -36.56 -5.82 -23.04
C TYR C 50 -36.97 -4.65 -23.92
N VAL C 51 -36.37 -4.49 -25.10
CA VAL C 51 -36.62 -3.31 -25.93
C VAL C 51 -36.83 -3.74 -27.37
N GLU C 52 -37.86 -3.20 -28.02
CA GLU C 52 -38.08 -3.31 -29.45
C GLU C 52 -37.65 -2.01 -30.11
N LEU C 53 -36.72 -2.09 -31.05
CA LEU C 53 -36.24 -0.91 -31.74
C LEU C 53 -36.64 -0.95 -33.22
N ASP C 54 -36.90 0.23 -33.77
CA ASP C 54 -36.89 0.39 -35.23
C ASP C 54 -35.44 0.59 -35.61
N LEU C 55 -34.76 -0.53 -35.85
CA LEU C 55 -33.31 -0.53 -35.99
C LEU C 55 -32.93 -0.37 -37.46
N HIS C 56 -32.16 0.67 -37.76
CA HIS C 56 -31.63 0.90 -39.10
C HIS C 56 -30.17 0.47 -39.11
N SER C 57 -29.91 -0.76 -39.57
CA SER C 57 -28.62 -1.40 -39.39
C SER C 57 -27.76 -1.26 -40.64
N TYR C 58 -26.50 -0.87 -40.44
CA TYR C 58 -25.51 -0.75 -41.50
C TYR C 58 -24.30 -1.57 -41.08
N ASP C 59 -23.89 -2.50 -41.94
CA ASP C 59 -22.75 -3.38 -41.64
C ASP C 59 -21.48 -2.66 -42.01
N LEU C 60 -20.78 -2.10 -41.00
CA LEU C 60 -19.49 -1.50 -41.22
C LEU C 60 -18.35 -2.45 -40.93
N GLY C 61 -18.62 -3.76 -40.92
CA GLY C 61 -17.54 -4.72 -40.96
C GLY C 61 -16.63 -4.45 -42.15
N ILE C 62 -15.36 -4.80 -41.99
CA ILE C 62 -14.35 -4.45 -42.99
C ILE C 62 -14.67 -5.12 -44.33
N GLU C 63 -15.21 -6.34 -44.29
CA GLU C 63 -15.50 -7.05 -45.55
C GLU C 63 -16.62 -6.37 -46.31
N ASN C 64 -17.67 -5.93 -45.60
CA ASN C 64 -18.76 -5.25 -46.29
C ASN C 64 -18.41 -3.81 -46.65
N ARG C 65 -17.51 -3.17 -45.91
CA ARG C 65 -16.99 -1.88 -46.35
C ARG C 65 -16.23 -2.04 -47.64
N ASP C 66 -15.42 -3.09 -47.75
CA ASP C 66 -14.68 -3.35 -48.99
C ASP C 66 -15.64 -3.63 -50.14
N ALA C 67 -16.66 -4.46 -49.90
CA ALA C 67 -17.58 -4.81 -50.97
C ALA C 67 -18.27 -3.59 -51.54
N THR C 68 -18.72 -2.68 -50.66
CA THR C 68 -19.44 -1.48 -51.08
C THR C 68 -18.51 -0.31 -51.39
N ASN C 69 -17.21 -0.54 -51.45
CA ASN C 69 -16.21 0.53 -51.61
C ASN C 69 -16.46 1.68 -50.63
N ASP C 70 -16.75 1.31 -49.37
CA ASP C 70 -16.94 2.21 -48.24
C ASP C 70 -18.21 3.05 -48.31
N GLN C 71 -19.08 2.81 -49.30
CA GLN C 71 -20.33 3.56 -49.37
C GLN C 71 -21.23 3.29 -48.17
N VAL C 72 -21.22 2.06 -47.64
CA VAL C 72 -22.04 1.75 -46.46
C VAL C 72 -21.73 2.71 -45.31
N THR C 73 -20.48 3.16 -45.19
CA THR C 73 -20.13 4.11 -44.13
C THR C 73 -20.86 5.44 -44.32
N LYS C 74 -20.87 5.95 -45.54
CA LYS C 74 -21.54 7.23 -45.80
C LYS C 74 -23.04 7.08 -45.62
N ASP C 75 -23.59 5.95 -46.05
CA ASP C 75 -25.02 5.68 -45.84
C ASP C 75 -25.37 5.63 -44.35
N ALA C 76 -24.52 5.00 -43.52
CA ALA C 76 -24.76 5.02 -42.08
C ALA C 76 -24.77 6.46 -41.56
N ALA C 77 -23.78 7.27 -41.95
CA ALA C 77 -23.73 8.64 -41.47
C ALA C 77 -24.98 9.44 -41.90
N GLU C 78 -25.46 9.24 -43.13
CA GLU C 78 -26.67 9.96 -43.56
C GLU C 78 -27.89 9.48 -42.78
N ALA C 79 -27.96 8.18 -42.51
CA ALA C 79 -29.05 7.66 -41.68
C ALA C 79 -29.02 8.31 -40.29
N ILE C 80 -27.83 8.58 -39.76
CA ILE C 80 -27.74 9.26 -38.46
C ILE C 80 -28.27 10.68 -38.57
N LYS C 81 -27.90 11.36 -39.65
CA LYS C 81 -28.48 12.67 -39.91
C LYS C 81 -30.00 12.60 -39.85
N LYS C 82 -30.57 11.57 -40.48
CA LYS C 82 -32.03 11.47 -40.55
C LYS C 82 -32.65 11.15 -39.19
N HIS C 83 -32.02 10.27 -38.40
CA HIS C 83 -32.68 9.71 -37.23
C HIS C 83 -32.14 10.21 -35.91
N ASN C 84 -31.05 10.98 -35.91
CA ASN C 84 -30.50 11.73 -34.78
C ASN C 84 -29.78 10.87 -33.75
N VAL C 85 -29.87 9.55 -33.79
CA VAL C 85 -29.21 8.68 -32.82
C VAL C 85 -28.42 7.61 -33.55
N GLY C 86 -27.14 7.51 -33.28
CA GLY C 86 -26.34 6.40 -33.78
C GLY C 86 -25.62 5.69 -32.65
N VAL C 87 -25.59 4.37 -32.73
CA VAL C 87 -24.77 3.58 -31.82
C VAL C 87 -23.87 2.69 -32.68
N LYS C 88 -22.57 2.76 -32.46
CA LYS C 88 -21.61 2.17 -33.36
C LYS C 88 -20.68 1.20 -32.63
N CYS C 89 -20.35 0.11 -33.30
CA CYS C 89 -19.42 -0.90 -32.83
C CYS C 89 -18.02 -0.58 -33.37
N ALA C 90 -17.00 -0.89 -32.58
CA ALA C 90 -15.62 -0.63 -33.01
C ALA C 90 -15.37 -1.29 -34.36
N THR C 91 -14.57 -0.63 -35.20
CA THR C 91 -14.32 -1.06 -36.57
C THR C 91 -12.81 -1.11 -36.81
N ILE C 92 -12.42 -1.96 -37.76
CA ILE C 92 -11.02 -2.03 -38.18
C ILE C 92 -10.71 -0.82 -39.05
N THR C 93 -9.68 -0.05 -38.68
CA THR C 93 -9.19 0.98 -39.58
C THR C 93 -8.04 0.39 -40.39
N PRO C 94 -8.17 0.29 -41.71
CA PRO C 94 -7.20 -0.48 -42.50
C PRO C 94 -5.82 0.17 -42.54
N ASP C 95 -4.80 -0.66 -42.35
CA ASP C 95 -3.42 -0.32 -42.69
C ASP C 95 -2.92 -1.34 -43.71
N GLU C 96 -1.61 -1.33 -43.96
CA GLU C 96 -1.02 -2.20 -44.97
C GLU C 96 -1.24 -3.67 -44.62
N LYS C 97 -0.95 -4.06 -43.38
CA LYS C 97 -1.16 -5.45 -43.01
C LYS C 97 -2.62 -5.85 -43.12
N ARG C 98 -3.56 -4.92 -42.90
CA ARG C 98 -4.97 -5.26 -43.04
C ARG C 98 -5.38 -5.41 -44.51
N VAL C 99 -4.82 -4.57 -45.39
CA VAL C 99 -5.01 -4.77 -46.82
C VAL C 99 -4.53 -6.16 -47.22
N GLU C 100 -3.36 -6.57 -46.70
CA GLU C 100 -2.90 -7.94 -46.92
C GLU C 100 -3.88 -8.97 -46.36
N GLU C 101 -4.40 -8.71 -45.15
CA GLU C 101 -5.15 -9.74 -44.43
C GLU C 101 -6.50 -10.02 -45.09
N PHE C 102 -7.22 -8.99 -45.51
CA PHE C 102 -8.52 -9.22 -46.12
C PHE C 102 -8.51 -9.02 -47.65
N LYS C 103 -7.34 -8.81 -48.25
CA LYS C 103 -7.22 -8.52 -49.68
C LYS C 103 -8.12 -7.35 -50.07
N LEU C 104 -7.90 -6.22 -49.40
CA LEU C 104 -8.70 -5.03 -49.65
C LEU C 104 -8.40 -4.44 -51.03
N LYS C 105 -9.42 -3.81 -51.62
CA LYS C 105 -9.24 -3.04 -52.85
C LYS C 105 -8.41 -1.80 -52.61
N GLN C 106 -8.78 -1.00 -51.62
CA GLN C 106 -8.06 0.19 -51.22
C GLN C 106 -7.73 0.10 -49.74
N MET C 107 -6.98 1.09 -49.26
CA MET C 107 -6.77 1.26 -47.82
C MET C 107 -7.82 2.25 -47.34
N TRP C 108 -9.05 1.75 -47.19
CA TRP C 108 -10.19 2.61 -46.87
C TRP C 108 -9.91 3.45 -45.64
N LYS C 109 -10.46 4.66 -45.64
CA LYS C 109 -10.24 5.59 -44.55
C LYS C 109 -10.98 5.15 -43.29
N SER C 110 -10.47 5.61 -42.15
CA SER C 110 -11.10 5.43 -40.86
C SER C 110 -12.60 5.71 -40.93
N PRO C 111 -13.46 4.73 -40.66
CA PRO C 111 -14.90 5.01 -40.65
C PRO C 111 -15.31 5.99 -39.57
N ASN C 112 -14.60 5.95 -38.43
CA ASN C 112 -14.79 6.98 -37.42
C ASN C 112 -14.58 8.38 -38.00
N GLY C 113 -13.48 8.55 -38.75
CA GLY C 113 -13.22 9.85 -39.35
C GLY C 113 -14.25 10.24 -40.39
N THR C 114 -14.66 9.31 -41.25
CA THR C 114 -15.68 9.60 -42.26
C THR C 114 -16.98 10.03 -41.61
N ILE C 115 -17.39 9.32 -40.57
CA ILE C 115 -18.63 9.63 -39.88
C ILE C 115 -18.54 11.00 -39.22
N ARG C 116 -17.48 11.22 -38.43
CA ARG C 116 -17.29 12.52 -37.79
C ARG C 116 -17.29 13.64 -38.81
N ASN C 117 -16.62 13.42 -39.95
CA ASN C 117 -16.51 14.45 -40.98
C ASN C 117 -17.88 14.80 -41.55
N ILE C 118 -18.68 13.78 -41.85
CA ILE C 118 -20.01 14.02 -42.41
C ILE C 118 -20.91 14.70 -41.38
N LEU C 119 -20.79 14.34 -40.10
CA LEU C 119 -21.72 14.84 -39.10
C LEU C 119 -21.25 16.13 -38.41
N GLY C 120 -19.94 16.32 -38.25
CA GLY C 120 -19.46 17.44 -37.46
C GLY C 120 -19.66 17.24 -35.96
N GLY C 121 -18.92 18.00 -35.15
CA GLY C 121 -19.25 18.07 -33.75
C GLY C 121 -18.05 17.78 -32.90
N THR C 122 -18.31 17.54 -31.63
CA THR C 122 -17.26 17.36 -30.63
C THR C 122 -17.29 15.94 -30.10
N VAL C 123 -16.12 15.31 -30.01
CA VAL C 123 -16.05 13.94 -29.49
C VAL C 123 -15.77 14.03 -28.00
N PHE C 124 -16.75 13.71 -27.16
CA PHE C 124 -16.59 13.68 -25.71
C PHE C 124 -16.26 12.25 -25.27
N ARG C 125 -15.27 12.12 -24.38
CA ARG C 125 -14.81 10.81 -23.95
C ARG C 125 -14.73 10.80 -22.43
N GLU C 126 -15.05 9.65 -21.85
CA GLU C 126 -15.18 9.54 -20.39
C GLU C 126 -15.00 8.10 -19.90
N ALA C 127 -14.20 7.94 -18.86
CA ALA C 127 -14.00 6.61 -18.26
C ALA C 127 -15.11 6.31 -17.26
N ILE C 128 -15.61 5.09 -17.30
CA ILE C 128 -16.61 4.63 -16.34
C ILE C 128 -15.91 4.19 -15.05
N ILE C 129 -16.42 4.62 -13.90
CA ILE C 129 -15.71 4.47 -12.62
C ILE C 129 -16.43 3.43 -11.77
N CYS C 130 -15.66 2.51 -11.18
CA CYS C 130 -16.19 1.60 -10.17
C CYS C 130 -15.40 1.76 -8.89
N LYS C 131 -16.11 1.71 -7.74
CA LYS C 131 -15.47 2.04 -6.47
C LYS C 131 -14.34 1.07 -6.11
N ASN C 132 -14.42 -0.18 -6.57
CA ASN C 132 -13.47 -1.21 -6.16
C ASN C 132 -12.35 -1.41 -7.16
N ILE C 133 -12.27 -0.57 -8.19
CA ILE C 133 -11.28 -0.66 -9.26
C ILE C 133 -10.30 0.48 -9.10
N PRO C 134 -9.05 0.23 -8.66
CA PRO C 134 -8.12 1.33 -8.45
C PRO C 134 -7.78 2.01 -9.76
N ARG C 135 -7.34 3.25 -9.66
CA ARG C 135 -6.88 4.04 -10.79
C ARG C 135 -5.40 4.28 -10.66
N LEU C 136 -4.74 4.47 -11.81
CA LEU C 136 -3.30 4.69 -11.78
C LEU C 136 -2.97 6.05 -11.20
N VAL C 137 -3.88 7.01 -11.35
CA VAL C 137 -3.78 8.31 -10.71
C VAL C 137 -4.75 8.28 -9.53
N SER C 138 -4.24 8.24 -8.31
CA SER C 138 -5.16 7.88 -7.24
C SER C 138 -6.00 9.06 -6.76
N GLY C 139 -5.57 10.28 -7.03
CA GLY C 139 -6.41 11.43 -6.72
C GLY C 139 -7.73 11.47 -7.47
N TRP C 140 -7.84 10.75 -8.59
CA TRP C 140 -9.00 10.96 -9.47
C TRP C 140 -10.19 10.19 -8.91
N VAL C 141 -11.09 10.90 -8.23
CA VAL C 141 -12.31 10.31 -7.69
C VAL C 141 -13.55 10.67 -8.49
N LYS C 142 -13.55 11.77 -9.23
CA LYS C 142 -14.61 12.15 -10.14
C LYS C 142 -14.14 11.96 -11.58
N PRO C 143 -15.06 11.82 -12.53
CA PRO C 143 -14.64 11.64 -13.92
C PRO C 143 -14.10 12.93 -14.51
N ILE C 144 -13.21 12.78 -15.49
CA ILE C 144 -12.77 13.89 -16.32
C ILE C 144 -13.38 13.67 -17.69
N ILE C 145 -14.07 14.67 -18.23
CA ILE C 145 -14.72 14.50 -19.52
C ILE C 145 -13.97 15.35 -20.53
N ILE C 146 -13.32 14.72 -21.50
CA ILE C 146 -12.55 15.47 -22.49
C ILE C 146 -13.39 15.61 -23.75
N GLY C 147 -13.49 16.83 -24.24
CA GLY C 147 -14.17 17.09 -25.50
C GLY C 147 -13.18 17.51 -26.56
N GLN C 148 -12.98 16.65 -27.55
CA GLN C 148 -12.03 16.84 -28.62
C GLN C 148 -12.72 17.54 -29.79
N HIS C 149 -12.19 18.70 -30.18
CA HIS C 149 -12.72 19.38 -31.35
C HIS C 149 -12.36 18.58 -32.58
N ALA C 150 -13.35 17.93 -33.19
CA ALA C 150 -13.07 16.90 -34.21
C ALA C 150 -12.95 17.45 -35.62
N TYR C 151 -12.34 18.62 -35.81
CA TYR C 151 -12.18 19.19 -37.15
C TYR C 151 -10.85 19.93 -37.24
N GLY C 152 -10.13 19.70 -38.33
CA GLY C 152 -9.04 20.57 -38.72
C GLY C 152 -7.73 20.28 -38.02
N ASP C 153 -6.87 21.31 -38.04
CA ASP C 153 -5.52 21.29 -37.48
C ASP C 153 -4.73 20.18 -38.17
N GLN C 154 -3.99 19.34 -37.41
CA GLN C 154 -3.15 18.31 -37.99
C GLN C 154 -3.93 17.36 -38.89
N TYR C 155 -5.21 17.17 -38.61
CA TYR C 155 -6.00 16.14 -39.29
C TYR C 155 -6.51 16.63 -40.63
N ARG C 156 -6.27 17.88 -41.01
CA ARG C 156 -6.54 18.27 -42.40
C ARG C 156 -5.35 19.00 -42.98
N ALA C 157 -4.17 18.70 -42.47
CA ALA C 157 -2.97 19.46 -42.79
C ALA C 157 -2.38 18.99 -44.11
N THR C 158 -1.53 19.85 -44.66
CA THR C 158 -0.80 19.59 -45.90
C THR C 158 0.68 19.62 -45.54
N ASP C 159 1.27 18.44 -45.38
CA ASP C 159 2.67 18.30 -45.00
C ASP C 159 3.42 17.65 -46.14
N PHE C 160 4.70 17.97 -46.24
CA PHE C 160 5.50 17.43 -47.34
C PHE C 160 6.96 17.49 -46.93
N VAL C 161 7.76 16.73 -47.66
CA VAL C 161 9.20 16.69 -47.47
C VAL C 161 9.82 17.82 -48.26
N VAL C 162 10.72 18.57 -47.63
CA VAL C 162 11.51 19.58 -48.30
C VAL C 162 12.80 18.92 -48.78
N PRO C 163 13.02 18.78 -50.09
CA PRO C 163 14.12 17.92 -50.56
C PRO C 163 15.51 18.53 -50.48
N GLY C 164 15.62 19.82 -50.29
CA GLY C 164 16.89 20.47 -50.19
C GLY C 164 16.69 21.95 -49.98
N PRO C 165 17.77 22.72 -50.02
CA PRO C 165 17.68 24.14 -49.66
C PRO C 165 16.67 24.89 -50.52
N GLY C 166 16.12 25.95 -49.95
CA GLY C 166 15.13 26.74 -50.67
C GLY C 166 14.13 27.35 -49.71
N LYS C 167 13.17 28.05 -50.29
CA LYS C 167 12.24 28.89 -49.55
C LYS C 167 10.89 28.19 -49.38
N VAL C 168 10.36 28.19 -48.16
CA VAL C 168 8.97 27.80 -47.94
C VAL C 168 8.17 29.00 -47.45
N GLU C 169 7.01 29.22 -48.10
CA GLU C 169 6.12 30.34 -47.87
C GLU C 169 4.68 29.85 -47.84
N ILE C 170 3.85 30.51 -47.03
CA ILE C 170 2.44 30.19 -46.96
C ILE C 170 1.68 31.47 -47.27
N THR C 171 0.74 31.40 -48.22
CA THR C 171 0.11 32.58 -48.78
C THR C 171 -1.39 32.52 -48.57
N TYR C 172 -2.01 33.68 -48.40
CA TYR C 172 -3.45 33.82 -48.34
C TYR C 172 -3.89 34.79 -49.44
N THR C 173 -4.83 34.37 -50.26
CA THR C 173 -5.31 35.19 -51.37
C THR C 173 -6.81 35.35 -51.21
N PRO C 174 -7.28 36.53 -50.81
CA PRO C 174 -8.72 36.74 -50.66
C PRO C 174 -9.47 36.38 -51.92
N SER C 175 -10.73 35.99 -51.75
CA SER C 175 -11.56 35.59 -52.87
C SER C 175 -11.61 36.63 -53.98
N ASP C 176 -11.61 37.94 -53.63
CA ASP C 176 -11.62 39.00 -54.66
C ASP C 176 -10.23 39.27 -55.26
N GLY C 177 -9.22 38.44 -54.93
CA GLY C 177 -7.93 38.53 -55.56
C GLY C 177 -7.03 39.67 -55.12
N THR C 178 -7.53 40.58 -54.28
CA THR C 178 -6.80 41.73 -53.79
C THR C 178 -6.22 41.45 -52.41
N GLN C 179 -5.21 42.24 -52.03
CA GLN C 179 -4.60 42.18 -50.69
C GLN C 179 -4.06 40.78 -50.36
N LYS C 180 -3.40 40.16 -51.35
CA LYS C 180 -2.69 38.90 -51.14
C LYS C 180 -1.54 39.09 -50.15
N VAL C 181 -1.36 38.14 -49.23
CA VAL C 181 -0.32 38.26 -48.21
C VAL C 181 0.51 36.98 -48.19
N THR C 182 1.83 37.13 -48.09
CA THR C 182 2.75 36.01 -48.12
C THR C 182 3.57 36.02 -46.84
N TYR C 183 3.48 34.93 -46.08
CA TYR C 183 4.24 34.75 -44.84
C TYR C 183 5.43 33.81 -45.10
N LEU C 184 6.63 34.29 -44.85
CA LEU C 184 7.80 33.41 -44.90
C LEU C 184 7.73 32.35 -43.81
N VAL C 185 7.87 31.08 -44.17
CA VAL C 185 7.98 30.03 -43.18
C VAL C 185 9.44 29.76 -42.84
N HIS C 186 10.25 29.49 -43.86
CA HIS C 186 11.65 29.20 -43.57
C HIS C 186 12.49 29.28 -44.85
N ASN C 187 13.69 29.84 -44.70
CA ASN C 187 14.74 29.73 -45.72
C ASN C 187 15.63 28.57 -45.31
N PHE C 188 15.49 27.42 -45.97
CA PHE C 188 16.37 26.27 -45.78
C PHE C 188 17.71 26.60 -46.43
N GLU C 189 18.71 26.93 -45.62
CA GLU C 189 20.03 27.27 -46.14
C GLU C 189 20.96 26.08 -46.24
N GLU C 190 20.80 25.11 -45.35
CA GLU C 190 21.70 23.97 -45.32
C GLU C 190 21.12 22.87 -46.19
N GLY C 191 20.48 21.89 -45.57
CA GLY C 191 19.81 20.84 -46.29
C GLY C 191 18.31 21.05 -46.35
N GLY C 192 17.59 19.96 -46.47
CA GLY C 192 16.14 19.98 -46.52
C GLY C 192 15.52 19.69 -45.17
N GLY C 193 14.33 19.10 -45.20
CA GLY C 193 13.57 18.91 -43.99
C GLY C 193 12.12 18.60 -44.28
N VAL C 194 11.21 19.25 -43.54
CA VAL C 194 9.78 18.99 -43.67
C VAL C 194 9.05 20.30 -43.46
N ALA C 195 7.84 20.38 -44.01
CA ALA C 195 7.04 21.58 -43.84
C ALA C 195 5.58 21.21 -43.92
N MET C 196 4.72 22.13 -43.48
CA MET C 196 3.34 21.82 -43.13
C MET C 196 2.54 23.11 -43.07
N GLY C 197 1.39 23.13 -43.73
CA GLY C 197 0.35 24.12 -43.45
C GLY C 197 -0.89 23.47 -42.86
N MET C 198 -1.56 24.20 -41.95
CA MET C 198 -2.79 23.69 -41.36
C MET C 198 -3.69 24.89 -41.10
N TYR C 199 -4.97 24.62 -40.83
CA TYR C 199 -5.98 25.65 -40.74
C TYR C 199 -7.11 25.19 -39.82
N ASN C 200 -7.95 26.14 -39.42
CA ASN C 200 -9.26 25.80 -38.85
C ASN C 200 -10.25 26.90 -39.23
N GLN C 201 -11.53 26.63 -38.98
CA GLN C 201 -12.62 27.48 -39.42
C GLN C 201 -13.41 28.03 -38.23
N ASP C 202 -13.74 29.32 -38.33
CA ASP C 202 -14.43 30.03 -37.24
C ASP C 202 -15.69 29.32 -36.79
N LYS C 203 -16.53 28.89 -37.75
CA LYS C 203 -17.82 28.31 -37.38
C LYS C 203 -17.64 26.98 -36.67
N SER C 204 -16.66 26.17 -37.11
CA SER C 204 -16.37 24.92 -36.42
C SER C 204 -15.92 25.20 -34.99
N ILE C 205 -15.08 26.22 -34.80
CA ILE C 205 -14.64 26.60 -33.46
C ILE C 205 -15.83 27.05 -32.61
N GLU C 206 -16.73 27.84 -33.19
CA GLU C 206 -17.91 28.30 -32.44
C GLU C 206 -18.77 27.12 -32.01
N ASP C 207 -19.00 26.15 -32.90
CA ASP C 207 -19.75 24.95 -32.53
C ASP C 207 -19.06 24.18 -31.41
N PHE C 208 -17.74 24.05 -31.49
CA PHE C 208 -16.97 23.37 -30.46
C PHE C 208 -17.13 24.06 -29.11
N ALA C 209 -17.13 25.40 -29.13
CA ALA C 209 -17.37 26.16 -27.90
C ALA C 209 -18.75 25.89 -27.35
N HIS C 210 -19.78 25.98 -28.21
CA HIS C 210 -21.15 25.81 -27.74
C HIS C 210 -21.36 24.44 -27.13
N SER C 211 -20.82 23.39 -27.78
CA SER C 211 -20.98 22.05 -27.24
C SER C 211 -20.23 21.91 -25.91
N SER C 212 -19.06 22.54 -25.78
CA SER C 212 -18.34 22.49 -24.51
C SER C 212 -19.13 23.16 -23.39
N PHE C 213 -19.60 24.39 -23.62
CA PHE C 213 -20.38 25.09 -22.58
C PHE C 213 -21.63 24.28 -22.20
N GLN C 214 -22.33 23.74 -23.20
CA GLN C 214 -23.55 23.00 -22.93
C GLN C 214 -23.25 21.71 -22.17
N MET C 215 -22.15 21.04 -22.50
CA MET C 215 -21.86 19.81 -21.79
C MET C 215 -21.51 20.11 -20.33
N ALA C 216 -20.78 21.21 -20.10
CA ALA C 216 -20.48 21.62 -18.74
C ALA C 216 -21.76 21.94 -17.95
N LEU C 217 -22.69 22.68 -18.55
CA LEU C 217 -23.93 23.01 -17.84
C LEU C 217 -24.77 21.76 -17.59
N SER C 218 -24.83 20.83 -18.54
CA SER C 218 -25.62 19.62 -18.33
C SER C 218 -24.97 18.68 -17.33
N LYS C 219 -23.64 18.74 -17.17
CA LYS C 219 -23.00 17.92 -16.16
C LYS C 219 -22.94 18.61 -14.80
N GLY C 220 -23.01 19.94 -14.78
CA GLY C 220 -22.81 20.68 -13.55
C GLY C 220 -21.36 20.71 -13.11
N TRP C 221 -20.43 20.84 -14.05
CA TRP C 221 -19.01 20.86 -13.76
C TRP C 221 -18.37 22.05 -14.46
N PRO C 222 -17.29 22.59 -13.87
CA PRO C 222 -16.56 23.68 -14.54
C PRO C 222 -15.89 23.20 -15.82
N LEU C 223 -15.59 24.17 -16.68
CA LEU C 223 -15.07 23.92 -18.02
C LEU C 223 -13.74 24.65 -18.17
N TYR C 224 -12.75 23.96 -18.73
CA TYR C 224 -11.47 24.56 -19.08
C TYR C 224 -11.19 24.31 -20.56
N LEU C 225 -10.71 25.32 -21.26
CA LEU C 225 -10.21 25.16 -22.62
C LEU C 225 -8.69 25.25 -22.56
N SER C 226 -8.00 24.32 -23.23
CA SER C 226 -6.54 24.39 -23.31
C SER C 226 -6.10 24.82 -24.70
N THR C 227 -5.13 25.75 -24.76
CA THR C 227 -4.48 26.12 -26.02
C THR C 227 -3.01 26.42 -25.74
N LYS C 228 -2.28 26.82 -26.79
CA LYS C 228 -0.87 27.23 -26.68
C LYS C 228 -0.70 28.62 -27.25
N ASN C 229 -1.53 29.58 -26.78
CA ASN C 229 -1.58 30.91 -27.39
C ASN C 229 -0.45 31.83 -26.95
N THR C 230 0.34 31.45 -25.96
CA THR C 230 1.61 32.11 -25.72
C THR C 230 2.52 32.02 -26.95
N ILE C 231 2.52 30.88 -27.62
CA ILE C 231 3.38 30.64 -28.77
C ILE C 231 2.65 30.93 -30.07
N LEU C 232 1.43 30.43 -30.19
CA LEU C 232 0.62 30.59 -31.39
C LEU C 232 -0.39 31.70 -31.11
N LYS C 233 0.11 32.94 -31.12
CA LYS C 233 -0.71 34.04 -30.65
C LYS C 233 -1.95 34.24 -31.51
N LYS C 234 -1.87 33.96 -32.81
CA LYS C 234 -3.01 34.16 -33.70
C LYS C 234 -3.89 32.91 -33.83
N TYR C 235 -3.29 31.79 -34.23
CA TYR C 235 -4.02 30.52 -34.38
C TYR C 235 -4.79 30.16 -33.10
N ASP C 236 -4.08 30.02 -31.99
CA ASP C 236 -4.74 29.63 -30.74
C ASP C 236 -5.47 30.78 -30.07
N GLY C 237 -5.01 32.02 -30.30
CA GLY C 237 -5.75 33.16 -29.81
C GLY C 237 -7.16 33.21 -30.34
N ARG C 238 -7.38 32.72 -31.57
CA ARG C 238 -8.75 32.64 -32.10
C ARG C 238 -9.63 31.70 -31.28
N PHE C 239 -9.11 30.52 -30.92
CA PHE C 239 -9.86 29.62 -30.03
C PHE C 239 -10.19 30.32 -28.71
N LYS C 240 -9.16 30.95 -28.11
CA LYS C 240 -9.35 31.63 -26.83
C LYS C 240 -10.40 32.73 -26.92
N ASP C 241 -10.29 33.57 -27.96
CA ASP C 241 -11.20 34.69 -28.11
C ASP C 241 -12.62 34.21 -28.38
N ILE C 242 -12.79 33.19 -29.23
CA ILE C 242 -14.15 32.76 -29.56
C ILE C 242 -14.83 32.17 -28.33
N PHE C 243 -14.10 31.34 -27.58
CA PHE C 243 -14.67 30.79 -26.35
C PHE C 243 -15.05 31.91 -25.39
N GLN C 244 -14.13 32.84 -25.13
CA GLN C 244 -14.40 33.90 -24.16
C GLN C 244 -15.60 34.74 -24.59
N GLU C 245 -15.68 35.08 -25.88
CA GLU C 245 -16.77 35.90 -26.38
C GLU C 245 -18.11 35.18 -26.22
N ILE C 246 -18.17 33.90 -26.60
CA ILE C 246 -19.42 33.16 -26.49
C ILE C 246 -19.80 32.94 -25.02
N TYR C 247 -18.82 32.64 -24.17
CA TYR C 247 -19.11 32.50 -22.74
C TYR C 247 -19.72 33.77 -22.18
N ASP C 248 -19.05 34.91 -22.41
CA ASP C 248 -19.51 36.18 -21.85
C ASP C 248 -20.89 36.54 -22.38
N LYS C 249 -21.15 36.31 -23.68
CA LYS C 249 -22.43 36.73 -24.24
C LYS C 249 -23.58 35.79 -23.88
N GLN C 250 -23.35 34.48 -23.77
CA GLN C 250 -24.45 33.52 -23.79
C GLN C 250 -24.48 32.46 -22.69
N TYR C 251 -23.44 32.32 -21.86
CA TYR C 251 -23.47 31.24 -20.85
C TYR C 251 -23.00 31.64 -19.46
N LYS C 252 -22.37 32.80 -19.27
CA LYS C 252 -21.80 33.11 -17.96
C LYS C 252 -22.87 33.11 -16.88
N SER C 253 -24.03 33.69 -17.17
CA SER C 253 -25.11 33.74 -16.17
C SER C 253 -25.57 32.34 -15.79
N GLN C 254 -25.78 31.48 -16.78
CA GLN C 254 -26.14 30.10 -16.50
C GLN C 254 -25.08 29.40 -15.66
N PHE C 255 -23.80 29.60 -16.00
CA PHE C 255 -22.71 28.98 -15.25
C PHE C 255 -22.74 29.41 -13.80
N GLU C 256 -22.83 30.73 -13.56
CA GLU C 256 -22.84 31.23 -12.20
C GLU C 256 -24.07 30.75 -11.44
N ALA C 257 -25.21 30.65 -12.13
CA ALA C 257 -26.40 30.08 -11.51
C ALA C 257 -26.16 28.65 -11.03
N GLN C 258 -25.36 27.88 -11.78
CA GLN C 258 -24.98 26.55 -11.32
C GLN C 258 -23.70 26.55 -10.51
N LYS C 259 -23.22 27.72 -10.09
CA LYS C 259 -21.95 27.90 -9.36
C LYS C 259 -20.80 27.10 -9.99
N ILE C 260 -20.69 27.20 -11.31
CA ILE C 260 -19.54 26.64 -12.02
C ILE C 260 -18.89 27.79 -12.79
N TRP C 261 -17.79 27.51 -13.49
CA TRP C 261 -17.08 28.58 -14.19
C TRP C 261 -16.42 28.03 -15.45
N TYR C 262 -16.02 28.95 -16.31
CA TYR C 262 -15.21 28.65 -17.47
C TYR C 262 -13.90 29.41 -17.34
N GLU C 263 -12.78 28.73 -17.62
CA GLU C 263 -11.47 29.35 -17.60
C GLU C 263 -10.59 28.80 -18.71
N HIS C 264 -9.83 29.68 -19.34
CA HIS C 264 -8.82 29.28 -20.29
C HIS C 264 -7.52 28.87 -19.58
N ARG C 265 -6.78 27.95 -20.17
CA ARG C 265 -5.56 27.44 -19.57
C ARG C 265 -4.57 27.14 -20.67
N LEU C 266 -3.31 27.48 -20.44
CA LEU C 266 -2.27 26.93 -21.30
C LEU C 266 -2.26 25.42 -21.16
N ILE C 267 -2.06 24.73 -22.28
CA ILE C 267 -2.04 23.27 -22.28
C ILE C 267 -1.06 22.71 -21.24
N ASP C 268 0.11 23.35 -21.09
CA ASP C 268 1.09 22.88 -20.10
C ASP C 268 0.49 22.90 -18.69
N ASP C 269 -0.05 24.06 -18.30
CA ASP C 269 -0.70 24.17 -17.01
C ASP C 269 -1.85 23.19 -16.90
N MET C 270 -2.61 23.00 -17.97
CA MET C 270 -3.80 22.15 -17.88
C MET C 270 -3.44 20.68 -17.68
N VAL C 271 -2.41 20.17 -18.35
CA VAL C 271 -2.11 18.76 -18.13
C VAL C 271 -1.57 18.54 -16.71
N ALA C 272 -0.79 19.51 -16.18
CA ALA C 272 -0.35 19.37 -14.79
C ALA C 272 -1.53 19.45 -13.82
N GLN C 273 -2.41 20.43 -14.03
CA GLN C 273 -3.59 20.60 -13.19
C GLN C 273 -4.45 19.34 -13.20
N ALA C 274 -4.67 18.75 -14.38
CA ALA C 274 -5.49 17.54 -14.43
C ALA C 274 -4.83 16.42 -13.66
N MET C 275 -3.52 16.24 -13.81
CA MET C 275 -2.85 15.20 -13.05
C MET C 275 -2.99 15.43 -11.55
N LYS C 276 -3.01 16.69 -11.10
CA LYS C 276 -3.06 16.98 -9.67
C LYS C 276 -4.48 17.03 -9.09
N SER C 277 -5.52 17.08 -9.92
CA SER C 277 -6.87 17.36 -9.46
C SER C 277 -7.58 16.10 -8.96
N GLU C 278 -8.82 16.29 -8.53
CA GLU C 278 -9.75 15.24 -8.15
C GLU C 278 -10.61 14.73 -9.31
N GLY C 279 -10.49 15.32 -10.49
CA GLY C 279 -11.46 15.10 -11.55
C GLY C 279 -12.65 16.02 -11.41
N GLY C 280 -13.71 15.69 -12.16
CA GLY C 280 -14.95 16.44 -12.08
C GLY C 280 -14.94 17.76 -12.85
N PHE C 281 -14.46 17.74 -14.09
CA PHE C 281 -14.51 18.91 -14.94
C PHE C 281 -14.58 18.47 -16.40
N ILE C 282 -15.02 19.43 -17.24
CA ILE C 282 -15.01 19.28 -18.70
C ILE C 282 -13.75 19.94 -19.24
N TRP C 283 -13.05 19.24 -20.11
CA TRP C 283 -11.76 19.66 -20.62
C TRP C 283 -11.90 19.77 -22.14
N ALA C 284 -12.15 20.98 -22.63
CA ALA C 284 -12.18 21.26 -24.05
C ALA C 284 -10.77 21.29 -24.62
N CYS C 285 -10.51 20.41 -25.59
CA CYS C 285 -9.22 20.25 -26.25
C CYS C 285 -9.35 20.50 -27.75
N LYS C 286 -8.37 21.21 -28.31
CA LYS C 286 -8.14 21.19 -29.74
C LYS C 286 -7.93 19.75 -30.21
N ASN C 287 -8.28 19.50 -31.48
CA ASN C 287 -8.21 18.18 -32.10
C ASN C 287 -7.04 17.32 -31.60
N TYR C 288 -5.80 17.79 -31.79
CA TYR C 288 -4.64 16.94 -31.46
C TYR C 288 -4.55 16.68 -29.95
N ASP C 289 -4.79 17.71 -29.13
CA ASP C 289 -4.71 17.51 -27.69
C ASP C 289 -5.79 16.56 -27.20
N GLY C 290 -7.02 16.71 -27.72
CA GLY C 290 -8.06 15.76 -27.36
C GLY C 290 -7.70 14.33 -27.71
N ASP C 291 -7.13 14.14 -28.90
CA ASP C 291 -6.72 12.81 -29.33
C ASP C 291 -5.69 12.20 -28.38
N VAL C 292 -4.68 12.98 -27.97
CA VAL C 292 -3.59 12.44 -27.16
C VAL C 292 -4.00 12.33 -25.68
N GLN C 293 -4.49 13.44 -25.14
CA GLN C 293 -4.82 13.52 -23.73
C GLN C 293 -5.91 12.54 -23.35
N SER C 294 -6.88 12.25 -24.24
CA SER C 294 -7.89 11.30 -23.79
C SER C 294 -7.33 9.89 -23.65
N ASP C 295 -6.30 9.52 -24.41
CA ASP C 295 -5.68 8.21 -24.19
C ASP C 295 -4.93 8.20 -22.87
N SER C 296 -4.19 9.29 -22.61
CA SER C 296 -3.51 9.40 -21.33
C SER C 296 -4.50 9.28 -20.17
N VAL C 297 -5.61 10.02 -20.25
CA VAL C 297 -6.59 10.01 -19.16
C VAL C 297 -7.24 8.65 -19.02
N ALA C 298 -7.68 8.06 -20.15
CA ALA C 298 -8.24 6.72 -20.14
C ALA C 298 -7.35 5.78 -19.35
N GLN C 299 -6.04 5.78 -19.67
CA GLN C 299 -5.14 4.87 -18.99
C GLN C 299 -5.00 5.24 -17.52
N GLY C 300 -5.01 6.54 -17.22
CA GLY C 300 -4.93 6.97 -15.82
C GLY C 300 -6.07 6.45 -14.97
N TYR C 301 -7.26 6.30 -15.55
CA TYR C 301 -8.37 5.79 -14.76
C TYR C 301 -8.32 4.28 -14.60
N GLY C 302 -7.82 3.55 -15.59
CA GLY C 302 -7.73 2.09 -15.48
C GLY C 302 -7.79 1.41 -16.83
N SER C 303 -8.77 0.53 -17.03
CA SER C 303 -8.82 -0.29 -18.23
C SER C 303 -9.40 0.48 -19.42
N LEU C 304 -8.79 0.29 -20.58
CA LEU C 304 -9.32 0.95 -21.77
C LEU C 304 -10.68 0.38 -22.13
N GLY C 305 -11.02 -0.79 -21.61
CA GLY C 305 -12.35 -1.34 -21.75
C GLY C 305 -13.44 -0.53 -21.11
N MET C 306 -13.08 0.53 -20.36
CA MET C 306 -14.04 1.37 -19.64
C MET C 306 -14.19 2.77 -20.25
N MET C 307 -13.57 3.02 -21.39
CA MET C 307 -13.55 4.35 -21.99
C MET C 307 -14.69 4.46 -23.00
N THR C 308 -15.60 5.40 -22.80
CA THR C 308 -16.70 5.70 -23.72
C THR C 308 -16.37 6.93 -24.57
N SER C 309 -17.08 7.05 -25.68
CA SER C 309 -17.01 8.25 -26.51
C SER C 309 -18.38 8.52 -27.12
N VAL C 310 -18.68 9.80 -27.30
CA VAL C 310 -19.91 10.23 -27.96
C VAL C 310 -19.61 11.48 -28.80
N LEU C 311 -20.02 11.44 -30.06
CA LEU C 311 -19.98 12.62 -30.91
C LEU C 311 -21.26 13.42 -30.71
N VAL C 312 -21.11 14.67 -30.27
CA VAL C 312 -22.20 15.59 -30.04
C VAL C 312 -22.18 16.60 -31.19
N CYS C 313 -23.21 16.54 -32.06
CA CYS C 313 -23.24 17.27 -33.32
C CYS C 313 -23.76 18.69 -33.11
N PRO C 314 -23.44 19.62 -34.02
CA PRO C 314 -23.76 21.03 -33.76
C PRO C 314 -25.25 21.34 -33.64
N ASP C 315 -26.13 20.53 -34.22
CA ASP C 315 -27.57 20.80 -34.16
C ASP C 315 -28.14 20.64 -32.76
N GLY C 316 -27.37 20.13 -31.80
CA GLY C 316 -27.91 19.92 -30.47
C GLY C 316 -28.96 18.83 -30.38
N LYS C 317 -29.06 18.00 -31.41
CA LYS C 317 -30.10 16.98 -31.51
C LYS C 317 -29.55 15.63 -31.89
N THR C 318 -28.39 15.57 -32.54
CA THR C 318 -27.83 14.37 -33.13
C THR C 318 -26.61 13.97 -32.32
N VAL C 319 -26.53 12.68 -31.96
CA VAL C 319 -25.36 12.13 -31.29
C VAL C 319 -25.02 10.78 -31.92
N GLU C 320 -23.77 10.38 -31.71
CA GLU C 320 -23.32 9.08 -32.19
C GLU C 320 -22.35 8.51 -31.16
N ALA C 321 -22.73 7.39 -30.53
CA ALA C 321 -22.01 6.84 -29.37
C ALA C 321 -21.22 5.62 -29.77
N GLU C 322 -20.01 5.51 -29.24
CA GLU C 322 -19.13 4.39 -29.56
C GLU C 322 -18.15 4.15 -28.42
N ALA C 323 -17.79 2.88 -28.22
CA ALA C 323 -16.70 2.60 -27.30
C ALA C 323 -15.42 3.25 -27.81
N ALA C 324 -14.59 3.76 -26.88
CA ALA C 324 -13.36 4.43 -27.28
C ALA C 324 -12.24 3.45 -27.68
N HIS C 325 -12.25 2.24 -27.15
CA HIS C 325 -11.19 1.30 -27.47
C HIS C 325 -11.41 0.70 -28.86
N GLY C 326 -10.49 -0.18 -29.29
CA GLY C 326 -10.56 -0.83 -30.59
C GLY C 326 -11.31 -2.15 -30.57
N THR C 327 -11.02 -2.96 -31.59
CA THR C 327 -11.76 -4.21 -31.79
C THR C 327 -11.18 -5.38 -31.02
N VAL C 328 -10.16 -5.14 -30.20
CA VAL C 328 -9.57 -6.13 -29.30
C VAL C 328 -9.14 -7.35 -30.12
N THR C 329 -8.24 -7.12 -31.09
CA THR C 329 -7.86 -8.16 -32.05
C THR C 329 -7.27 -9.40 -31.37
N ARG C 330 -6.41 -9.22 -30.38
CA ARG C 330 -5.78 -10.39 -29.76
C ARG C 330 -6.82 -11.33 -29.18
N HIS C 331 -7.83 -10.77 -28.50
CA HIS C 331 -8.90 -11.61 -27.95
C HIS C 331 -9.67 -12.29 -29.07
N TYR C 332 -9.87 -11.57 -30.18
CA TYR C 332 -10.54 -12.16 -31.32
C TYR C 332 -9.77 -13.38 -31.84
N ARG C 333 -8.44 -13.28 -31.93
CA ARG C 333 -7.68 -14.42 -32.42
C ARG C 333 -7.88 -15.64 -31.50
N MET C 334 -7.85 -15.42 -30.18
CA MET C 334 -8.11 -16.56 -29.29
C MET C 334 -9.52 -17.11 -29.47
N TYR C 335 -10.52 -16.23 -29.53
CA TYR C 335 -11.91 -16.64 -29.74
C TYR C 335 -12.06 -17.43 -31.05
N GLN C 336 -11.39 -16.98 -32.10
CA GLN C 336 -11.46 -17.68 -33.36
C GLN C 336 -10.82 -19.06 -33.27
N LYS C 337 -9.89 -19.26 -32.35
CA LYS C 337 -9.40 -20.62 -32.14
C LYS C 337 -10.17 -21.37 -31.06
N GLY C 338 -11.36 -20.87 -30.68
CA GLY C 338 -12.15 -21.54 -29.67
C GLY C 338 -11.62 -21.44 -28.27
N GLN C 339 -10.69 -20.53 -28.01
CA GLN C 339 -10.14 -20.35 -26.67
C GLN C 339 -10.99 -19.39 -25.85
N GLU C 340 -10.94 -19.58 -24.54
CA GLU C 340 -11.57 -18.66 -23.60
C GLU C 340 -10.96 -17.26 -23.72
N THR C 341 -11.80 -16.24 -23.56
CA THR C 341 -11.35 -14.85 -23.51
C THR C 341 -12.05 -14.16 -22.34
N SER C 342 -11.58 -12.94 -22.02
CA SER C 342 -12.22 -12.13 -20.97
C SER C 342 -12.26 -10.70 -21.48
N THR C 343 -13.25 -10.42 -22.32
CA THR C 343 -13.36 -9.14 -23.00
C THR C 343 -14.43 -8.31 -22.30
N ASN C 344 -14.02 -7.14 -21.82
CA ASN C 344 -14.88 -6.18 -21.12
C ASN C 344 -15.93 -5.59 -22.07
N PRO C 345 -17.22 -5.78 -21.82
CA PRO C 345 -18.26 -5.21 -22.68
C PRO C 345 -18.80 -3.86 -22.23
N ILE C 346 -18.25 -3.29 -21.15
CA ILE C 346 -18.87 -2.13 -20.49
C ILE C 346 -18.94 -0.92 -21.43
N ALA C 347 -17.83 -0.60 -22.09
CA ALA C 347 -17.83 0.57 -22.95
C ALA C 347 -18.80 0.41 -24.12
N SER C 348 -18.92 -0.81 -24.68
CA SER C 348 -19.91 -1.02 -25.74
C SER C 348 -21.32 -0.90 -25.18
N ILE C 349 -21.52 -1.40 -23.97
CA ILE C 349 -22.83 -1.31 -23.33
C ILE C 349 -23.21 0.15 -23.14
N PHE C 350 -22.27 0.97 -22.67
CA PHE C 350 -22.55 2.38 -22.44
C PHE C 350 -22.69 3.18 -23.73
N ALA C 351 -22.11 2.73 -24.83
CA ALA C 351 -22.47 3.33 -26.11
C ALA C 351 -23.95 3.09 -26.42
N TRP C 352 -24.40 1.83 -26.23
CA TRP C 352 -25.83 1.56 -26.36
C TRP C 352 -26.65 2.39 -25.39
N THR C 353 -26.22 2.50 -24.13
CA THR C 353 -27.08 3.18 -23.15
C THR C 353 -27.06 4.69 -23.35
N ARG C 354 -25.96 5.27 -23.82
CA ARG C 354 -25.97 6.69 -24.14
C ARG C 354 -26.86 6.97 -25.33
N GLY C 355 -26.78 6.11 -26.35
CA GLY C 355 -27.68 6.26 -27.50
C GLY C 355 -29.13 6.13 -27.11
N LEU C 356 -29.47 5.14 -26.29
CA LEU C 356 -30.87 4.93 -25.93
C LEU C 356 -31.37 6.02 -24.98
N ALA C 357 -30.52 6.51 -24.07
CA ALA C 357 -30.89 7.63 -23.23
C ALA C 357 -31.21 8.85 -24.09
N HIS C 358 -30.39 9.11 -25.10
CA HIS C 358 -30.65 10.27 -25.95
C HIS C 358 -31.92 10.07 -26.77
N ARG C 359 -32.11 8.88 -27.34
CA ARG C 359 -33.37 8.52 -27.99
C ARG C 359 -34.57 8.83 -27.10
N ALA C 360 -34.48 8.43 -25.83
CA ALA C 360 -35.58 8.63 -24.88
C ALA C 360 -35.82 10.10 -24.63
N LYS C 361 -34.75 10.88 -24.46
CA LYS C 361 -34.92 12.31 -24.22
C LYS C 361 -35.57 12.99 -25.42
N LEU C 362 -35.19 12.57 -26.64
CA LEU C 362 -35.81 13.13 -27.83
C LEU C 362 -37.29 12.76 -27.91
N ASP C 363 -37.65 11.56 -27.48
CA ASP C 363 -39.04 11.11 -27.63
C ASP C 363 -39.88 11.24 -26.37
N ASN C 364 -39.32 11.79 -25.27
CA ASN C 364 -40.03 11.80 -23.99
C ASN C 364 -40.48 10.38 -23.63
N ASN C 365 -39.58 9.44 -23.83
CA ASN C 365 -39.84 8.02 -23.63
C ASN C 365 -39.33 7.67 -22.24
N LYS C 366 -40.18 7.83 -21.23
CA LYS C 366 -39.70 7.66 -19.87
C LYS C 366 -39.31 6.22 -19.58
N GLU C 367 -39.98 5.24 -20.21
CA GLU C 367 -39.64 3.83 -19.97
C GLU C 367 -38.29 3.47 -20.59
N LEU C 368 -37.99 4.01 -21.77
CA LEU C 368 -36.67 3.81 -22.36
C LEU C 368 -35.58 4.48 -21.52
N ALA C 369 -35.85 5.69 -21.01
CA ALA C 369 -34.89 6.35 -20.14
C ALA C 369 -34.60 5.49 -18.90
N PHE C 370 -35.66 4.96 -18.27
CA PHE C 370 -35.43 4.14 -17.09
C PHE C 370 -34.59 2.92 -17.44
N PHE C 371 -34.90 2.28 -18.56
CA PHE C 371 -34.13 1.11 -18.98
C PHE C 371 -32.66 1.45 -19.15
N ALA C 372 -32.36 2.56 -19.83
CA ALA C 372 -30.96 2.89 -20.10
C ALA C 372 -30.20 3.14 -18.80
N ASN C 373 -30.77 3.98 -17.93
CA ASN C 373 -30.11 4.22 -16.67
C ASN C 373 -29.94 2.92 -15.88
N ALA C 374 -30.95 2.04 -15.93
CA ALA C 374 -30.91 0.81 -15.14
C ALA C 374 -29.82 -0.13 -15.63
N LEU C 375 -29.63 -0.22 -16.96
CA LEU C 375 -28.55 -1.05 -17.48
C LEU C 375 -27.17 -0.49 -17.09
N GLU C 376 -27.03 0.84 -17.05
CA GLU C 376 -25.76 1.40 -16.58
C GLU C 376 -25.50 1.05 -15.11
N GLU C 377 -26.52 1.27 -14.27
CA GLU C 377 -26.43 0.91 -12.86
C GLU C 377 -26.09 -0.58 -12.67
N VAL C 378 -26.71 -1.47 -13.45
CA VAL C 378 -26.45 -2.90 -13.28
C VAL C 378 -25.00 -3.22 -13.63
N SER C 379 -24.47 -2.63 -14.71
CA SER C 379 -23.07 -2.85 -15.09
C SER C 379 -22.12 -2.46 -13.95
N ILE C 380 -22.33 -1.27 -13.38
CA ILE C 380 -21.45 -0.81 -12.32
C ILE C 380 -21.64 -1.67 -11.05
N GLU C 381 -22.89 -1.98 -10.69
CA GLU C 381 -23.15 -2.77 -9.49
C GLU C 381 -22.53 -4.15 -9.58
N THR C 382 -22.62 -4.77 -10.76
CA THR C 382 -22.06 -6.09 -10.96
C THR C 382 -20.57 -6.08 -10.69
N ILE C 383 -19.86 -5.12 -11.29
CA ILE C 383 -18.41 -5.07 -11.07
C ILE C 383 -18.10 -4.78 -9.60
N GLU C 384 -18.83 -3.83 -8.99
CA GLU C 384 -18.59 -3.50 -7.58
C GLU C 384 -18.97 -4.64 -6.63
N ALA C 385 -19.79 -5.57 -7.09
CA ALA C 385 -20.03 -6.78 -6.31
C ALA C 385 -18.95 -7.84 -6.52
N GLY C 386 -17.91 -7.53 -7.29
CA GLY C 386 -16.78 -8.44 -7.45
C GLY C 386 -16.81 -9.32 -8.68
N PHE C 387 -17.76 -9.12 -9.60
CA PHE C 387 -17.83 -9.90 -10.84
C PHE C 387 -17.34 -9.00 -11.97
N MET C 388 -16.21 -9.38 -12.58
CA MET C 388 -15.56 -8.50 -13.54
C MET C 388 -14.73 -9.33 -14.51
N THR C 389 -14.36 -8.68 -15.61
CA THR C 389 -13.45 -9.28 -16.57
C THR C 389 -12.00 -9.11 -16.12
N LYS C 390 -11.10 -9.81 -16.81
CA LYS C 390 -9.70 -9.90 -16.43
C LYS C 390 -9.02 -8.54 -16.34
N ASP C 391 -9.35 -7.62 -17.25
CA ASP C 391 -8.70 -6.31 -17.26
C ASP C 391 -8.97 -5.55 -15.96
N LEU C 392 -10.18 -5.69 -15.41
CA LEU C 392 -10.51 -5.04 -14.14
C LEU C 392 -9.83 -5.72 -12.95
N ALA C 393 -9.86 -7.06 -12.92
CA ALA C 393 -9.11 -7.80 -11.90
C ALA C 393 -7.63 -7.42 -11.93
N ALA C 394 -7.08 -7.15 -13.12
CA ALA C 394 -5.69 -6.74 -13.23
C ALA C 394 -5.49 -5.36 -12.63
N CYS C 395 -6.47 -4.48 -12.77
CA CYS C 395 -6.40 -3.22 -12.03
C CYS C 395 -6.26 -3.49 -10.52
N ILE C 396 -6.96 -4.50 -10.01
CA ILE C 396 -6.90 -4.72 -8.56
C ILE C 396 -5.56 -5.35 -8.17
N LYS C 397 -5.12 -6.37 -8.90
CA LYS C 397 -4.04 -7.23 -8.46
C LYS C 397 -2.73 -7.03 -9.21
N GLY C 398 -2.74 -6.29 -10.34
CA GLY C 398 -1.60 -6.29 -11.24
C GLY C 398 -1.75 -7.44 -12.22
N LEU C 399 -1.61 -7.15 -13.52
CA LEU C 399 -1.92 -8.15 -14.54
C LEU C 399 -1.17 -9.47 -14.38
N PRO C 400 0.14 -9.50 -14.16
CA PRO C 400 0.83 -10.81 -14.07
C PRO C 400 0.46 -11.60 -12.82
N ASN C 401 -0.33 -11.04 -11.92
CA ASN C 401 -0.67 -11.70 -10.67
C ASN C 401 -2.10 -12.19 -10.62
N VAL C 402 -2.90 -11.91 -11.66
CA VAL C 402 -4.29 -12.35 -11.68
C VAL C 402 -4.36 -13.87 -11.83
N GLN C 403 -5.27 -14.50 -11.08
CA GLN C 403 -5.61 -15.89 -11.24
C GLN C 403 -6.93 -16.02 -11.98
N ARG C 404 -7.15 -17.21 -12.57
CA ARG C 404 -8.40 -17.49 -13.27
C ARG C 404 -9.60 -17.26 -12.37
N SER C 405 -9.46 -17.56 -11.07
CA SER C 405 -10.58 -17.38 -10.15
C SER C 405 -10.83 -15.91 -9.80
N ASP C 406 -9.98 -14.99 -10.25
CA ASP C 406 -10.22 -13.58 -9.97
C ASP C 406 -11.22 -12.93 -10.93
N TYR C 407 -11.68 -13.61 -11.98
CA TYR C 407 -12.49 -12.92 -12.97
C TYR C 407 -13.41 -13.88 -13.70
N LEU C 408 -14.27 -13.30 -14.54
CA LEU C 408 -15.23 -14.03 -15.36
C LEU C 408 -14.81 -13.97 -16.82
N ASN C 409 -15.05 -15.03 -17.59
CA ASN C 409 -14.76 -14.93 -19.00
C ASN C 409 -15.87 -14.12 -19.70
N THR C 410 -15.69 -13.90 -21.00
CA THR C 410 -16.57 -13.02 -21.76
C THR C 410 -18.04 -13.41 -21.61
N PHE C 411 -18.32 -14.69 -21.81
CA PHE C 411 -19.69 -15.17 -21.75
C PHE C 411 -20.21 -15.24 -20.32
N GLU C 412 -19.37 -15.67 -19.36
CA GLU C 412 -19.78 -15.64 -17.95
C GLU C 412 -20.17 -14.22 -17.52
N PHE C 413 -19.35 -13.24 -17.89
CA PHE C 413 -19.65 -11.88 -17.46
C PHE C 413 -20.93 -11.37 -18.12
N MET C 414 -21.09 -11.59 -19.44
N MET C 414 -21.08 -11.60 -19.43
CA MET C 414 -22.33 -11.19 -20.09
CA MET C 414 -22.32 -11.21 -20.09
C MET C 414 -23.53 -11.85 -19.44
C MET C 414 -23.54 -11.86 -19.43
N ASP C 415 -23.42 -13.14 -19.10
CA ASP C 415 -24.54 -13.85 -18.47
C ASP C 415 -24.87 -13.26 -17.11
N LYS C 416 -23.85 -12.97 -16.30
CA LYS C 416 -24.06 -12.36 -15.00
C LYS C 416 -24.76 -11.02 -15.12
N LEU C 417 -24.35 -10.21 -16.11
CA LEU C 417 -25.04 -8.94 -16.34
C LEU C 417 -26.50 -9.17 -16.71
N GLY C 418 -26.77 -10.13 -17.58
CA GLY C 418 -28.16 -10.42 -17.93
C GLY C 418 -28.99 -10.84 -16.73
N GLU C 419 -28.43 -11.69 -15.86
CA GLU C 419 -29.15 -12.10 -14.66
C GLU C 419 -29.45 -10.91 -13.77
N ASN C 420 -28.44 -10.07 -13.53
CA ASN C 420 -28.62 -8.91 -12.66
C ASN C 420 -29.60 -7.90 -13.27
N LEU C 421 -29.56 -7.71 -14.60
CA LEU C 421 -30.50 -6.79 -15.25
C LEU C 421 -31.93 -7.31 -15.15
N LYS C 422 -32.14 -8.61 -15.36
CA LYS C 422 -33.46 -9.18 -15.14
C LYS C 422 -33.96 -8.90 -13.72
N ILE C 423 -33.10 -9.10 -12.74
CA ILE C 423 -33.49 -8.83 -11.35
C ILE C 423 -33.84 -7.35 -11.17
N LYS C 424 -33.00 -6.46 -11.68
CA LYS C 424 -33.20 -5.03 -11.46
C LYS C 424 -34.50 -4.56 -12.11
N LEU C 425 -34.80 -5.04 -13.32
CA LEU C 425 -36.02 -4.60 -13.99
C LEU C 425 -37.26 -5.21 -13.35
N ALA C 426 -37.15 -6.44 -12.83
CA ALA C 426 -38.30 -7.03 -12.16
C ALA C 426 -38.61 -6.30 -10.85
N GLN C 427 -37.59 -5.94 -10.07
CA GLN C 427 -37.88 -5.28 -8.81
C GLN C 427 -38.60 -3.95 -9.03
N ALA C 428 -38.28 -3.26 -10.13
CA ALA C 428 -38.82 -1.93 -10.41
C ALA C 428 -40.32 -1.94 -10.68
N LYS C 429 -40.89 -3.06 -11.09
CA LYS C 429 -42.30 -3.13 -11.44
C LYS C 429 -43.23 -3.28 -10.22
N SER D 18 41.26 26.00 2.14
CA SER D 18 41.93 27.30 2.18
C SER D 18 41.68 28.11 0.90
N LYS D 19 40.98 27.50 -0.06
CA LYS D 19 40.86 28.09 -1.38
C LYS D 19 39.55 27.67 -2.05
N LYS D 20 38.87 28.64 -2.65
CA LYS D 20 37.68 28.35 -3.42
C LYS D 20 38.00 27.58 -4.70
N ILE D 21 37.07 26.70 -5.09
CA ILE D 21 37.21 25.93 -6.33
C ILE D 21 37.22 26.86 -7.52
N SER D 22 38.15 26.65 -8.45
CA SER D 22 38.20 27.44 -9.68
C SER D 22 37.22 26.84 -10.67
N GLY D 23 36.08 27.50 -10.90
CA GLY D 23 35.01 26.95 -11.69
C GLY D 23 35.10 27.22 -13.18
N GLY D 24 35.64 28.37 -13.56
CA GLY D 24 35.78 28.62 -14.99
C GLY D 24 34.71 29.51 -15.57
N SER D 25 34.48 29.37 -16.87
CA SER D 25 33.65 30.30 -17.63
C SER D 25 32.21 29.81 -17.67
N VAL D 26 31.29 30.64 -17.20
CA VAL D 26 29.87 30.30 -17.17
C VAL D 26 29.07 31.50 -17.64
N VAL D 27 28.09 31.25 -18.52
CA VAL D 27 27.13 32.28 -18.89
C VAL D 27 25.92 32.16 -17.98
N GLU D 28 25.51 33.24 -17.34
CA GLU D 28 24.28 33.27 -16.58
C GLU D 28 23.27 34.18 -17.27
N MET D 29 22.02 33.75 -17.31
CA MET D 29 20.94 34.59 -17.83
C MET D 29 20.04 34.94 -16.66
N GLN D 30 20.08 36.21 -16.27
CA GLN D 30 19.31 36.68 -15.12
C GLN D 30 17.84 36.79 -15.48
N GLY D 31 16.98 36.49 -14.50
CA GLY D 31 15.55 36.33 -14.76
C GLY D 31 14.66 37.41 -14.16
N ASP D 32 13.43 37.05 -13.85
CA ASP D 32 12.42 37.99 -13.41
C ASP D 32 11.87 37.61 -12.04
N GLU D 33 11.41 38.63 -11.33
CA GLU D 33 10.59 38.51 -10.12
C GLU D 33 11.18 37.58 -9.04
N MET D 34 10.33 36.76 -8.42
CA MET D 34 10.79 35.97 -7.27
C MET D 34 11.98 35.09 -7.63
N THR D 35 11.97 34.52 -8.83
CA THR D 35 13.10 33.68 -9.19
C THR D 35 14.37 34.48 -9.29
N ARG D 36 14.31 35.74 -9.72
CA ARG D 36 15.52 36.54 -9.73
C ARG D 36 16.01 36.80 -8.30
N ILE D 37 15.08 37.05 -7.38
CA ILE D 37 15.45 37.13 -5.96
C ILE D 37 16.18 35.87 -5.51
N ILE D 38 15.59 34.71 -5.83
CA ILE D 38 16.12 33.41 -5.43
C ILE D 38 17.49 33.15 -6.07
N TRP D 39 17.61 33.48 -7.35
CA TRP D 39 18.87 33.41 -8.10
C TRP D 39 19.99 34.10 -7.34
N GLU D 40 19.76 35.35 -6.93
CA GLU D 40 20.82 36.08 -6.21
C GLU D 40 21.09 35.45 -4.85
N LEU D 41 20.04 34.97 -4.17
CA LEU D 41 20.26 34.26 -2.90
C LEU D 41 21.16 33.05 -3.10
N ILE D 42 20.93 32.28 -4.17
CA ILE D 42 21.67 31.05 -4.41
C ILE D 42 23.12 31.36 -4.69
N LYS D 43 23.37 32.40 -5.51
CA LYS D 43 24.74 32.78 -5.82
C LYS D 43 25.47 33.27 -4.57
N GLU D 44 24.78 34.04 -3.73
CA GLU D 44 25.42 34.64 -2.59
C GLU D 44 25.67 33.64 -1.46
N LYS D 45 24.82 32.62 -1.33
CA LYS D 45 24.87 31.70 -0.19
C LYS D 45 25.44 30.33 -0.51
N LEU D 46 25.30 29.83 -1.73
CA LEU D 46 25.65 28.46 -2.03
C LEU D 46 26.80 28.31 -3.03
N ILE D 47 26.94 29.23 -3.99
CA ILE D 47 27.94 29.11 -5.04
C ILE D 47 29.18 29.93 -4.69
N PHE D 48 29.02 31.25 -4.61
CA PHE D 48 30.17 32.13 -4.45
C PHE D 48 31.03 31.85 -3.22
N PRO D 49 30.48 31.46 -2.05
CA PRO D 49 31.36 31.17 -0.91
C PRO D 49 32.38 30.08 -1.19
N TYR D 50 32.13 29.19 -2.14
CA TYR D 50 33.00 28.05 -2.39
C TYR D 50 33.56 27.97 -3.79
N VAL D 51 33.14 28.84 -4.71
CA VAL D 51 33.46 28.66 -6.13
C VAL D 51 33.74 30.04 -6.73
N GLU D 52 34.91 30.20 -7.34
CA GLU D 52 35.25 31.41 -8.08
C GLU D 52 34.92 31.16 -9.55
N LEU D 53 34.15 32.07 -10.15
CA LEU D 53 33.68 31.88 -11.50
C LEU D 53 34.09 33.07 -12.38
N ASP D 54 34.31 32.77 -13.66
CA ASP D 54 34.39 33.78 -14.72
C ASP D 54 32.98 33.90 -15.29
N LEU D 55 32.17 34.75 -14.67
CA LEU D 55 30.76 34.84 -14.98
C LEU D 55 30.51 35.83 -16.10
N HIS D 56 29.73 35.43 -17.09
CA HIS D 56 29.34 36.30 -18.20
C HIS D 56 27.84 36.51 -18.10
N SER D 57 27.46 37.62 -17.47
CA SER D 57 26.10 37.87 -17.04
C SER D 57 25.31 38.59 -18.15
N TYR D 58 24.09 38.13 -18.38
CA TYR D 58 23.17 38.77 -19.31
C TYR D 58 21.85 38.97 -18.60
N ASP D 59 21.35 40.20 -18.60
CA ASP D 59 20.08 40.51 -17.95
C ASP D 59 18.96 40.20 -18.93
N LEU D 60 18.31 39.06 -18.75
CA LEU D 60 17.12 38.72 -19.51
C LEU D 60 15.83 39.11 -18.78
N GLY D 61 15.94 39.94 -17.74
CA GLY D 61 14.75 40.52 -17.14
C GLY D 61 13.93 41.27 -18.17
N ILE D 62 12.62 41.32 -17.93
CA ILE D 62 11.70 41.76 -19.00
C ILE D 62 11.97 43.20 -19.39
N GLU D 63 12.42 44.03 -18.44
CA GLU D 63 12.64 45.45 -18.71
C GLU D 63 13.87 45.65 -19.59
N ASN D 64 14.92 44.84 -19.40
CA ASN D 64 16.10 44.90 -20.25
C ASN D 64 15.89 44.22 -21.59
N ARG D 65 15.07 43.18 -21.64
CA ARG D 65 14.68 42.65 -22.94
C ARG D 65 13.92 43.72 -23.74
N ASP D 66 13.02 44.46 -23.09
CA ASP D 66 12.30 45.54 -23.78
C ASP D 66 13.25 46.65 -24.21
N ALA D 67 14.16 47.08 -23.32
CA ALA D 67 15.12 48.12 -23.66
C ALA D 67 15.95 47.74 -24.87
N THR D 68 16.38 46.48 -24.98
CA THR D 68 17.26 46.08 -26.08
C THR D 68 16.50 45.49 -27.27
N ASN D 69 15.18 45.65 -27.31
CA ASN D 69 14.32 45.06 -28.36
C ASN D 69 14.60 43.56 -28.51
N ASP D 70 14.80 42.89 -27.37
CA ASP D 70 15.03 41.46 -27.26
C ASP D 70 16.42 41.02 -27.74
N GLN D 71 17.29 41.98 -28.06
CA GLN D 71 18.64 41.64 -28.52
C GLN D 71 19.47 40.95 -27.43
N VAL D 72 19.23 41.29 -26.16
CA VAL D 72 20.04 40.69 -25.10
C VAL D 72 19.86 39.17 -25.08
N THR D 73 18.67 38.68 -25.48
CA THR D 73 18.43 37.23 -25.52
C THR D 73 19.32 36.54 -26.56
N LYS D 74 19.42 37.13 -27.76
CA LYS D 74 20.30 36.58 -28.78
C LYS D 74 21.77 36.69 -28.36
N ASP D 75 22.15 37.83 -27.78
CA ASP D 75 23.51 37.99 -27.27
C ASP D 75 23.85 36.89 -26.25
N ALA D 76 22.90 36.55 -25.37
CA ALA D 76 23.14 35.50 -24.38
C ALA D 76 23.32 34.13 -25.04
N ALA D 77 22.46 33.81 -26.00
CA ALA D 77 22.63 32.54 -26.71
C ALA D 77 24.00 32.46 -27.41
N GLU D 78 24.45 33.58 -28.01
CA GLU D 78 25.77 33.60 -28.66
C GLU D 78 26.90 33.45 -27.64
N ALA D 79 26.76 34.06 -26.46
CA ALA D 79 27.76 33.86 -25.42
C ALA D 79 27.82 32.40 -24.96
N ILE D 80 26.64 31.74 -24.88
CA ILE D 80 26.61 30.31 -24.53
C ILE D 80 27.39 29.51 -25.55
N LYS D 81 27.14 29.77 -26.84
CA LYS D 81 27.90 29.09 -27.89
C LYS D 81 29.39 29.27 -27.67
N LYS D 82 29.81 30.49 -27.28
CA LYS D 82 31.23 30.77 -27.11
C LYS D 82 31.83 30.05 -25.91
N HIS D 83 31.12 29.98 -24.78
CA HIS D 83 31.70 29.50 -23.54
C HIS D 83 31.26 28.09 -23.13
N ASN D 84 30.32 27.48 -23.85
CA ASN D 84 29.89 26.07 -23.78
C ASN D 84 29.04 25.69 -22.57
N VAL D 85 28.81 26.60 -21.62
CA VAL D 85 27.99 26.34 -20.44
C VAL D 85 27.12 27.57 -20.18
N GLY D 86 25.81 27.35 -20.04
CA GLY D 86 24.91 28.43 -19.66
C GLY D 86 23.94 27.99 -18.57
N VAL D 87 23.54 28.94 -17.74
CA VAL D 87 22.57 28.68 -16.67
C VAL D 87 21.54 29.81 -16.66
N LYS D 88 20.26 29.45 -16.80
CA LYS D 88 19.20 30.42 -17.03
C LYS D 88 18.18 30.41 -15.90
N CYS D 89 17.87 31.61 -15.42
CA CYS D 89 16.79 31.88 -14.48
C CYS D 89 15.47 31.99 -15.22
N ALA D 90 14.38 31.54 -14.58
CA ALA D 90 13.05 31.74 -15.13
C ALA D 90 12.82 33.22 -15.45
N THR D 91 12.04 33.47 -16.51
CA THR D 91 11.83 34.81 -17.07
C THR D 91 10.36 35.02 -17.40
N ILE D 92 9.95 36.28 -17.44
CA ILE D 92 8.58 36.57 -17.88
C ILE D 92 8.45 36.33 -19.38
N THR D 93 7.40 35.59 -19.77
CA THR D 93 6.94 35.59 -21.15
C THR D 93 5.70 36.46 -21.23
N PRO D 94 5.79 37.66 -21.80
CA PRO D 94 4.70 38.63 -21.63
C PRO D 94 3.39 38.13 -22.23
N ASP D 95 2.29 38.60 -21.65
CA ASP D 95 0.99 38.58 -22.31
C ASP D 95 0.47 40.01 -22.36
N GLU D 96 -0.83 40.17 -22.61
CA GLU D 96 -1.41 41.50 -22.74
C GLU D 96 -1.23 42.31 -21.46
N LYS D 97 -1.52 41.68 -20.32
CA LYS D 97 -1.33 42.31 -19.01
C LYS D 97 0.11 42.76 -18.80
N ARG D 98 1.09 41.98 -19.25
CA ARG D 98 2.48 42.36 -19.04
C ARG D 98 2.86 43.54 -19.93
N VAL D 99 2.37 43.53 -21.18
CA VAL D 99 2.54 44.67 -22.07
C VAL D 99 2.07 45.94 -21.38
N GLU D 100 0.88 45.87 -20.76
CA GLU D 100 0.39 47.04 -20.01
C GLU D 100 1.27 47.35 -18.80
N GLU D 101 1.65 46.32 -18.03
CA GLU D 101 2.36 46.55 -16.78
C GLU D 101 3.72 47.21 -17.00
N PHE D 102 4.41 46.87 -18.09
CA PHE D 102 5.75 47.40 -18.33
C PHE D 102 5.79 48.34 -19.53
N LYS D 103 4.65 48.66 -20.13
CA LYS D 103 4.56 49.49 -21.31
C LYS D 103 5.55 49.02 -22.37
N LEU D 104 5.42 47.74 -22.74
CA LEU D 104 6.36 47.09 -23.63
C LEU D 104 6.16 47.55 -25.07
N LYS D 105 7.26 47.61 -25.82
CA LYS D 105 7.19 47.91 -27.24
C LYS D 105 6.50 46.81 -28.04
N GLN D 106 6.44 45.60 -27.48
CA GLN D 106 5.89 44.45 -28.19
C GLN D 106 5.69 43.34 -27.18
N MET D 107 4.69 42.49 -27.42
CA MET D 107 4.55 41.26 -26.65
C MET D 107 5.65 40.30 -27.05
N TRP D 108 6.84 40.55 -26.48
CA TRP D 108 8.03 39.78 -26.80
C TRP D 108 7.76 38.28 -26.65
N LYS D 109 8.38 37.48 -27.51
CA LYS D 109 8.13 36.05 -27.51
C LYS D 109 8.99 35.35 -26.46
N SER D 110 8.62 34.10 -26.18
CA SER D 110 9.31 33.30 -25.18
C SER D 110 10.83 33.34 -25.40
N PRO D 111 11.61 33.82 -24.43
CA PRO D 111 13.07 33.80 -24.59
C PRO D 111 13.63 32.40 -24.81
N ASN D 112 13.02 31.37 -24.19
CA ASN D 112 13.55 30.02 -24.35
C ASN D 112 13.47 29.59 -25.81
N GLY D 113 12.40 29.98 -26.51
CA GLY D 113 12.27 29.64 -27.91
C GLY D 113 13.35 30.29 -28.75
N THR D 114 13.70 31.54 -28.44
CA THR D 114 14.78 32.21 -29.15
C THR D 114 16.12 31.54 -28.86
N ILE D 115 16.41 31.27 -27.58
CA ILE D 115 17.67 30.63 -27.23
C ILE D 115 17.80 29.28 -27.92
N ARG D 116 16.75 28.46 -27.87
CA ARG D 116 16.81 27.13 -28.46
C ARG D 116 16.88 27.21 -29.98
N ASN D 117 16.17 28.18 -30.59
CA ASN D 117 16.29 28.31 -32.04
C ASN D 117 17.75 28.57 -32.41
N ILE D 118 18.46 29.35 -31.60
CA ILE D 118 19.85 29.68 -31.93
C ILE D 118 20.78 28.50 -31.64
N LEU D 119 20.62 27.83 -30.50
CA LEU D 119 21.54 26.78 -30.08
C LEU D 119 21.19 25.42 -30.68
N GLY D 120 19.91 25.13 -30.88
CA GLY D 120 19.47 23.81 -31.27
C GLY D 120 19.77 22.77 -30.19
N GLY D 121 19.39 21.53 -30.47
CA GLY D 121 19.65 20.44 -29.55
C GLY D 121 18.42 19.81 -28.92
N THR D 122 18.61 19.24 -27.72
CA THR D 122 17.57 18.43 -27.08
C THR D 122 17.51 18.82 -25.61
N VAL D 123 16.31 19.11 -25.09
CA VAL D 123 16.16 19.43 -23.67
C VAL D 123 15.83 18.14 -22.94
N PHE D 124 16.73 17.69 -22.08
CA PHE D 124 16.49 16.48 -21.30
C PHE D 124 15.91 16.90 -19.96
N ARG D 125 14.72 16.37 -19.66
CA ARG D 125 13.93 16.74 -18.51
C ARG D 125 13.77 15.49 -17.64
N GLU D 126 13.87 15.69 -16.33
CA GLU D 126 13.80 14.56 -15.40
C GLU D 126 13.41 15.06 -14.02
N ALA D 127 12.58 14.29 -13.32
CA ALA D 127 12.10 14.73 -12.02
C ALA D 127 13.23 14.75 -10.99
N ILE D 128 13.14 15.70 -10.05
CA ILE D 128 14.03 15.76 -8.89
C ILE D 128 13.31 15.07 -7.74
N ILE D 129 13.74 13.87 -7.39
CA ILE D 129 12.95 12.97 -6.57
C ILE D 129 13.44 13.00 -5.13
N CYS D 130 12.51 13.23 -4.19
CA CYS D 130 12.75 13.09 -2.75
C CYS D 130 11.84 12.00 -2.20
N LYS D 131 12.41 11.14 -1.37
CA LYS D 131 11.70 9.92 -0.94
C LYS D 131 10.44 10.23 -0.15
N ASN D 132 10.37 11.39 0.52
CA ASN D 132 9.17 11.71 1.30
C ASN D 132 8.14 12.53 0.54
N ILE D 133 8.40 12.86 -0.72
CA ILE D 133 7.41 13.57 -1.55
C ILE D 133 6.63 12.51 -2.34
N PRO D 134 5.34 12.35 -2.09
CA PRO D 134 4.61 11.25 -2.74
C PRO D 134 4.38 11.52 -4.22
N ARG D 135 4.43 10.44 -5.00
CA ARG D 135 4.04 10.43 -6.41
C ARG D 135 2.52 10.41 -6.55
N LEU D 136 2.04 10.92 -7.69
CA LEU D 136 0.64 10.78 -8.01
C LEU D 136 0.35 9.57 -8.88
N VAL D 137 1.34 9.05 -9.58
CA VAL D 137 1.21 7.82 -10.37
C VAL D 137 1.99 6.74 -9.63
N SER D 138 1.28 5.71 -9.15
CA SER D 138 1.91 4.78 -8.21
C SER D 138 3.01 3.97 -8.89
N GLY D 139 2.83 3.60 -10.15
CA GLY D 139 3.78 2.70 -10.82
C GLY D 139 5.17 3.27 -11.07
N TRP D 140 5.35 4.59 -11.00
CA TRP D 140 6.58 5.21 -11.50
C TRP D 140 7.68 5.09 -10.44
N VAL D 141 8.25 3.88 -10.35
CA VAL D 141 9.31 3.63 -9.37
C VAL D 141 10.69 3.97 -9.92
N LYS D 142 10.85 4.05 -11.23
CA LYS D 142 12.08 4.50 -11.85
C LYS D 142 11.78 5.78 -12.63
N PRO D 143 12.79 6.63 -12.84
CA PRO D 143 12.53 7.91 -13.49
C PRO D 143 12.23 7.76 -14.98
N ILE D 144 11.51 8.74 -15.50
CA ILE D 144 11.26 8.88 -16.93
C ILE D 144 12.04 10.09 -17.43
N ILE D 145 12.87 9.89 -18.45
CA ILE D 145 13.68 10.99 -18.95
C ILE D 145 13.13 11.38 -20.32
N ILE D 146 12.60 12.59 -20.42
CA ILE D 146 12.07 13.07 -21.70
C ILE D 146 13.17 13.83 -22.41
N GLY D 147 13.38 13.54 -23.69
CA GLY D 147 14.29 14.34 -24.49
C GLY D 147 13.48 15.10 -25.52
N GLN D 148 13.21 16.38 -25.25
CA GLN D 148 12.35 17.21 -26.08
C GLN D 148 13.21 17.86 -27.17
N HIS D 149 12.96 17.47 -28.42
CA HIS D 149 13.59 18.18 -29.52
C HIS D 149 13.37 19.67 -29.34
N ALA D 150 14.45 20.44 -29.35
CA ALA D 150 14.38 21.82 -28.91
C ALA D 150 14.12 22.80 -30.06
N TYR D 151 14.00 22.33 -31.29
CA TYR D 151 14.01 23.20 -32.46
C TYR D 151 12.74 23.01 -33.31
N GLY D 152 12.19 24.11 -33.82
CA GLY D 152 11.26 24.02 -34.93
C GLY D 152 9.81 23.74 -34.53
N ASP D 153 9.02 23.30 -35.51
CA ASP D 153 7.59 22.96 -35.32
C ASP D 153 6.86 24.21 -34.82
N GLN D 154 5.92 24.05 -33.87
CA GLN D 154 5.10 25.15 -33.39
C GLN D 154 5.91 26.29 -32.83
N TYR D 155 7.12 26.02 -32.33
CA TYR D 155 7.90 27.06 -31.67
C TYR D 155 8.65 27.95 -32.66
N ARG D 156 8.51 27.72 -33.97
CA ARG D 156 9.11 28.63 -34.94
C ARG D 156 8.18 28.77 -36.13
N ALA D 157 6.87 28.77 -35.86
CA ALA D 157 5.87 28.74 -36.91
C ALA D 157 5.43 30.15 -37.25
N THR D 158 4.66 30.28 -38.32
CA THR D 158 4.02 31.55 -38.63
C THR D 158 2.53 31.32 -38.77
N ASP D 159 1.74 31.96 -37.90
CA ASP D 159 0.30 31.76 -37.84
C ASP D 159 -0.39 33.10 -38.03
N PHE D 160 -1.60 33.05 -38.57
CA PHE D 160 -2.30 34.28 -38.92
C PHE D 160 -3.79 34.01 -38.99
N VAL D 161 -4.55 35.08 -38.79
CA VAL D 161 -6.00 35.07 -38.94
C VAL D 161 -6.35 35.15 -40.42
N VAL D 162 -7.30 34.33 -40.85
CA VAL D 162 -7.88 34.40 -42.18
C VAL D 162 -9.18 35.18 -42.06
N PRO D 163 -9.28 36.39 -42.60
CA PRO D 163 -10.46 37.24 -42.32
C PRO D 163 -11.73 36.78 -43.01
N GLY D 164 -11.64 35.89 -44.00
CA GLY D 164 -12.81 35.48 -44.75
C GLY D 164 -12.42 34.65 -45.95
N PRO D 165 -13.36 34.43 -46.88
CA PRO D 165 -13.14 33.48 -47.97
C PRO D 165 -11.94 33.82 -48.83
N GLY D 166 -11.25 32.78 -49.28
CA GLY D 166 -10.00 32.93 -49.99
C GLY D 166 -9.19 31.64 -49.90
N LYS D 167 -8.04 31.68 -50.56
CA LYS D 167 -7.21 30.50 -50.73
C LYS D 167 -5.96 30.60 -49.87
N VAL D 168 -5.67 29.55 -49.10
CA VAL D 168 -4.41 29.40 -48.40
C VAL D 168 -3.63 28.29 -49.11
N GLU D 169 -2.42 28.63 -49.56
CA GLU D 169 -1.50 27.70 -50.21
C GLU D 169 -0.12 27.81 -49.58
N ILE D 170 0.68 26.77 -49.74
CA ILE D 170 2.03 26.75 -49.23
C ILE D 170 2.97 26.36 -50.37
N THR D 171 4.11 27.04 -50.46
CA THR D 171 4.94 26.95 -51.64
C THR D 171 6.38 26.66 -51.25
N TYR D 172 7.02 25.80 -52.02
CA TYR D 172 8.45 25.53 -51.89
C TYR D 172 9.16 26.02 -53.14
N THR D 173 10.04 27.01 -52.99
CA THR D 173 10.84 27.47 -54.11
C THR D 173 12.26 26.94 -53.94
N PRO D 174 12.71 25.96 -54.74
CA PRO D 174 14.04 25.38 -54.52
C PRO D 174 15.15 26.39 -54.83
N SER D 175 16.20 26.34 -54.01
CA SER D 175 17.30 27.27 -54.23
C SER D 175 18.14 26.90 -55.44
N ASP D 176 17.98 25.70 -56.01
CA ASP D 176 18.78 25.36 -57.18
C ASP D 176 18.20 25.91 -58.48
N GLY D 177 17.15 26.72 -58.41
CA GLY D 177 16.54 27.32 -59.58
C GLY D 177 15.48 26.49 -60.28
N THR D 178 15.23 25.25 -59.85
CA THR D 178 14.22 24.45 -60.52
C THR D 178 12.83 24.92 -60.11
N GLN D 179 11.81 24.29 -60.68
CA GLN D 179 10.46 24.83 -60.59
C GLN D 179 9.90 24.78 -59.17
N LYS D 180 9.20 25.84 -58.79
CA LYS D 180 8.54 25.90 -57.49
C LYS D 180 7.39 24.90 -57.43
N VAL D 181 7.04 24.50 -56.21
CA VAL D 181 5.97 23.55 -55.94
C VAL D 181 4.97 24.22 -55.01
N THR D 182 3.68 24.13 -55.36
CA THR D 182 2.60 24.78 -54.63
C THR D 182 1.56 23.76 -54.20
N TYR D 183 1.22 23.76 -52.92
CA TYR D 183 0.17 22.89 -52.39
C TYR D 183 -1.01 23.73 -51.90
N LEU D 184 -2.23 23.26 -52.19
CA LEU D 184 -3.42 23.86 -51.58
C LEU D 184 -3.49 23.48 -50.11
N VAL D 185 -3.59 24.45 -49.23
CA VAL D 185 -3.83 24.17 -47.81
C VAL D 185 -5.32 24.17 -47.51
N HIS D 186 -6.03 25.23 -47.92
CA HIS D 186 -7.47 25.24 -47.74
C HIS D 186 -8.10 26.35 -48.57
N ASN D 187 -9.22 26.02 -49.21
CA ASN D 187 -10.17 27.00 -49.77
C ASN D 187 -11.18 27.35 -48.68
N PHE D 188 -11.05 28.54 -48.09
CA PHE D 188 -12.07 29.07 -47.18
C PHE D 188 -13.24 29.57 -48.01
N GLU D 189 -14.34 28.81 -48.03
CA GLU D 189 -15.53 29.18 -48.78
C GLU D 189 -16.72 29.55 -47.92
N GLU D 190 -16.62 29.41 -46.60
CA GLU D 190 -17.77 29.55 -45.72
C GLU D 190 -17.60 30.66 -44.71
N GLY D 191 -16.39 31.18 -44.54
CA GLY D 191 -16.12 32.18 -43.53
C GLY D 191 -14.62 32.35 -43.39
N GLY D 192 -14.21 32.87 -42.23
CA GLY D 192 -12.83 33.04 -41.89
C GLY D 192 -12.33 31.96 -40.95
N GLY D 193 -11.21 32.24 -40.30
CA GLY D 193 -10.57 31.20 -39.48
C GLY D 193 -9.12 31.57 -39.20
N VAL D 194 -8.28 30.55 -39.14
CA VAL D 194 -6.86 30.70 -38.87
C VAL D 194 -6.09 29.73 -39.73
N ALA D 195 -4.82 30.04 -39.96
CA ALA D 195 -3.94 29.13 -40.66
C ALA D 195 -2.53 29.34 -40.13
N MET D 196 -1.65 28.40 -40.46
CA MET D 196 -0.28 28.49 -39.97
C MET D 196 0.60 27.55 -40.78
N GLY D 197 1.86 27.95 -40.94
CA GLY D 197 2.88 27.09 -41.52
C GLY D 197 3.97 26.85 -40.49
N MET D 198 4.55 25.65 -40.54
CA MET D 198 5.64 25.33 -39.63
C MET D 198 6.58 24.37 -40.35
N TYR D 199 7.73 24.11 -39.74
CA TYR D 199 8.76 23.38 -40.46
C TYR D 199 9.72 22.74 -39.45
N ASN D 200 10.57 21.85 -39.97
CA ASN D 200 11.74 21.38 -39.24
C ASN D 200 12.80 20.98 -40.25
N GLN D 201 14.01 20.71 -39.74
CA GLN D 201 15.20 20.53 -40.54
C GLN D 201 15.77 19.14 -40.37
N ASP D 202 16.18 18.53 -41.48
CA ASP D 202 16.80 17.20 -41.46
C ASP D 202 17.97 17.16 -40.49
N LYS D 203 18.87 18.16 -40.58
CA LYS D 203 20.06 18.15 -39.73
C LYS D 203 19.72 18.20 -38.25
N SER D 204 18.73 19.03 -37.90
CA SER D 204 18.30 19.14 -36.51
C SER D 204 17.67 17.83 -36.03
N ILE D 205 16.90 17.15 -36.90
CA ILE D 205 16.30 15.87 -36.53
C ILE D 205 17.37 14.80 -36.36
N GLU D 206 18.39 14.81 -37.22
CA GLU D 206 19.51 13.89 -37.07
C GLU D 206 20.21 14.10 -35.73
N ASP D 207 20.48 15.37 -35.39
CA ASP D 207 21.10 15.67 -34.10
C ASP D 207 20.23 15.17 -32.96
N PHE D 208 18.91 15.38 -33.06
CA PHE D 208 17.96 14.93 -32.05
C PHE D 208 18.03 13.41 -31.87
N ALA D 209 18.07 12.69 -32.99
CA ALA D 209 18.18 11.24 -32.97
C ALA D 209 19.46 10.81 -32.26
N HIS D 210 20.59 11.37 -32.68
CA HIS D 210 21.88 11.00 -32.07
C HIS D 210 21.86 11.27 -30.58
N SER D 211 21.36 12.44 -30.18
CA SER D 211 21.36 12.77 -28.76
C SER D 211 20.50 11.80 -27.96
N SER D 212 19.40 11.31 -28.56
CA SER D 212 18.52 10.36 -27.89
C SER D 212 19.17 9.00 -27.76
N PHE D 213 19.79 8.51 -28.83
CA PHE D 213 20.48 7.23 -28.78
C PHE D 213 21.64 7.28 -27.79
N GLN D 214 22.37 8.40 -27.76
CA GLN D 214 23.50 8.51 -26.85
C GLN D 214 23.04 8.61 -25.39
N MET D 215 21.93 9.30 -25.12
CA MET D 215 21.39 9.33 -23.75
C MET D 215 20.96 7.95 -23.29
N ALA D 216 20.23 7.22 -24.15
CA ALA D 216 19.78 5.90 -23.76
C ALA D 216 20.97 5.01 -23.45
N LEU D 217 22.00 5.02 -24.29
CA LEU D 217 23.16 4.16 -24.03
C LEU D 217 23.90 4.59 -22.77
N SER D 218 23.96 5.89 -22.50
CA SER D 218 24.67 6.33 -21.31
C SER D 218 23.90 5.96 -20.04
N LYS D 219 22.58 5.85 -20.12
CA LYS D 219 21.79 5.46 -18.95
C LYS D 219 21.57 3.96 -18.87
N GLY D 220 21.80 3.22 -19.95
CA GLY D 220 21.44 1.82 -19.97
C GLY D 220 19.95 1.57 -19.98
N TRP D 221 19.18 2.40 -20.66
CA TRP D 221 17.73 2.32 -20.67
C TRP D 221 17.20 2.27 -22.10
N PRO D 222 16.06 1.64 -22.33
CA PRO D 222 15.47 1.65 -23.67
C PRO D 222 14.92 3.02 -24.04
N LEU D 223 14.76 3.22 -25.34
CA LEU D 223 14.37 4.51 -25.90
C LEU D 223 13.15 4.36 -26.80
N TYR D 224 12.19 5.27 -26.64
CA TYR D 224 11.03 5.35 -27.51
C TYR D 224 10.91 6.74 -28.11
N LEU D 225 10.63 6.80 -29.42
CA LEU D 225 10.30 8.04 -30.10
C LEU D 225 8.80 8.08 -30.34
N SER D 226 8.16 9.17 -29.96
CA SER D 226 6.73 9.30 -30.26
C SER D 226 6.50 10.28 -31.41
N THR D 227 5.60 9.90 -32.32
CA THR D 227 5.13 10.78 -33.38
C THR D 227 3.67 10.49 -33.70
N LYS D 228 3.10 11.28 -34.61
CA LYS D 228 1.75 11.00 -35.14
C LYS D 228 1.85 10.78 -36.64
N ASN D 229 2.71 9.83 -37.05
CA ASN D 229 2.97 9.60 -38.47
C ASN D 229 1.82 8.92 -39.19
N THR D 230 0.87 8.35 -38.45
CA THR D 230 -0.38 7.91 -39.06
C THR D 230 -1.11 9.08 -39.72
N ILE D 231 -0.98 10.28 -39.16
CA ILE D 231 -1.70 11.45 -39.66
C ILE D 231 -0.80 12.33 -40.50
N LEU D 232 0.34 12.73 -39.95
CA LEU D 232 1.34 13.52 -40.68
C LEU D 232 2.36 12.58 -41.31
N LYS D 233 1.94 11.91 -42.38
CA LYS D 233 2.74 10.81 -42.91
C LYS D 233 4.07 11.31 -43.47
N LYS D 234 4.11 12.56 -43.97
CA LYS D 234 5.37 13.09 -44.47
C LYS D 234 6.17 13.76 -43.36
N TYR D 235 5.52 14.61 -42.58
CA TYR D 235 6.22 15.43 -41.59
C TYR D 235 6.79 14.54 -40.48
N ASP D 236 5.94 13.72 -39.87
CA ASP D 236 6.38 12.84 -38.77
C ASP D 236 7.04 11.56 -39.27
N GLY D 237 6.63 11.10 -40.45
CA GLY D 237 7.36 10.02 -41.11
C GLY D 237 8.83 10.32 -41.27
N ARG D 238 9.19 11.59 -41.48
CA ARG D 238 10.60 11.93 -41.58
C ARG D 238 11.34 11.71 -40.27
N PHE D 239 10.74 12.11 -39.13
CA PHE D 239 11.32 11.82 -37.83
C PHE D 239 11.53 10.31 -37.66
N LYS D 240 10.48 9.52 -37.91
CA LYS D 240 10.56 8.07 -37.74
C LYS D 240 11.63 7.46 -38.65
N ASP D 241 11.71 7.91 -39.90
CA ASP D 241 12.70 7.34 -40.83
C ASP D 241 14.11 7.68 -40.40
N ILE D 242 14.36 8.95 -40.05
CA ILE D 242 15.71 9.36 -39.68
C ILE D 242 16.17 8.59 -38.44
N PHE D 243 15.31 8.53 -37.43
CA PHE D 243 15.65 7.77 -36.21
C PHE D 243 15.95 6.32 -36.54
N GLN D 244 15.11 5.68 -37.38
CA GLN D 244 15.31 4.24 -37.66
C GLN D 244 16.61 4.00 -38.43
N GLU D 245 16.90 4.85 -39.43
CA GLU D 245 18.13 4.70 -40.21
C GLU D 245 19.35 4.86 -39.32
N ILE D 246 19.35 5.89 -38.47
CA ILE D 246 20.49 6.10 -37.59
C ILE D 246 20.62 4.94 -36.60
N TYR D 247 19.50 4.45 -36.07
CA TYR D 247 19.55 3.30 -35.17
C TYR D 247 20.19 2.10 -35.86
N ASP D 248 19.59 1.64 -36.96
CA ASP D 248 20.10 0.47 -37.67
C ASP D 248 21.58 0.62 -38.01
N LYS D 249 22.00 1.78 -38.51
CA LYS D 249 23.35 1.85 -39.04
C LYS D 249 24.40 2.13 -37.99
N GLN D 250 24.07 2.80 -36.89
CA GLN D 250 25.10 3.28 -35.99
C GLN D 250 24.95 2.87 -34.53
N TYR D 251 23.77 2.44 -34.07
CA TYR D 251 23.56 2.21 -32.65
C TYR D 251 22.98 0.85 -32.28
N LYS D 252 22.32 0.13 -33.19
CA LYS D 252 21.57 -1.06 -32.80
C LYS D 252 22.49 -2.07 -32.11
N SER D 253 23.70 -2.22 -32.62
CA SER D 253 24.66 -3.14 -32.02
C SER D 253 24.90 -2.82 -30.55
N GLN D 254 25.17 -1.54 -30.26
CA GLN D 254 25.48 -1.13 -28.89
C GLN D 254 24.29 -1.31 -27.96
N PHE D 255 23.09 -1.00 -28.46
CA PHE D 255 21.86 -1.24 -27.70
C PHE D 255 21.73 -2.71 -27.35
N GLU D 256 21.80 -3.59 -28.35
CA GLU D 256 21.67 -5.01 -28.06
C GLU D 256 22.75 -5.49 -27.11
N ALA D 257 23.96 -4.93 -27.23
CA ALA D 257 25.02 -5.29 -26.28
C ALA D 257 24.61 -4.97 -24.86
N GLN D 258 23.84 -3.90 -24.67
CA GLN D 258 23.40 -3.55 -23.32
C GLN D 258 22.00 -4.05 -22.98
N LYS D 259 21.45 -4.97 -23.79
CA LYS D 259 20.09 -5.49 -23.61
C LYS D 259 19.03 -4.39 -23.58
N ILE D 260 19.23 -3.32 -24.35
CA ILE D 260 18.18 -2.32 -24.49
C ILE D 260 17.79 -2.26 -25.96
N TRP D 261 16.83 -1.40 -26.30
CA TRP D 261 16.28 -1.42 -27.64
C TRP D 261 15.70 -0.04 -27.93
N TYR D 262 15.38 0.21 -29.21
CA TYR D 262 14.71 1.43 -29.60
C TYR D 262 13.45 1.08 -30.39
N GLU D 263 12.35 1.81 -30.14
CA GLU D 263 11.11 1.59 -30.85
C GLU D 263 10.39 2.90 -31.05
N HIS D 264 9.83 3.08 -32.24
CA HIS D 264 8.91 4.18 -32.48
C HIS D 264 7.52 3.81 -31.96
N ARG D 265 6.82 4.80 -31.42
CA ARG D 265 5.46 4.62 -30.96
C ARG D 265 4.60 5.79 -31.41
N LEU D 266 3.37 5.49 -31.84
CA LEU D 266 2.36 6.52 -31.97
C LEU D 266 2.21 7.24 -30.64
N ILE D 267 2.08 8.58 -30.70
CA ILE D 267 2.01 9.39 -29.48
C ILE D 267 0.89 8.92 -28.55
N ASP D 268 -0.28 8.54 -29.11
CA ASP D 268 -1.41 8.05 -28.30
C ASP D 268 -1.01 6.84 -27.47
N ASP D 269 -0.43 5.85 -28.13
CA ASP D 269 -0.02 4.64 -27.43
C ASP D 269 1.10 4.96 -26.45
N MET D 270 1.97 5.91 -26.80
CA MET D 270 3.09 6.18 -25.92
C MET D 270 2.62 6.85 -24.63
N VAL D 271 1.68 7.80 -24.70
CA VAL D 271 1.24 8.43 -23.46
C VAL D 271 0.53 7.40 -22.59
N ALA D 272 -0.25 6.49 -23.21
CA ALA D 272 -0.89 5.43 -22.42
C ALA D 272 0.13 4.50 -21.75
N GLN D 273 1.10 4.02 -22.54
CA GLN D 273 2.08 3.08 -22.03
C GLN D 273 2.96 3.72 -20.96
N ALA D 274 3.33 4.99 -21.14
CA ALA D 274 4.07 5.68 -20.08
C ALA D 274 3.23 5.77 -18.81
N MET D 275 1.94 6.02 -18.94
CA MET D 275 1.10 6.11 -17.76
C MET D 275 1.10 4.80 -16.98
N LYS D 276 0.94 3.67 -17.69
CA LYS D 276 0.90 2.38 -16.99
C LYS D 276 2.26 1.73 -16.77
N SER D 277 3.36 2.41 -17.11
CA SER D 277 4.68 1.80 -17.00
C SER D 277 5.24 1.96 -15.58
N GLU D 278 6.43 1.40 -15.39
CA GLU D 278 7.16 1.59 -14.14
C GLU D 278 8.32 2.56 -14.28
N GLY D 279 8.39 3.31 -15.40
CA GLY D 279 9.50 4.20 -15.63
C GLY D 279 10.73 3.45 -16.12
N GLY D 280 11.85 4.14 -16.08
CA GLY D 280 13.09 3.53 -16.55
C GLY D 280 13.26 3.52 -18.06
N PHE D 281 12.94 4.62 -18.74
CA PHE D 281 13.18 4.72 -20.17
C PHE D 281 13.38 6.17 -20.58
N ILE D 282 13.98 6.32 -21.77
CA ILE D 282 14.14 7.58 -22.44
C ILE D 282 13.00 7.74 -23.44
N TRP D 283 12.32 8.87 -23.39
CA TRP D 283 11.18 9.20 -24.22
C TRP D 283 11.59 10.39 -25.12
N ALA D 284 12.01 10.12 -26.35
CA ALA D 284 12.28 11.16 -27.34
C ALA D 284 10.96 11.73 -27.85
N CYS D 285 10.79 13.04 -27.66
CA CYS D 285 9.57 13.75 -28.00
C CYS D 285 9.88 14.86 -29.00
N LYS D 286 9.02 15.02 -30.01
CA LYS D 286 9.04 16.26 -30.76
C LYS D 286 8.80 17.43 -29.82
N ASN D 287 9.14 18.63 -30.30
CA ASN D 287 9.15 19.85 -29.49
C ASN D 287 7.89 20.01 -28.64
N TYR D 288 6.74 20.05 -29.30
CA TYR D 288 5.50 20.32 -28.59
C TYR D 288 5.15 19.19 -27.62
N ASP D 289 5.41 17.94 -28.02
CA ASP D 289 5.05 16.83 -27.15
C ASP D 289 5.94 16.80 -25.92
N GLY D 290 7.24 17.05 -26.08
CA GLY D 290 8.11 17.10 -24.93
C GLY D 290 7.71 18.22 -24.00
N ASP D 291 7.40 19.39 -24.58
CA ASP D 291 6.94 20.51 -23.79
C ASP D 291 5.76 20.12 -22.94
N VAL D 292 4.75 19.48 -23.54
CA VAL D 292 3.49 19.23 -22.85
C VAL D 292 3.60 18.01 -21.94
N GLN D 293 4.11 16.91 -22.47
CA GLN D 293 4.18 15.68 -21.68
C GLN D 293 5.10 15.82 -20.48
N SER D 294 6.13 16.66 -20.55
CA SER D 294 6.96 16.81 -19.36
C SER D 294 6.21 17.46 -18.20
N ASP D 295 5.14 18.21 -18.47
CA ASP D 295 4.32 18.73 -17.37
C ASP D 295 3.60 17.60 -16.66
N SER D 296 3.03 16.68 -17.45
CA SER D 296 2.35 15.51 -16.90
C SER D 296 3.32 14.66 -16.08
N VAL D 297 4.49 14.36 -16.64
CA VAL D 297 5.49 13.57 -15.92
C VAL D 297 5.93 14.27 -14.63
N ALA D 298 6.29 15.56 -14.74
CA ALA D 298 6.70 16.35 -13.58
C ALA D 298 5.66 16.29 -12.47
N GLN D 299 4.41 16.63 -12.79
CA GLN D 299 3.36 16.61 -11.79
C GLN D 299 3.14 15.20 -11.23
N GLY D 300 3.24 14.17 -12.08
CA GLY D 300 2.98 12.81 -11.65
C GLY D 300 4.03 12.27 -10.69
N TYR D 301 5.26 12.78 -10.78
CA TYR D 301 6.27 12.36 -9.82
C TYR D 301 6.14 13.08 -8.48
N GLY D 302 5.33 14.13 -8.39
CA GLY D 302 4.99 14.66 -7.09
C GLY D 302 4.80 16.16 -7.06
N SER D 303 5.61 16.89 -7.83
CA SER D 303 5.61 18.34 -7.74
C SER D 303 6.09 18.91 -9.08
N LEU D 304 5.27 19.77 -9.66
CA LEU D 304 5.52 20.25 -11.02
C LEU D 304 6.88 20.93 -11.13
N GLY D 305 7.28 21.70 -10.12
CA GLY D 305 8.52 22.47 -10.22
C GLY D 305 9.79 21.67 -10.01
N MET D 306 9.68 20.45 -9.48
CA MET D 306 10.81 19.63 -9.07
C MET D 306 11.33 18.85 -10.28
N MET D 307 12.07 19.55 -11.14
CA MET D 307 12.56 18.98 -12.40
C MET D 307 13.90 19.58 -12.75
N THR D 308 14.71 18.80 -13.46
CA THR D 308 15.86 19.30 -14.18
C THR D 308 15.51 19.44 -15.66
N SER D 309 16.11 20.46 -16.29
CA SER D 309 15.90 20.81 -17.69
C SER D 309 17.25 21.24 -18.26
N VAL D 310 17.86 20.39 -19.08
CA VAL D 310 19.19 20.66 -19.59
C VAL D 310 19.18 20.52 -21.10
N LEU D 311 19.43 21.63 -21.79
CA LEU D 311 19.58 21.63 -23.24
C LEU D 311 20.96 21.09 -23.56
N VAL D 312 21.01 19.97 -24.27
CA VAL D 312 22.25 19.36 -24.73
C VAL D 312 22.38 19.68 -26.21
N CYS D 313 23.47 20.39 -26.54
CA CYS D 313 23.61 20.94 -27.88
C CYS D 313 24.25 19.94 -28.83
N PRO D 314 24.00 20.08 -30.13
CA PRO D 314 24.44 19.05 -31.07
C PRO D 314 25.95 18.93 -31.20
N ASP D 315 26.70 19.93 -30.75
CA ASP D 315 28.16 19.92 -30.84
C ASP D 315 28.81 18.95 -29.86
N GLY D 316 28.05 18.36 -28.95
CA GLY D 316 28.62 17.44 -28.00
C GLY D 316 29.38 18.08 -26.87
N LYS D 317 29.33 19.40 -26.74
CA LYS D 317 30.11 20.09 -25.71
C LYS D 317 29.40 21.27 -25.06
N THR D 318 28.40 21.89 -25.70
CA THR D 318 27.65 23.01 -25.14
C THR D 318 26.34 22.53 -24.50
N VAL D 319 26.02 23.08 -23.32
CA VAL D 319 24.75 22.83 -22.64
C VAL D 319 24.23 24.13 -22.05
N GLU D 320 22.92 24.18 -21.85
CA GLU D 320 22.28 25.22 -21.07
C GLU D 320 21.33 24.57 -20.07
N ALA D 321 21.60 24.74 -18.78
CA ALA D 321 20.69 24.26 -17.75
C ALA D 321 19.79 25.41 -17.30
N GLU D 322 18.53 25.10 -17.00
CA GLU D 322 17.61 26.17 -16.64
C GLU D 322 16.59 25.68 -15.62
N ALA D 323 15.98 26.64 -14.94
CA ALA D 323 14.80 26.35 -14.13
C ALA D 323 13.60 26.40 -15.05
N ALA D 324 12.84 25.31 -15.11
CA ALA D 324 11.74 25.26 -16.07
C ALA D 324 10.47 25.91 -15.57
N HIS D 325 10.29 26.11 -14.26
CA HIS D 325 9.04 26.65 -13.76
C HIS D 325 9.01 28.17 -13.97
N GLY D 326 8.04 28.85 -13.37
CA GLY D 326 7.84 30.26 -13.58
C GLY D 326 8.44 31.14 -12.49
N THR D 327 8.16 32.45 -12.60
CA THR D 327 8.81 33.45 -11.78
C THR D 327 8.14 33.67 -10.44
N VAL D 328 7.05 32.93 -10.14
CA VAL D 328 6.33 32.97 -8.87
C VAL D 328 5.88 34.40 -8.55
N THR D 329 5.00 34.95 -9.39
CA THR D 329 4.61 36.35 -9.27
C THR D 329 4.03 36.68 -7.89
N ARG D 330 3.15 35.82 -7.36
CA ARG D 330 2.51 36.10 -6.07
C ARG D 330 3.54 36.27 -4.96
N HIS D 331 4.52 35.38 -4.91
CA HIS D 331 5.57 35.51 -3.91
C HIS D 331 6.38 36.78 -4.14
N TYR D 332 6.64 37.14 -5.40
CA TYR D 332 7.36 38.39 -5.66
C TYR D 332 6.60 39.58 -5.10
N ARG D 333 5.27 39.59 -5.27
CA ARG D 333 4.50 40.75 -4.81
C ARG D 333 4.42 40.79 -3.28
N MET D 334 4.41 39.62 -2.62
CA MET D 334 4.55 39.63 -1.16
C MET D 334 5.93 40.16 -0.77
N TYR D 335 6.98 39.69 -1.44
CA TYR D 335 8.34 40.12 -1.12
C TYR D 335 8.50 41.63 -1.24
N GLN D 336 7.99 42.21 -2.35
CA GLN D 336 8.11 43.64 -2.58
C GLN D 336 7.47 44.43 -1.45
N LYS D 337 6.40 43.91 -0.86
CA LYS D 337 5.74 44.52 0.29
C LYS D 337 6.31 44.03 1.62
N GLY D 338 7.45 43.33 1.60
CA GLY D 338 8.12 42.95 2.83
C GLY D 338 7.50 41.82 3.61
N GLN D 339 6.56 41.08 3.02
CA GLN D 339 5.90 39.97 3.69
C GLN D 339 6.67 38.67 3.50
N GLU D 340 6.51 37.77 4.46
CA GLU D 340 7.15 36.47 4.41
C GLU D 340 6.65 35.66 3.21
N THR D 341 7.57 34.96 2.55
CA THR D 341 7.25 34.00 1.50
C THR D 341 7.94 32.68 1.79
N SER D 342 7.56 31.65 1.04
CA SER D 342 8.20 30.35 1.14
C SER D 342 8.36 29.81 -0.29
N THR D 343 9.40 30.28 -0.97
CA THR D 343 9.65 29.94 -2.37
C THR D 343 10.62 28.78 -2.46
N ASN D 344 10.24 27.75 -3.20
CA ASN D 344 11.06 26.57 -3.41
C ASN D 344 12.18 26.87 -4.39
N PRO D 345 13.45 26.72 -4.00
CA PRO D 345 14.57 27.10 -4.89
C PRO D 345 15.23 25.94 -5.62
N ILE D 346 14.73 24.71 -5.45
CA ILE D 346 15.46 23.51 -5.88
C ILE D 346 15.73 23.55 -7.38
N ALA D 347 14.72 23.89 -8.19
CA ALA D 347 14.93 23.84 -9.64
C ALA D 347 15.99 24.85 -10.07
N SER D 348 15.98 26.05 -9.45
CA SER D 348 17.02 27.03 -9.75
C SER D 348 18.38 26.54 -9.31
N ILE D 349 18.43 25.88 -8.15
CA ILE D 349 19.70 25.36 -7.67
C ILE D 349 20.23 24.32 -8.63
N PHE D 350 19.36 23.45 -9.13
CA PHE D 350 19.81 22.35 -9.97
C PHE D 350 20.18 22.84 -11.36
N ALA D 351 19.59 23.96 -11.81
CA ALA D 351 20.16 24.65 -12.97
C ALA D 351 21.62 24.95 -12.72
N TRP D 352 21.92 25.55 -11.55
CA TRP D 352 23.31 25.89 -11.25
C TRP D 352 24.19 24.64 -11.18
N THR D 353 23.72 23.59 -10.51
CA THR D 353 24.57 22.41 -10.32
C THR D 353 24.73 21.59 -11.59
N ARG D 354 23.70 21.51 -12.45
CA ARG D 354 23.86 20.78 -13.69
C ARG D 354 24.81 21.52 -14.62
N GLY D 355 24.66 22.85 -14.70
CA GLY D 355 25.63 23.62 -15.47
C GLY D 355 27.05 23.45 -14.95
N LEU D 356 27.22 23.50 -13.63
CA LEU D 356 28.55 23.38 -13.05
C LEU D 356 29.13 21.99 -13.28
N ALA D 357 28.29 20.96 -13.22
CA ALA D 357 28.76 19.61 -13.50
C ALA D 357 29.23 19.49 -14.95
N HIS D 358 28.52 20.13 -15.89
CA HIS D 358 29.00 20.05 -17.26
C HIS D 358 30.29 20.83 -17.44
N ARG D 359 30.38 22.01 -16.81
CA ARG D 359 31.63 22.76 -16.81
C ARG D 359 32.79 21.92 -16.25
N ALA D 360 32.55 21.20 -15.16
CA ALA D 360 33.60 20.38 -14.57
C ALA D 360 34.00 19.25 -15.49
N LYS D 361 33.03 18.60 -16.14
CA LYS D 361 33.36 17.60 -17.16
C LYS D 361 34.25 18.20 -18.24
N LEU D 362 33.83 19.33 -18.82
CA LEU D 362 34.60 19.97 -19.88
C LEU D 362 36.03 20.31 -19.43
N ASP D 363 36.22 20.68 -18.17
CA ASP D 363 37.54 21.14 -17.74
C ASP D 363 38.32 20.08 -16.96
N ASN D 364 37.79 18.86 -16.82
CA ASN D 364 38.47 17.81 -16.03
C ASN D 364 38.78 18.32 -14.62
N ASN D 365 37.77 18.86 -13.97
CA ASN D 365 37.90 19.57 -12.70
C ASN D 365 37.15 18.74 -11.66
N LYS D 366 37.89 17.90 -10.93
CA LYS D 366 37.28 17.01 -9.95
C LYS D 366 36.62 17.76 -8.81
N GLU D 367 37.26 18.82 -8.31
CA GLU D 367 36.69 19.62 -7.24
C GLU D 367 35.31 20.15 -7.61
N LEU D 368 35.19 20.72 -8.82
CA LEU D 368 33.93 21.34 -9.21
C LEU D 368 32.83 20.31 -9.37
N ALA D 369 33.16 19.14 -9.96
CA ALA D 369 32.17 18.07 -10.10
C ALA D 369 31.70 17.58 -8.73
N PHE D 370 32.65 17.39 -7.80
CA PHE D 370 32.28 16.95 -6.46
C PHE D 370 31.39 17.98 -5.78
N PHE D 371 31.73 19.27 -5.90
CA PHE D 371 30.89 20.30 -5.30
C PHE D 371 29.47 20.25 -5.87
N ALA D 372 29.36 20.16 -7.20
CA ALA D 372 28.03 20.19 -7.83
C ALA D 372 27.17 19.06 -7.32
N ASN D 373 27.75 17.84 -7.29
CA ASN D 373 27.01 16.70 -6.77
C ASN D 373 26.65 16.89 -5.31
N ALA D 374 27.57 17.44 -4.51
CA ALA D 374 27.34 17.60 -3.08
C ALA D 374 26.19 18.58 -2.82
N LEU D 375 26.13 19.66 -3.59
CA LEU D 375 25.01 20.60 -3.43
C LEU D 375 23.69 19.94 -3.78
N GLU D 376 23.67 19.12 -4.84
CA GLU D 376 22.43 18.39 -5.17
C GLU D 376 22.04 17.43 -4.04
N GLU D 377 23.01 16.67 -3.54
CA GLU D 377 22.77 15.78 -2.40
C GLU D 377 22.24 16.55 -1.20
N VAL D 378 22.86 17.69 -0.88
CA VAL D 378 22.46 18.47 0.28
C VAL D 378 21.01 18.90 0.15
N SER D 379 20.60 19.28 -1.07
CA SER D 379 19.21 19.68 -1.28
C SER D 379 18.25 18.52 -1.03
N ILE D 380 18.53 17.36 -1.64
CA ILE D 380 17.64 16.21 -1.44
C ILE D 380 17.58 15.83 0.03
N GLU D 381 18.73 15.82 0.71
CA GLU D 381 18.79 15.35 2.09
C GLU D 381 18.06 16.29 3.02
N THR D 382 18.27 17.60 2.84
CA THR D 382 17.56 18.59 3.63
C THR D 382 16.05 18.38 3.54
N ILE D 383 15.53 18.24 2.31
CA ILE D 383 14.09 18.03 2.19
C ILE D 383 13.67 16.71 2.84
N GLU D 384 14.42 15.63 2.60
CA GLU D 384 14.06 14.32 3.15
C GLU D 384 14.18 14.29 4.67
N ALA D 385 14.94 15.21 5.25
CA ALA D 385 15.07 15.32 6.70
C ALA D 385 13.92 16.08 7.35
N GLY D 386 12.96 16.57 6.56
CA GLY D 386 11.82 17.28 7.10
C GLY D 386 11.89 18.78 7.04
N PHE D 387 12.89 19.35 6.37
CA PHE D 387 13.03 20.79 6.21
C PHE D 387 12.73 21.14 4.75
N MET D 388 11.61 21.82 4.51
CA MET D 388 11.20 22.08 3.14
C MET D 388 10.31 23.32 3.11
N THR D 389 10.11 23.85 1.91
CA THR D 389 9.24 25.00 1.73
C THR D 389 7.78 24.54 1.71
N LYS D 390 6.87 25.52 1.80
CA LYS D 390 5.46 25.23 2.03
C LYS D 390 4.86 24.34 0.94
N ASP D 391 5.25 24.55 -0.32
CA ASP D 391 4.67 23.77 -1.41
C ASP D 391 4.95 22.27 -1.24
N LEU D 392 6.18 21.93 -0.83
CA LEU D 392 6.47 20.51 -0.60
C LEU D 392 5.75 19.99 0.63
N ALA D 393 5.66 20.83 1.67
CA ALA D 393 4.88 20.44 2.86
C ALA D 393 3.47 20.08 2.46
N ALA D 394 2.90 20.85 1.52
CA ALA D 394 1.54 20.57 1.07
C ALA D 394 1.48 19.27 0.28
N CYS D 395 2.51 19.00 -0.53
CA CYS D 395 2.60 17.70 -1.17
C CYS D 395 2.47 16.57 -0.16
N ILE D 396 3.11 16.71 1.00
CA ILE D 396 3.02 15.64 1.99
C ILE D 396 1.66 15.63 2.68
N LYS D 397 1.20 16.79 3.13
CA LYS D 397 0.10 16.91 4.07
C LYS D 397 -1.22 17.35 3.45
N GLY D 398 -1.22 17.83 2.22
CA GLY D 398 -2.41 18.49 1.70
C GLY D 398 -2.51 19.90 2.23
N LEU D 399 -2.63 20.85 1.31
CA LEU D 399 -2.59 22.27 1.66
C LEU D 399 -3.53 22.67 2.80
N PRO D 400 -4.77 22.19 2.90
CA PRO D 400 -5.62 22.59 4.03
C PRO D 400 -5.05 22.27 5.40
N ASN D 401 -4.14 21.32 5.52
CA ASN D 401 -3.61 20.91 6.82
C ASN D 401 -2.19 21.41 7.08
N VAL D 402 -1.63 22.21 6.18
CA VAL D 402 -0.29 22.76 6.39
C VAL D 402 -0.38 23.95 7.33
N GLN D 403 0.49 23.98 8.33
CA GLN D 403 0.61 25.10 9.24
C GLN D 403 2.04 25.60 9.23
N ARG D 404 2.23 26.78 9.83
CA ARG D 404 3.52 27.47 9.76
C ARG D 404 4.67 26.59 10.22
N SER D 405 4.43 25.71 11.20
CA SER D 405 5.49 24.86 11.72
C SER D 405 5.76 23.65 10.82
N ASP D 406 5.06 23.53 9.69
CA ASP D 406 5.31 22.44 8.77
C ASP D 406 6.39 22.77 7.74
N TYR D 407 6.84 24.01 7.63
CA TYR D 407 7.76 24.39 6.58
C TYR D 407 8.71 25.48 7.07
N LEU D 408 9.65 25.84 6.20
CA LEU D 408 10.55 26.97 6.37
C LEU D 408 10.24 28.03 5.34
N ASN D 409 10.47 29.29 5.69
CA ASN D 409 10.28 30.35 4.70
C ASN D 409 11.48 30.38 3.74
N THR D 410 11.42 31.28 2.76
CA THR D 410 12.44 31.34 1.71
C THR D 410 13.85 31.42 2.29
N PHE D 411 14.06 32.40 3.18
CA PHE D 411 15.39 32.61 3.74
C PHE D 411 15.76 31.53 4.75
N GLU D 412 14.80 31.04 5.53
CA GLU D 412 15.08 29.95 6.46
C GLU D 412 15.50 28.70 5.73
N PHE D 413 14.82 28.38 4.62
CA PHE D 413 15.23 27.23 3.83
C PHE D 413 16.60 27.44 3.23
N MET D 414 16.85 28.62 2.64
CA MET D 414 18.17 28.84 2.05
C MET D 414 19.27 28.76 3.11
N ASP D 415 19.01 29.26 4.33
CA ASP D 415 19.99 29.16 5.40
C ASP D 415 20.23 27.72 5.80
N LYS D 416 19.17 26.91 5.90
CA LYS D 416 19.35 25.49 6.27
C LYS D 416 20.15 24.74 5.22
N LEU D 417 19.87 25.03 3.93
CA LEU D 417 20.70 24.48 2.86
C LEU D 417 22.14 24.91 3.03
N GLY D 418 22.36 26.19 3.36
CA GLY D 418 23.72 26.67 3.58
C GLY D 418 24.45 25.93 4.69
N GLU D 419 23.75 25.69 5.81
CA GLU D 419 24.40 24.99 6.93
C GLU D 419 24.75 23.58 6.53
N ASN D 420 23.80 22.87 5.92
CA ASN D 420 24.06 21.47 5.52
C ASN D 420 25.12 21.39 4.45
N LEU D 421 25.23 22.39 3.58
CA LEU D 421 26.30 22.40 2.58
C LEU D 421 27.65 22.63 3.23
N LYS D 422 27.74 23.60 4.16
CA LYS D 422 28.99 23.82 4.88
C LYS D 422 29.45 22.55 5.58
N ILE D 423 28.51 21.87 6.27
CA ILE D 423 28.86 20.65 6.99
C ILE D 423 29.29 19.54 6.02
N LYS D 424 28.55 19.36 4.92
CA LYS D 424 28.88 18.32 3.95
C LYS D 424 30.26 18.55 3.35
N LEU D 425 30.55 19.79 2.96
CA LEU D 425 31.83 20.09 2.36
C LEU D 425 32.97 19.92 3.36
N ALA D 426 32.77 20.37 4.61
CA ALA D 426 33.82 20.21 5.62
C ALA D 426 34.09 18.74 5.88
N GLN D 427 33.04 17.94 6.01
CA GLN D 427 33.21 16.50 6.25
C GLN D 427 34.12 15.87 5.20
N ALA D 428 33.99 16.28 3.94
CA ALA D 428 34.80 15.71 2.87
C ALA D 428 36.27 16.11 2.98
#